data_8XYE
#
_entry.id   8XYE
#
_cell.length_a   84.468
_cell.length_b   165.822
_cell.length_c   98.981
_cell.angle_alpha   90.00
_cell.angle_beta   102.18
_cell.angle_gamma   90.00
#
_symmetry.space_group_name_H-M   'P 1 21 1'
#
loop_
_entity.id
_entity.type
_entity.pdbx_description
1 polymer 'Processed angiotensin-converting enzyme 2'
2 polymer 'Spike protein S1'
3 branched beta-D-mannopyranose-(1-4)-2-acetamido-2-deoxy-beta-D-glucopyranose-(1-4)-2-acetamido-2-deoxy-beta-D-glucopyranose
4 branched 2-acetamido-2-deoxy-beta-D-glucopyranose-(1-4)-2-acetamido-2-deoxy-beta-D-glucopyranose
5 non-polymer 2-acetamido-2-deoxy-beta-D-glucopyranose
#
loop_
_entity_poly.entity_id
_entity_poly.type
_entity_poly.pdbx_seq_one_letter_code
_entity_poly.pdbx_strand_id
1 'polypeptide(L)'
;DPSTIEEQAKTFLDKFNHEAEDLFYQSSLASWNYNTNITEENVQNMNNAGDKWSAFLKEQSTLAQMYPLQEIQNLTVKLQ
LQALQQNGSSVLSEDKSKRLNTILNTMSTIYSTGKVCNPDNPQECLLLEPGLNEIMANSLDYNERLWAWESWRSEVGKQL
RPLYEEYVVLKNEMARANHYEDYGDYWRGDYEVNGVDGYDYSRGQLIEDVEHTFEEIKPLYEHLHAYVRAKLMNAYPSYI
SPIGCLPAHLLGDMWGRFWTNLYSLTVPFGQKPNIDVTDAMVDQAWDAQRIFKEAEKFFVSVGLPNMTQGFWENSMLTDP
GNVQKAVCHPTAWDLGKGDFRILMCTKVTMDDFLTAHHEMGHIQYDMAYAAQPFLLRNGANEGFHEAVGEIMSLSAATPK
HLKSIGLLSPDFQEDNETEINFLLKQALTIVGTLPFTYMLEKWRWMVFKGEIPKDQWMKKWWEMKREIVGVVEPVPHDET
YCDPASLFHVSNDYSFIRYYTRTLYQFQFQEALCQAAKHEGPLHKCDISNSTEAGQKLFNMLRLGKSEPWTLALENVVGA
KNMNVRPLLNYFEPLFTWLKDQNKNSFVGWSTDWSPYA
;
B,A
2 'polypeptide(L)'
;TNLCPFDEVFNATRFASVYAWNRKRISNCVADYSVLYNFAPFFTFKCYGVSPTKLNDLCFTNVYADSFVIRGNEVSQIAP
GQTGNIADYNYKLPDDFTGCVIAWNSNKLDSKVGGNYNYRYRLFRKSNLKPFERDISTEIYQAGNKPCNGVAGVNCYFPL
QSYGFRPTYGVGHQPYRVVVLSFELLHAPATVCG
;
C,D
#
# COMPACT_ATOMS: atom_id res chain seq x y z
N ASP A 1 -22.10 24.33 22.16
CA ASP A 1 -20.77 24.02 21.56
C ASP A 1 -20.93 23.76 20.07
N PRO A 2 -21.52 24.69 19.28
CA PRO A 2 -21.57 24.51 17.84
C PRO A 2 -20.23 25.01 17.28
N SER A 3 -20.00 24.83 15.97
CA SER A 3 -18.73 25.25 15.35
C SER A 3 -18.88 26.67 14.80
N THR A 4 -17.84 27.50 14.97
CA THR A 4 -17.87 28.88 14.45
C THR A 4 -17.24 28.84 13.06
N ILE A 5 -17.62 29.79 12.22
CA ILE A 5 -17.12 29.74 10.84
C ILE A 5 -15.60 29.65 10.85
N GLU A 6 -14.98 30.32 11.82
CA GLU A 6 -13.52 30.31 11.90
C GLU A 6 -12.96 28.93 12.29
N GLU A 7 -13.65 28.21 13.15
CA GLU A 7 -13.19 26.88 13.52
C GLU A 7 -13.20 25.94 12.32
N GLN A 8 -14.32 25.92 11.60
CA GLN A 8 -14.40 25.16 10.38
C GLN A 8 -13.25 25.52 9.44
N ALA A 9 -12.93 26.81 9.37
CA ALA A 9 -11.93 27.27 8.41
C ALA A 9 -10.52 26.85 8.83
N LYS A 10 -10.28 26.79 10.14
CA LYS A 10 -8.99 26.27 10.59
C LYS A 10 -8.81 24.80 10.21
N THR A 11 -9.80 23.97 10.56
CA THR A 11 -9.72 22.56 10.19
C THR A 11 -9.57 22.42 8.67
N PHE A 12 -10.33 23.22 7.92
CA PHE A 12 -10.25 23.21 6.46
C PHE A 12 -8.82 23.40 6.01
N LEU A 13 -8.18 24.46 6.50
CA LEU A 13 -6.81 24.79 6.13
C LEU A 13 -5.83 23.75 6.61
N ASP A 14 -6.21 23.03 7.65
CA ASP A 14 -5.36 22.00 8.22
C ASP A 14 -5.24 20.84 7.23
N LYS A 15 -6.38 20.24 6.87
CA LYS A 15 -6.42 19.26 5.78
C LYS A 15 -5.77 19.79 4.49
N PHE A 16 -5.98 21.07 4.19
CA PHE A 16 -5.41 21.63 2.96
C PHE A 16 -3.89 21.69 3.00
N ASN A 17 -3.29 22.06 4.14
CA ASN A 17 -1.83 22.16 4.18
C ASN A 17 -1.14 20.82 3.91
N HIS A 18 -1.77 19.71 4.30
CA HIS A 18 -1.04 18.48 4.03
C HIS A 18 -1.27 17.98 2.61
N GLU A 19 -2.54 17.94 2.16
CA GLU A 19 -2.78 17.67 0.76
C GLU A 19 -1.86 18.52 -0.14
N ALA A 20 -1.68 19.79 0.26
CA ALA A 20 -0.93 20.73 -0.53
C ALA A 20 0.56 20.43 -0.53
N GLU A 21 1.17 20.24 0.65
CA GLU A 21 2.61 19.97 0.62
C GLU A 21 2.91 18.75 -0.21
N ASP A 22 2.04 17.73 -0.16
CA ASP A 22 2.32 16.57 -1.00
C ASP A 22 2.23 16.90 -2.48
N LEU A 23 1.12 17.53 -2.92
CA LEU A 23 0.96 17.78 -4.36
C LEU A 23 2.01 18.75 -4.91
N PHE A 24 2.39 19.72 -4.09
CA PHE A 24 3.41 20.68 -4.47
C PHE A 24 4.77 20.01 -4.55
N TYR A 25 5.05 19.04 -3.67
CA TYR A 25 6.31 18.30 -3.77
C TYR A 25 6.31 17.47 -5.05
N GLN A 26 5.15 16.93 -5.42
CA GLN A 26 4.99 16.25 -6.72
C GLN A 26 5.45 17.17 -7.85
N SER A 27 4.79 18.33 -7.95
CA SER A 27 5.07 19.26 -9.04
C SER A 27 6.51 19.73 -9.04
N SER A 28 7.06 20.01 -7.87
CA SER A 28 8.37 20.62 -7.85
C SER A 28 9.47 19.60 -8.09
N LEU A 29 9.30 18.36 -7.65
CA LEU A 29 10.29 17.36 -8.03
C LEU A 29 10.20 17.11 -9.53
N ALA A 30 8.98 17.05 -10.07
CA ALA A 30 8.85 16.92 -11.52
C ALA A 30 9.60 18.05 -12.24
N SER A 31 9.44 19.28 -11.77
CA SER A 31 10.05 20.42 -12.44
C SER A 31 11.58 20.38 -12.33
N TRP A 32 12.11 20.09 -11.14
CA TRP A 32 13.56 19.97 -11.00
C TRP A 32 14.10 18.89 -11.92
N ASN A 33 13.38 17.77 -12.06
CA ASN A 33 13.85 16.70 -12.94
C ASN A 33 13.79 17.11 -14.41
N TYR A 34 12.90 18.04 -14.76
CA TYR A 34 12.93 18.56 -16.13
C TYR A 34 14.06 19.59 -16.34
N ASN A 35 14.28 20.48 -15.37
CA ASN A 35 15.26 21.55 -15.49
C ASN A 35 16.69 21.10 -15.25
N THR A 36 16.91 19.85 -14.86
CA THR A 36 18.24 19.30 -14.68
C THR A 36 18.53 18.17 -15.65
N ASN A 37 17.53 17.71 -16.39
CA ASN A 37 17.69 16.52 -17.26
C ASN A 37 16.54 16.61 -18.24
N ILE A 38 16.71 17.43 -19.26
CA ILE A 38 15.61 17.70 -20.22
C ILE A 38 15.41 16.47 -21.10
N THR A 39 14.35 15.72 -20.85
CA THR A 39 13.97 14.58 -21.70
C THR A 39 12.51 14.79 -22.06
N GLU A 40 12.11 14.66 -23.32
CA GLU A 40 10.65 14.80 -23.57
C GLU A 40 9.97 14.01 -22.46
N GLU A 41 10.55 12.86 -22.08
CA GLU A 41 9.92 12.16 -20.96
C GLU A 41 9.70 13.09 -19.76
N ASN A 42 10.73 13.88 -19.41
CA ASN A 42 10.61 14.66 -18.19
C ASN A 42 9.77 15.93 -18.41
N VAL A 43 9.69 16.42 -19.66
CA VAL A 43 8.67 17.39 -20.04
C VAL A 43 7.28 16.84 -19.72
N GLN A 44 7.05 15.60 -20.15
CA GLN A 44 5.74 15.00 -19.94
C GLN A 44 5.43 14.91 -18.45
N ASN A 45 6.41 14.48 -17.64
CA ASN A 45 6.16 14.34 -16.21
C ASN A 45 5.93 15.70 -15.53
N MET A 46 6.73 16.70 -15.87
CA MET A 46 6.52 18.03 -15.31
C MET A 46 5.11 18.54 -15.62
N ASN A 47 4.67 18.38 -16.86
CA ASN A 47 3.33 18.86 -17.22
C ASN A 47 2.24 18.10 -16.46
N ASN A 48 2.33 16.76 -16.34
CA ASN A 48 1.30 16.00 -15.62
C ASN A 48 1.23 16.36 -14.13
N ALA A 49 2.39 16.58 -13.52
CA ALA A 49 2.43 16.95 -12.10
C ALA A 49 1.91 18.37 -11.87
N GLY A 50 2.39 19.32 -12.69
CA GLY A 50 1.85 20.66 -12.66
C GLY A 50 0.34 20.68 -12.86
N ASP A 51 -0.16 19.88 -13.80
CA ASP A 51 -1.59 19.81 -14.03
C ASP A 51 -2.34 19.40 -12.78
N LYS A 52 -1.94 18.28 -12.16
CA LYS A 52 -2.68 17.82 -10.96
C LYS A 52 -2.69 18.90 -9.87
N TRP A 53 -1.56 19.58 -9.70
CA TRP A 53 -1.46 20.64 -8.70
C TRP A 53 -2.35 21.84 -9.03
N SER A 54 -2.36 22.28 -10.29
CA SER A 54 -3.29 23.33 -10.70
C SER A 54 -4.72 22.95 -10.38
N ALA A 55 -5.11 21.71 -10.72
CA ALA A 55 -6.49 21.25 -10.55
C ALA A 55 -6.88 21.17 -9.08
N PHE A 56 -5.92 20.78 -8.23
CA PHE A 56 -6.13 20.80 -6.78
C PHE A 56 -6.27 22.21 -6.24
N LEU A 57 -5.44 23.15 -6.70
CA LEU A 57 -5.63 24.53 -6.27
C LEU A 57 -7.01 25.03 -6.64
N LYS A 58 -7.39 24.85 -7.91
CA LYS A 58 -8.73 25.30 -8.32
C LYS A 58 -9.79 24.67 -7.45
N GLU A 59 -9.61 23.40 -7.10
CA GLU A 59 -10.66 22.72 -6.35
C GLU A 59 -10.72 23.18 -4.89
N GLN A 60 -9.58 23.42 -4.25
CA GLN A 60 -9.63 23.90 -2.89
C GLN A 60 -10.03 25.36 -2.84
N SER A 61 -9.64 26.14 -3.85
CA SER A 61 -10.14 27.51 -3.96
C SER A 61 -11.65 27.49 -3.93
N THR A 62 -12.28 26.76 -4.86
CA THR A 62 -13.74 26.71 -4.89
C THR A 62 -14.30 26.18 -3.58
N LEU A 63 -13.55 25.33 -2.87
CA LEU A 63 -14.02 24.86 -1.58
C LEU A 63 -13.91 25.91 -0.51
N ALA A 64 -12.94 26.81 -0.64
CA ALA A 64 -12.66 27.74 0.48
C ALA A 64 -13.49 29.00 0.43
N GLN A 65 -14.14 29.25 -0.71
CA GLN A 65 -14.96 30.48 -0.88
C GLN A 65 -16.28 30.23 -0.16
N MET A 66 -16.33 29.17 0.65
CA MET A 66 -17.54 28.84 1.44
C MET A 66 -17.29 29.19 2.90
N TYR A 67 -16.18 29.85 3.16
CA TYR A 67 -15.95 30.28 4.55
C TYR A 67 -15.61 31.76 4.49
N PRO A 68 -16.51 32.65 4.88
CA PRO A 68 -16.40 34.06 4.48
C PRO A 68 -15.47 34.87 5.38
N LEU A 69 -14.47 35.52 4.77
CA LEU A 69 -13.49 36.31 5.53
C LEU A 69 -14.16 37.29 6.47
N GLN A 70 -15.35 37.73 6.12
CA GLN A 70 -16.05 38.72 6.93
C GLN A 70 -16.25 38.19 8.35
N GLU A 71 -16.52 36.89 8.49
CA GLU A 71 -16.77 36.26 9.77
C GLU A 71 -15.52 35.61 10.37
N ILE A 72 -14.34 36.10 10.03
CA ILE A 72 -13.09 35.51 10.48
C ILE A 72 -12.22 36.59 11.09
N GLN A 73 -11.80 36.36 12.32
CA GLN A 73 -11.05 37.33 13.10
C GLN A 73 -9.80 36.67 13.60
N ASN A 74 -8.88 36.41 12.68
CA ASN A 74 -7.56 35.78 12.97
C ASN A 74 -6.74 36.12 11.75
N LEU A 75 -5.82 37.07 11.88
CA LEU A 75 -5.11 37.54 10.68
C LEU A 75 -4.37 36.38 9.99
N THR A 76 -3.79 35.42 10.71
CA THR A 76 -3.06 34.36 9.96
C THR A 76 -4.08 33.59 9.11
N VAL A 77 -5.19 33.19 9.72
CA VAL A 77 -6.23 32.43 8.99
C VAL A 77 -6.73 33.30 7.84
N LYS A 78 -7.22 34.50 8.16
CA LYS A 78 -7.73 35.39 7.13
C LYS A 78 -6.74 35.52 5.97
N LEU A 79 -5.44 35.56 6.27
CA LEU A 79 -4.47 35.61 5.20
C LEU A 79 -4.53 34.38 4.34
N GLN A 80 -4.61 33.21 4.97
CA GLN A 80 -4.61 32.02 4.14
C GLN A 80 -5.89 31.90 3.35
N LEU A 81 -7.01 32.28 3.96
CA LEU A 81 -8.28 32.10 3.28
C LEU A 81 -8.40 33.06 2.11
N GLN A 82 -7.89 34.29 2.29
CA GLN A 82 -7.85 35.25 1.20
C GLN A 82 -6.90 34.82 0.10
N ALA A 83 -5.75 34.25 0.47
CA ALA A 83 -4.86 33.71 -0.54
C ALA A 83 -5.54 32.58 -1.29
N LEU A 84 -6.36 31.81 -0.61
CA LEU A 84 -6.87 30.61 -1.24
C LEU A 84 -8.06 30.93 -2.10
N GLN A 85 -8.75 32.03 -1.80
CA GLN A 85 -10.05 32.34 -2.46
C GLN A 85 -9.88 33.20 -3.72
N GLN A 86 -8.67 33.65 -4.04
CA GLN A 86 -8.51 34.39 -5.31
C GLN A 86 -8.89 33.42 -6.42
N ASN A 87 -9.98 33.67 -7.15
CA ASN A 87 -10.26 32.75 -8.27
C ASN A 87 -9.52 33.19 -9.53
N GLY A 88 -8.82 34.32 -9.47
CA GLY A 88 -8.03 34.71 -10.62
C GLY A 88 -8.62 34.37 -11.97
N SER A 89 -7.83 33.69 -12.81
CA SER A 89 -8.22 33.55 -14.20
C SER A 89 -9.54 32.82 -14.38
N SER A 90 -10.04 32.14 -13.35
CA SER A 90 -11.27 31.37 -13.45
C SER A 90 -12.52 32.23 -13.38
N VAL A 91 -12.40 33.47 -12.93
CA VAL A 91 -13.60 34.28 -12.81
C VAL A 91 -14.11 34.69 -14.16
N LEU A 92 -13.29 34.58 -15.19
CA LEU A 92 -13.67 34.75 -16.59
C LEU A 92 -14.47 33.54 -17.06
N SER A 93 -15.15 33.72 -18.18
CA SER A 93 -15.86 32.60 -18.80
C SER A 93 -14.86 31.75 -19.56
N GLU A 94 -15.26 30.50 -19.83
CA GLU A 94 -14.29 29.52 -20.33
C GLU A 94 -13.76 29.91 -21.70
N ASP A 95 -14.64 30.30 -22.59
CA ASP A 95 -14.19 30.75 -23.90
C ASP A 95 -13.15 31.87 -23.78
N LYS A 96 -13.44 32.90 -22.96
CA LYS A 96 -12.54 34.04 -22.82
C LYS A 96 -11.22 33.63 -22.16
N SER A 97 -11.24 32.70 -21.19
CA SER A 97 -10.01 32.33 -20.47
C SER A 97 -9.10 31.47 -21.34
N LYS A 98 -9.70 30.57 -22.10
CA LYS A 98 -9.00 29.91 -23.20
C LYS A 98 -8.32 30.92 -24.13
N ARG A 99 -9.07 31.93 -24.60
CA ARG A 99 -8.47 32.95 -25.47
C ARG A 99 -7.25 33.58 -24.81
N LEU A 100 -7.44 34.15 -23.62
CA LEU A 100 -6.36 34.78 -22.84
C LEU A 100 -5.10 33.95 -22.80
N ASN A 101 -5.23 32.67 -22.49
CA ASN A 101 -4.05 31.81 -22.40
C ASN A 101 -3.39 31.62 -23.76
N THR A 102 -4.20 31.43 -24.81
CA THR A 102 -3.62 31.29 -26.14
C THR A 102 -2.79 32.51 -26.47
N ILE A 103 -3.28 33.68 -26.09
CA ILE A 103 -2.59 34.93 -26.38
C ILE A 103 -1.30 35.04 -25.56
N LEU A 104 -1.38 34.85 -24.24
CA LEU A 104 -0.18 34.89 -23.39
C LEU A 104 0.92 34.01 -23.95
N ASN A 105 0.54 32.80 -24.35
CA ASN A 105 1.52 31.85 -24.84
C ASN A 105 2.07 32.27 -26.18
N THR A 106 1.19 32.76 -27.06
CA THR A 106 1.64 33.20 -28.37
C THR A 106 2.69 34.29 -28.25
N MET A 107 2.40 35.32 -27.43
CA MET A 107 3.38 36.36 -27.13
C MET A 107 4.69 35.80 -26.61
N SER A 108 4.62 34.82 -25.70
CA SER A 108 5.87 34.39 -25.08
C SER A 108 6.74 33.64 -26.07
N THR A 109 6.13 32.82 -26.92
CA THR A 109 6.92 32.16 -27.95
C THR A 109 7.35 33.15 -29.04
N ILE A 110 6.53 34.17 -29.36
CA ILE A 110 6.96 35.17 -30.32
C ILE A 110 8.21 35.86 -29.83
N TYR A 111 8.28 36.11 -28.52
CA TYR A 111 9.47 36.75 -27.96
C TYR A 111 10.67 35.83 -27.99
N SER A 112 10.48 34.59 -27.54
CA SER A 112 11.63 33.69 -27.46
C SER A 112 12.15 33.31 -28.85
N THR A 113 11.28 33.31 -29.86
CA THR A 113 11.64 32.89 -31.21
C THR A 113 11.65 34.03 -32.19
N GLY A 114 11.57 35.27 -31.73
CA GLY A 114 11.66 36.37 -32.65
C GLY A 114 13.06 36.42 -33.21
N LYS A 115 13.15 36.51 -34.53
CA LYS A 115 14.42 36.57 -35.23
C LYS A 115 14.34 37.64 -36.30
N VAL A 116 15.47 38.32 -36.51
CA VAL A 116 15.61 39.35 -37.53
C VAL A 116 16.79 38.97 -38.42
N CYS A 117 16.57 39.04 -39.73
CA CYS A 117 17.54 38.64 -40.73
C CYS A 117 18.06 39.90 -41.40
N ASN A 118 19.36 39.91 -41.72
CA ASN A 118 20.03 41.12 -42.18
C ASN A 118 19.61 41.49 -43.60
N PRO A 119 19.72 42.78 -43.98
CA PRO A 119 19.14 43.21 -45.27
C PRO A 119 19.91 42.75 -46.50
N ASP A 120 20.79 41.76 -46.35
CA ASP A 120 21.62 41.27 -47.45
C ASP A 120 21.60 39.77 -47.60
N ASN A 121 21.00 39.03 -46.65
CA ASN A 121 20.99 37.57 -46.66
C ASN A 121 19.72 37.14 -45.92
N PRO A 122 18.65 36.81 -46.65
CA PRO A 122 17.37 36.46 -45.98
C PRO A 122 17.35 35.11 -45.25
N GLN A 123 18.42 34.30 -45.30
CA GLN A 123 18.46 33.03 -44.56
C GLN A 123 19.31 33.07 -43.30
N GLU A 124 20.22 34.03 -43.18
CA GLU A 124 21.10 34.18 -42.04
C GLU A 124 20.49 35.19 -41.08
N CYS A 125 19.98 34.70 -39.94
CA CYS A 125 19.21 35.55 -39.04
C CYS A 125 19.85 35.54 -37.65
N LEU A 126 19.30 36.38 -36.76
CA LEU A 126 19.61 36.37 -35.32
C LEU A 126 18.36 36.46 -34.46
N LEU A 127 18.28 35.60 -33.44
CA LEU A 127 17.34 35.73 -32.34
C LEU A 127 17.89 36.71 -31.32
N LEU A 128 16.97 37.27 -30.53
CA LEU A 128 17.38 38.23 -29.50
C LEU A 128 18.53 37.68 -28.70
N GLU A 129 18.37 36.45 -28.23
CA GLU A 129 19.44 35.79 -27.53
C GLU A 129 19.93 34.62 -28.38
N PRO A 130 21.23 34.54 -28.69
CA PRO A 130 22.32 35.41 -28.23
C PRO A 130 22.91 36.39 -29.25
N GLY A 131 22.18 36.75 -30.31
CA GLY A 131 22.78 37.58 -31.33
C GLY A 131 22.63 39.07 -31.11
N LEU A 132 21.41 39.56 -31.31
CA LEU A 132 21.12 40.97 -31.16
C LEU A 132 21.64 41.48 -29.83
N ASN A 133 21.31 40.78 -28.75
CA ASN A 133 21.77 41.14 -27.42
C ASN A 133 23.27 41.35 -27.39
N GLU A 134 23.99 40.52 -28.14
CA GLU A 134 25.43 40.59 -28.12
C GLU A 134 25.90 41.86 -28.84
N ILE A 135 25.28 42.17 -30.00
CA ILE A 135 25.59 43.45 -30.66
C ILE A 135 25.36 44.63 -29.72
N MET A 136 24.18 44.69 -29.10
CA MET A 136 23.83 45.83 -28.24
C MET A 136 24.75 45.97 -27.03
N ALA A 137 25.30 44.87 -26.55
CA ALA A 137 26.16 44.97 -25.40
C ALA A 137 27.59 45.33 -25.75
N ASN A 138 28.08 44.90 -26.91
CA ASN A 138 29.50 45.12 -27.22
C ASN A 138 29.79 46.28 -28.17
N SER A 139 28.92 46.51 -29.17
CA SER A 139 29.31 47.30 -30.34
C SER A 139 29.57 48.76 -30.00
N LEU A 140 30.49 49.34 -30.74
CA LEU A 140 30.68 50.79 -30.77
C LEU A 140 30.39 51.43 -32.12
N ASP A 141 29.88 50.68 -33.10
CA ASP A 141 29.41 51.28 -34.35
C ASP A 141 27.95 51.69 -34.19
N TYR A 142 27.67 52.98 -34.40
CA TYR A 142 26.32 53.51 -34.21
C TYR A 142 25.30 52.84 -35.10
N ASN A 143 25.65 52.54 -36.34
CA ASN A 143 24.64 52.06 -37.26
C ASN A 143 24.25 50.62 -36.98
N GLU A 144 25.22 49.80 -36.53
CA GLU A 144 24.95 48.42 -36.13
C GLU A 144 23.99 48.38 -34.95
N ARG A 145 24.26 49.19 -33.92
CA ARG A 145 23.39 49.29 -32.76
C ARG A 145 22.00 49.74 -33.17
N LEU A 146 21.93 50.77 -34.01
CA LEU A 146 20.63 51.26 -34.46
C LEU A 146 19.85 50.18 -35.17
N TRP A 147 20.54 49.36 -35.98
CA TRP A 147 19.85 48.32 -36.73
C TRP A 147 19.30 47.25 -35.81
N ALA A 148 20.13 46.78 -34.86
CA ALA A 148 19.65 45.83 -33.86
C ALA A 148 18.38 46.34 -33.19
N TRP A 149 18.42 47.61 -32.77
CA TRP A 149 17.33 48.22 -32.01
C TRP A 149 16.04 48.29 -32.83
N GLU A 150 16.09 48.99 -33.98
CA GLU A 150 14.90 49.20 -34.79
C GLU A 150 14.33 47.88 -35.31
N SER A 151 15.20 46.94 -35.70
CA SER A 151 14.68 45.73 -36.32
C SER A 151 14.09 44.78 -35.29
N TRP A 152 14.76 44.59 -34.14
CA TRP A 152 14.14 43.86 -33.03
C TRP A 152 12.77 44.45 -32.69
N ARG A 153 12.67 45.79 -32.61
CA ARG A 153 11.37 46.35 -32.26
C ARG A 153 10.35 46.32 -33.40
N SER A 154 10.77 46.20 -34.66
CA SER A 154 9.82 46.25 -35.76
C SER A 154 9.44 44.88 -36.30
N GLU A 155 10.27 43.87 -36.12
CA GLU A 155 9.88 42.51 -36.48
C GLU A 155 9.03 41.88 -35.39
N VAL A 156 9.44 42.02 -34.14
CA VAL A 156 8.79 41.35 -33.02
C VAL A 156 7.69 42.19 -32.41
N GLY A 157 7.99 43.44 -32.10
CA GLY A 157 7.00 44.38 -31.62
C GLY A 157 5.77 44.45 -32.51
N LYS A 158 5.97 44.74 -33.80
CA LYS A 158 4.83 44.87 -34.69
C LYS A 158 3.98 43.60 -34.74
N GLN A 159 4.51 42.45 -34.32
CA GLN A 159 3.65 41.28 -34.16
C GLN A 159 2.90 41.30 -32.85
N LEU A 160 3.56 41.76 -31.79
CA LEU A 160 2.97 41.71 -30.46
C LEU A 160 1.84 42.72 -30.28
N ARG A 161 1.84 43.82 -31.02
CA ARG A 161 0.84 44.87 -30.81
C ARG A 161 -0.60 44.37 -30.73
N PRO A 162 -1.14 43.62 -31.71
CA PRO A 162 -2.55 43.21 -31.59
C PRO A 162 -2.79 42.29 -30.41
N LEU A 163 -1.84 41.39 -30.17
CA LEU A 163 -1.93 40.50 -29.03
C LEU A 163 -1.93 41.28 -27.74
N TYR A 164 -1.08 42.31 -27.63
CA TYR A 164 -1.01 43.07 -26.39
C TYR A 164 -2.32 43.84 -26.17
N GLU A 165 -2.91 44.37 -27.24
CA GLU A 165 -4.21 45.04 -27.13
C GLU A 165 -5.25 44.08 -26.53
N GLU A 166 -5.36 42.88 -27.10
CA GLU A 166 -6.39 41.96 -26.60
C GLU A 166 -6.05 41.46 -25.20
N TYR A 167 -4.76 41.29 -24.93
CA TYR A 167 -4.29 40.92 -23.59
C TYR A 167 -4.69 41.95 -22.54
N VAL A 168 -4.61 43.23 -22.88
CA VAL A 168 -5.06 44.23 -21.92
C VAL A 168 -6.57 44.11 -21.75
N VAL A 169 -7.30 43.90 -22.85
CA VAL A 169 -8.76 43.84 -22.75
C VAL A 169 -9.20 42.73 -21.78
N LEU A 170 -8.58 41.55 -21.93
CA LEU A 170 -8.99 40.38 -21.16
C LEU A 170 -8.49 40.46 -19.72
N LYS A 171 -7.21 40.81 -19.54
CA LYS A 171 -6.72 40.96 -18.20
C LYS A 171 -7.58 41.92 -17.41
N ASN A 172 -8.02 43.01 -18.06
CA ASN A 172 -8.84 43.99 -17.38
C ASN A 172 -10.19 43.39 -16.98
N GLU A 173 -10.80 42.63 -17.90
CA GLU A 173 -12.05 41.95 -17.54
C GLU A 173 -11.85 41.07 -16.32
N MET A 174 -10.74 40.35 -16.29
CA MET A 174 -10.45 39.42 -15.21
C MET A 174 -10.21 40.16 -13.89
N ALA A 175 -9.51 41.29 -13.94
CA ALA A 175 -9.23 41.95 -12.68
C ALA A 175 -10.48 42.64 -12.18
N ARG A 176 -11.34 43.11 -13.07
CA ARG A 176 -12.58 43.72 -12.62
C ARG A 176 -13.52 42.65 -12.06
N ALA A 177 -13.47 41.46 -12.67
CA ALA A 177 -14.33 40.35 -12.19
C ALA A 177 -13.77 39.82 -10.88
N ASN A 178 -12.49 40.10 -10.62
CA ASN A 178 -11.89 39.69 -9.33
C ASN A 178 -12.05 40.87 -8.37
N HIS A 179 -12.90 41.82 -8.73
CA HIS A 179 -13.24 42.95 -7.82
C HIS A 179 -12.11 43.99 -7.74
N TYR A 180 -11.28 44.13 -8.77
CA TYR A 180 -10.24 45.20 -8.81
C TYR A 180 -10.65 46.21 -9.87
N GLU A 181 -10.10 47.42 -9.83
CA GLU A 181 -10.60 48.46 -10.79
C GLU A 181 -9.97 48.23 -12.16
N ASP A 182 -8.67 47.98 -12.19
CA ASP A 182 -8.04 47.65 -13.46
C ASP A 182 -6.96 46.63 -13.14
N TYR A 183 -6.28 46.13 -14.17
CA TYR A 183 -5.27 45.10 -13.96
C TYR A 183 -4.06 45.63 -13.20
N GLY A 184 -3.70 46.90 -13.41
CA GLY A 184 -2.64 47.49 -12.61
C GLY A 184 -2.97 47.51 -11.13
N ASP A 185 -4.23 47.78 -10.80
CA ASP A 185 -4.66 47.79 -9.43
C ASP A 185 -4.49 46.42 -8.81
N TYR A 186 -4.74 45.39 -9.61
CA TYR A 186 -4.54 44.02 -9.19
C TYR A 186 -3.08 43.73 -8.90
N TRP A 187 -2.16 44.10 -9.81
CA TRP A 187 -0.75 43.87 -9.52
C TRP A 187 -0.31 44.63 -8.28
N ARG A 188 -0.97 45.76 -8.00
CA ARG A 188 -0.51 46.59 -6.85
C ARG A 188 -0.98 45.97 -5.53
N GLY A 189 -1.95 45.06 -5.59
CA GLY A 189 -2.49 44.46 -4.37
C GLY A 189 -1.41 43.82 -3.55
N ASP A 190 -0.33 43.38 -4.18
CA ASP A 190 0.73 42.65 -3.44
C ASP A 190 1.09 43.46 -2.21
N TYR A 191 0.97 44.79 -2.28
CA TYR A 191 1.43 45.58 -1.15
C TYR A 191 0.31 45.91 -0.18
N GLU A 192 -0.89 45.33 -0.36
CA GLU A 192 -2.07 45.70 0.42
C GLU A 192 -1.95 45.20 1.85
N VAL A 193 -2.49 45.98 2.81
CA VAL A 193 -2.63 45.58 4.22
C VAL A 193 -3.85 46.25 4.89
N ASN A 194 -4.90 45.49 5.20
CA ASN A 194 -5.94 46.00 6.11
C ASN A 194 -5.92 45.38 7.49
N GLY A 195 -6.39 46.17 8.43
CA GLY A 195 -6.82 45.63 9.69
C GLY A 195 -5.73 45.51 10.70
N VAL A 196 -4.53 45.93 10.36
CA VAL A 196 -3.42 45.86 11.29
C VAL A 196 -3.06 47.26 11.76
N ASP A 197 -3.78 47.76 12.77
CA ASP A 197 -3.74 49.16 13.14
C ASP A 197 -2.31 49.67 13.15
N GLY A 198 -1.95 50.55 12.20
CA GLY A 198 -0.64 51.17 12.18
C GLY A 198 0.33 50.50 11.24
N TYR A 199 -0.09 49.44 10.60
CA TYR A 199 0.71 48.74 9.62
C TYR A 199 -0.06 48.56 8.32
N ASP A 200 -1.27 49.11 8.24
CA ASP A 200 -2.10 49.13 7.05
C ASP A 200 -1.43 49.86 5.88
N TYR A 201 -1.81 49.48 4.67
CA TYR A 201 -1.29 50.02 3.43
C TYR A 201 -2.25 49.69 2.29
N SER A 202 -2.72 50.70 1.57
CA SER A 202 -3.67 50.53 0.49
C SER A 202 -2.95 50.61 -0.84
N ARG A 203 -3.65 50.26 -1.90
CA ARG A 203 -2.96 49.98 -3.14
C ARG A 203 -2.48 51.27 -3.80
N GLY A 204 -3.29 52.33 -3.70
CA GLY A 204 -2.92 53.63 -4.26
C GLY A 204 -1.79 54.28 -3.52
N GLN A 205 -1.61 53.89 -2.26
CA GLN A 205 -0.47 54.34 -1.48
C GLN A 205 0.82 53.86 -2.14
N LEU A 206 0.76 52.82 -2.97
CA LEU A 206 1.95 52.42 -3.70
C LEU A 206 2.33 53.43 -4.77
N ILE A 207 1.36 53.96 -5.54
CA ILE A 207 1.73 54.95 -6.55
C ILE A 207 2.28 56.21 -5.86
N GLU A 208 1.60 56.66 -4.81
CA GLU A 208 2.15 57.82 -4.12
C GLU A 208 3.61 57.60 -3.74
N ASP A 209 3.90 56.54 -2.97
CA ASP A 209 5.26 56.38 -2.45
C ASP A 209 6.28 56.14 -3.56
N VAL A 210 5.91 55.41 -4.61
CA VAL A 210 6.86 55.22 -5.69
C VAL A 210 7.27 56.57 -6.26
N GLU A 211 6.28 57.44 -6.53
CA GLU A 211 6.56 58.75 -7.12
C GLU A 211 7.33 59.65 -6.15
N HIS A 212 6.99 59.58 -4.87
CA HIS A 212 7.61 60.42 -3.86
CA HIS A 212 7.62 60.43 -3.88
C HIS A 212 9.10 60.09 -3.73
N THR A 213 9.42 58.78 -3.65
CA THR A 213 10.82 58.36 -3.56
C THR A 213 11.55 58.65 -4.87
N PHE A 214 10.86 58.56 -6.00
CA PHE A 214 11.57 58.86 -7.23
C PHE A 214 11.92 60.33 -7.31
N GLU A 215 11.10 61.20 -6.70
CA GLU A 215 11.41 62.62 -6.72
C GLU A 215 12.76 62.90 -6.07
N GLU A 216 13.07 62.21 -4.95
CA GLU A 216 14.33 62.44 -4.25
C GLU A 216 15.49 61.68 -4.90
N ILE A 217 15.18 60.66 -5.71
CA ILE A 217 16.22 60.01 -6.50
C ILE A 217 16.67 60.91 -7.65
N LYS A 218 15.72 61.65 -8.28
CA LYS A 218 15.95 62.47 -9.47
C LYS A 218 17.26 63.23 -9.48
N PRO A 219 17.67 63.96 -8.42
CA PRO A 219 18.99 64.62 -8.43
C PRO A 219 20.14 63.69 -8.78
N LEU A 220 20.32 62.61 -8.00
CA LEU A 220 21.37 61.66 -8.33
C LEU A 220 21.28 61.21 -9.79
N TYR A 221 20.07 60.83 -10.22
CA TYR A 221 19.93 60.32 -11.59
C TYR A 221 20.34 61.37 -12.60
N GLU A 222 19.90 62.61 -12.42
CA GLU A 222 20.16 63.67 -13.37
C GLU A 222 21.64 63.92 -13.50
N HIS A 223 22.36 63.72 -12.40
CA HIS A 223 23.80 63.91 -12.51
C HIS A 223 24.48 62.73 -13.18
N LEU A 224 24.05 61.50 -12.85
CA LEU A 224 24.56 60.33 -13.57
C LEU A 224 24.33 60.50 -15.06
N HIS A 225 23.15 61.00 -15.41
CA HIS A 225 22.74 61.21 -16.78
C HIS A 225 23.62 62.26 -17.45
N ALA A 226 23.82 63.40 -16.78
CA ALA A 226 24.65 64.46 -17.34
C ALA A 226 26.06 63.95 -17.61
N TYR A 227 26.59 63.15 -16.68
CA TYR A 227 27.96 62.66 -16.82
C TYR A 227 28.05 61.61 -17.89
N VAL A 228 27.06 60.74 -17.96
CA VAL A 228 27.13 59.69 -18.94
C VAL A 228 26.96 60.28 -20.34
N ARG A 229 26.07 61.26 -20.49
CA ARG A 229 25.92 61.93 -21.78
C ARG A 229 27.21 62.63 -22.18
N ALA A 230 27.90 63.24 -21.22
CA ALA A 230 29.22 63.78 -21.48
C ALA A 230 30.14 62.72 -22.10
N LYS A 231 30.27 61.56 -21.44
CA LYS A 231 31.22 60.53 -21.91
C LYS A 231 30.78 59.87 -23.23
N LEU A 232 29.49 59.65 -23.42
CA LEU A 232 28.99 59.12 -24.69
C LEU A 232 29.18 60.10 -25.81
N MET A 233 29.02 61.38 -25.52
CA MET A 233 29.28 62.40 -26.50
C MET A 233 30.75 62.36 -26.93
N ASN A 234 31.68 62.21 -25.96
CA ASN A 234 33.09 61.95 -26.28
C ASN A 234 33.29 60.66 -27.05
N ALA A 235 32.31 59.73 -27.04
CA ALA A 235 32.45 58.49 -27.79
C ALA A 235 31.64 58.46 -29.08
N TYR A 236 30.76 59.42 -29.30
CA TYR A 236 29.97 59.50 -30.53
C TYR A 236 29.72 60.96 -30.84
N PRO A 237 30.72 61.66 -31.38
CA PRO A 237 30.68 63.13 -31.33
C PRO A 237 29.48 63.70 -32.06
N SER A 238 29.22 63.20 -33.26
CA SER A 238 28.28 63.85 -34.14
C SER A 238 26.87 63.31 -34.00
N TYR A 239 26.56 62.63 -32.90
CA TYR A 239 25.26 62.00 -32.72
C TYR A 239 24.48 62.41 -31.48
N ILE A 240 25.15 62.88 -30.42
CA ILE A 240 24.51 63.15 -29.15
C ILE A 240 24.55 64.65 -28.84
N SER A 241 23.41 65.21 -28.41
CA SER A 241 23.40 66.63 -28.10
C SER A 241 23.68 66.84 -26.63
N PRO A 242 24.51 67.82 -26.30
CA PRO A 242 24.84 68.07 -24.90
C PRO A 242 23.71 68.65 -24.10
N ILE A 243 22.50 68.78 -24.65
CA ILE A 243 21.35 69.12 -23.81
C ILE A 243 20.18 68.19 -24.06
N GLY A 244 20.39 67.14 -24.87
CA GLY A 244 19.30 66.28 -25.30
C GLY A 244 19.11 65.07 -24.39
N CYS A 245 18.12 64.25 -24.75
CA CYS A 245 18.08 62.93 -24.14
C CYS A 245 19.09 61.98 -24.78
N LEU A 246 19.45 60.93 -24.05
CA LEU A 246 20.37 59.92 -24.58
C LEU A 246 19.68 59.01 -25.60
N PRO A 247 20.30 58.78 -26.76
CA PRO A 247 19.68 57.91 -27.78
C PRO A 247 19.41 56.50 -27.27
N ALA A 248 18.15 56.06 -27.36
CA ALA A 248 17.72 54.81 -26.74
C ALA A 248 18.60 53.60 -27.09
N HIS A 249 19.36 53.66 -28.18
CA HIS A 249 20.13 52.52 -28.66
C HIS A 249 21.60 52.63 -28.30
N LEU A 250 21.95 53.48 -27.37
CA LEU A 250 23.35 53.67 -27.02
C LEU A 250 23.54 53.46 -25.53
N LEU A 251 22.68 52.69 -24.92
CA LEU A 251 22.69 52.63 -23.48
C LEU A 251 23.39 51.40 -22.91
N GLY A 252 23.65 50.36 -23.72
CA GLY A 252 24.38 49.19 -23.24
C GLY A 252 23.61 47.87 -23.23
N ASP A 253 22.32 47.87 -23.52
CA ASP A 253 21.58 46.65 -23.78
C ASP A 253 20.38 46.98 -24.67
N MET A 254 19.62 45.95 -25.03
CA MET A 254 18.57 46.06 -26.02
C MET A 254 17.47 47.07 -25.65
N TRP A 255 17.39 47.51 -24.39
CA TRP A 255 16.37 48.47 -23.98
C TRP A 255 16.87 49.70 -23.22
N GLY A 256 18.08 49.67 -22.67
CA GLY A 256 18.49 50.71 -21.74
C GLY A 256 18.01 50.50 -20.33
N ARG A 257 17.64 49.25 -19.99
CA ARG A 257 17.23 48.86 -18.64
C ARG A 257 18.39 48.95 -17.66
N PHE A 258 19.58 48.55 -18.08
CA PHE A 258 20.76 48.68 -17.24
C PHE A 258 21.84 49.37 -18.06
N TRP A 259 22.45 50.40 -17.48
CA TRP A 259 23.56 51.10 -18.11
C TRP A 259 24.90 50.47 -17.78
N THR A 260 24.94 49.15 -17.60
CA THR A 260 26.15 48.55 -17.05
C THR A 260 27.25 48.45 -18.09
N ASN A 261 26.91 48.31 -19.36
CA ASN A 261 27.99 48.14 -20.30
C ASN A 261 28.69 49.44 -20.62
N LEU A 262 28.03 50.57 -20.38
CA LEU A 262 28.66 51.87 -20.61
C LEU A 262 29.82 52.15 -19.65
N TYR A 263 30.15 51.24 -18.74
CA TYR A 263 31.29 51.47 -17.85
C TYR A 263 32.61 51.62 -18.63
N SER A 264 32.89 50.68 -19.54
CA SER A 264 34.08 50.80 -20.39
C SER A 264 34.17 52.19 -21.02
N LEU A 265 33.03 52.83 -21.34
CA LEU A 265 33.00 54.11 -22.06
C LEU A 265 32.88 55.31 -21.13
N THR A 266 32.67 55.08 -19.83
CA THR A 266 32.42 56.13 -18.85
C THR A 266 33.18 55.91 -17.56
N VAL A 267 34.09 54.94 -17.53
CA VAL A 267 34.94 54.69 -16.37
C VAL A 267 35.67 55.97 -15.95
N PRO A 268 35.46 56.42 -14.73
CA PRO A 268 36.20 57.61 -14.26
C PRO A 268 37.72 57.51 -14.38
N PHE A 269 38.32 56.50 -13.76
CA PHE A 269 39.80 56.35 -13.77
C PHE A 269 40.16 54.97 -14.31
N GLY A 270 40.40 54.86 -15.61
CA GLY A 270 40.64 53.53 -16.21
C GLY A 270 41.91 52.89 -15.68
N GLN A 271 43.03 53.60 -15.75
CA GLN A 271 44.31 52.98 -15.36
C GLN A 271 44.12 52.15 -14.08
N LYS A 272 43.33 52.63 -13.14
CA LYS A 272 43.15 51.92 -11.84
C LYS A 272 42.87 50.43 -12.05
N PRO A 273 43.50 49.51 -11.29
CA PRO A 273 43.20 48.08 -11.39
C PRO A 273 41.81 47.80 -10.85
N ASN A 274 40.86 47.48 -11.73
CA ASN A 274 39.58 47.01 -11.22
C ASN A 274 39.78 45.71 -10.46
N ILE A 275 38.79 45.35 -9.67
CA ILE A 275 38.89 44.18 -8.80
C ILE A 275 38.24 43.00 -9.52
N ASP A 276 38.94 41.88 -9.57
CA ASP A 276 38.39 40.66 -10.17
C ASP A 276 39.23 39.49 -9.65
N VAL A 277 38.70 38.80 -8.65
CA VAL A 277 39.52 37.78 -7.97
C VAL A 277 39.45 36.43 -8.70
N THR A 278 38.87 36.42 -9.90
CA THR A 278 38.80 35.22 -10.75
C THR A 278 40.13 34.50 -10.76
N ASP A 279 41.17 35.31 -10.87
CA ASP A 279 42.50 34.81 -11.11
C ASP A 279 43.06 34.20 -9.84
N ALA A 280 42.90 34.90 -8.72
CA ALA A 280 43.18 34.31 -7.42
C ALA A 280 42.50 32.96 -7.25
N MET A 281 41.24 32.83 -7.68
CA MET A 281 40.46 31.62 -7.44
C MET A 281 40.99 30.43 -8.23
N VAL A 282 41.26 30.61 -9.52
CA VAL A 282 41.97 29.55 -10.24
C VAL A 282 43.27 29.20 -9.51
N ASP A 283 43.98 30.23 -9.03
CA ASP A 283 45.33 30.04 -8.54
C ASP A 283 45.38 29.34 -7.19
N GLN A 284 44.27 29.33 -6.45
CA GLN A 284 44.16 28.55 -5.24
C GLN A 284 43.38 27.26 -5.47
N ALA A 285 42.99 27.00 -6.72
CA ALA A 285 42.32 25.77 -7.13
C ALA A 285 40.94 25.67 -6.48
N TRP A 286 40.12 26.69 -6.74
CA TRP A 286 38.75 26.73 -6.25
C TRP A 286 37.85 26.05 -7.27
N ASP A 287 37.06 25.09 -6.80
CA ASP A 287 35.99 24.44 -7.55
C ASP A 287 34.62 24.89 -7.03
N ALA A 288 33.56 24.55 -7.77
CA ALA A 288 32.21 25.01 -7.37
C ALA A 288 31.98 24.71 -5.90
N GLN A 289 32.14 23.45 -5.51
CA GLN A 289 31.93 23.04 -4.11
C GLN A 289 32.59 24.06 -3.18
N ARG A 290 33.75 24.58 -3.57
CA ARG A 290 34.44 25.59 -2.73
C ARG A 290 33.56 26.84 -2.69
N ILE A 291 33.26 27.36 -3.88
CA ILE A 291 32.42 28.57 -3.94
C ILE A 291 31.27 28.46 -2.94
N PHE A 292 30.48 27.41 -3.08
CA PHE A 292 29.29 27.30 -2.25
C PHE A 292 29.65 27.03 -0.80
N LYS A 293 30.78 26.37 -0.55
CA LYS A 293 31.22 26.22 0.82
C LYS A 293 31.54 27.58 1.44
N GLU A 294 32.22 28.47 0.69
CA GLU A 294 32.52 29.79 1.25
C GLU A 294 31.24 30.58 1.48
N ALA A 295 30.25 30.36 0.62
CA ALA A 295 28.93 30.97 0.85
C ALA A 295 28.32 30.46 2.16
N GLU A 296 28.23 29.14 2.31
CA GLU A 296 27.77 28.52 3.57
C GLU A 296 28.49 29.11 4.76
N LYS A 297 29.81 29.19 4.67
CA LYS A 297 30.60 29.78 5.73
C LYS A 297 30.12 31.19 6.05
N PHE A 298 29.96 32.03 5.01
CA PHE A 298 29.53 33.41 5.20
C PHE A 298 28.21 33.45 5.98
N PHE A 299 27.24 32.66 5.54
CA PHE A 299 25.96 32.63 6.23
C PHE A 299 26.12 32.15 7.67
N VAL A 300 26.83 31.05 7.85
CA VAL A 300 27.08 30.54 9.22
C VAL A 300 27.71 31.68 10.00
N SER A 301 28.65 32.40 9.37
CA SER A 301 29.37 33.47 10.07
C SER A 301 28.41 34.44 10.75
N VAL A 302 27.14 34.45 10.33
CA VAL A 302 26.22 35.48 10.89
C VAL A 302 25.10 34.81 11.68
N GLY A 303 25.32 33.61 12.20
CA GLY A 303 24.31 32.98 13.03
C GLY A 303 23.20 32.30 12.28
N LEU A 304 23.41 32.03 11.03
CA LEU A 304 22.43 31.34 10.23
C LEU A 304 22.91 29.94 9.96
N PRO A 305 22.01 28.97 9.84
CA PRO A 305 22.43 27.58 9.65
C PRO A 305 23.04 27.25 8.31
N ASN A 306 23.81 26.17 8.34
CA ASN A 306 24.46 25.65 7.17
C ASN A 306 23.50 24.76 6.39
N MET A 307 23.71 24.71 5.08
CA MET A 307 22.82 24.04 4.16
C MET A 307 22.50 22.63 4.65
N THR A 308 21.31 22.15 4.32
CA THR A 308 20.95 20.79 4.71
C THR A 308 21.85 19.79 4.01
N GLN A 309 22.03 18.63 4.65
CA GLN A 309 22.67 17.52 3.95
C GLN A 309 21.94 17.26 2.64
N GLY A 310 20.62 17.25 2.70
CA GLY A 310 19.77 17.26 1.53
C GLY A 310 20.26 18.27 0.52
N PHE A 311 20.52 19.52 0.94
CA PHE A 311 20.96 20.55 0.00
C PHE A 311 22.16 20.13 -0.81
N TRP A 312 23.19 19.58 -0.14
CA TRP A 312 24.41 19.23 -0.84
C TRP A 312 24.18 18.00 -1.72
N GLU A 313 23.57 16.95 -1.14
CA GLU A 313 23.32 15.71 -1.88
C GLU A 313 22.52 15.94 -3.15
N ASN A 314 21.57 16.89 -3.14
CA ASN A 314 20.56 16.99 -4.19
C ASN A 314 20.72 18.17 -5.12
N SER A 315 21.46 19.22 -4.72
CA SER A 315 21.60 20.39 -5.58
C SER A 315 22.35 20.03 -6.86
N MET A 316 22.23 20.90 -7.86
CA MET A 316 23.00 20.82 -9.09
C MET A 316 23.89 22.05 -9.22
N LEU A 317 25.15 21.92 -8.83
CA LEU A 317 26.02 23.08 -8.68
C LEU A 317 27.07 23.22 -9.78
N THR A 318 27.19 22.24 -10.70
CA THR A 318 28.07 22.40 -11.85
C THR A 318 27.28 22.04 -13.08
N ASP A 319 27.68 22.58 -14.23
CA ASP A 319 27.11 22.11 -15.46
C ASP A 319 27.32 20.60 -15.53
N PRO A 320 26.28 19.82 -15.84
CA PRO A 320 26.35 18.35 -15.75
C PRO A 320 26.96 17.68 -17.00
N GLY A 321 28.11 18.18 -17.44
CA GLY A 321 28.77 17.58 -18.62
C GLY A 321 27.96 17.77 -19.88
N ASN A 322 28.57 17.46 -21.04
CA ASN A 322 27.88 17.63 -22.36
C ASN A 322 27.23 16.29 -22.71
N VAL A 323 26.99 15.44 -21.71
CA VAL A 323 26.39 14.09 -21.92
C VAL A 323 24.91 14.14 -21.53
N GLN A 324 24.42 15.31 -21.12
CA GLN A 324 22.99 15.53 -20.73
C GLN A 324 22.82 17.04 -20.71
N LYS A 325 21.61 17.55 -20.94
CA LYS A 325 21.50 19.00 -21.09
C LYS A 325 20.54 19.59 -20.06
N ALA A 326 20.80 20.82 -19.57
CA ALA A 326 19.95 21.41 -18.51
C ALA A 326 19.79 22.93 -18.70
N VAL A 327 18.74 23.51 -18.13
CA VAL A 327 18.59 24.99 -18.21
C VAL A 327 19.59 25.60 -17.24
N CYS A 328 20.55 26.37 -17.75
CA CYS A 328 21.61 26.95 -16.88
C CYS A 328 21.14 28.34 -16.48
N HIS A 329 20.36 28.44 -15.40
CA HIS A 329 19.99 29.78 -14.89
C HIS A 329 19.86 29.63 -13.40
N PRO A 330 20.68 30.30 -12.58
CA PRO A 330 20.64 30.11 -11.15
C PRO A 330 19.17 30.08 -10.69
N THR A 331 18.79 29.02 -9.98
CA THR A 331 17.41 28.92 -9.44
C THR A 331 17.49 28.41 -8.00
N ALA A 332 16.87 29.12 -7.04
CA ALA A 332 16.89 28.64 -5.65
C ALA A 332 15.56 27.95 -5.30
N TRP A 333 15.59 26.63 -5.35
CA TRP A 333 14.41 25.79 -5.28
C TRP A 333 14.06 25.49 -3.83
N ASP A 334 12.84 25.82 -3.43
CA ASP A 334 12.28 25.41 -2.16
C ASP A 334 11.17 24.39 -2.42
N LEU A 335 11.54 23.09 -2.49
CA LEU A 335 10.58 22.05 -2.87
C LEU A 335 9.65 21.66 -1.72
N GLY A 336 10.02 22.00 -0.48
CA GLY A 336 9.20 21.65 0.66
C GLY A 336 9.65 20.36 1.34
N LYS A 337 8.99 20.10 2.47
CA LYS A 337 9.28 18.98 3.37
C LYS A 337 10.79 18.82 3.54
N GLY A 338 11.46 19.94 3.84
CA GLY A 338 12.88 19.96 4.12
C GLY A 338 13.80 19.98 2.91
N ASP A 339 13.27 19.92 1.71
CA ASP A 339 14.11 19.75 0.55
C ASP A 339 14.42 21.11 -0.08
N PHE A 340 15.68 21.56 0.06
CA PHE A 340 16.15 22.81 -0.53
C PHE A 340 17.31 22.55 -1.48
N ARG A 341 17.20 23.11 -2.69
CA ARG A 341 18.20 22.90 -3.73
C ARG A 341 18.56 24.21 -4.37
N ILE A 342 19.73 24.25 -5.01
CA ILE A 342 20.16 25.37 -5.83
C ILE A 342 20.56 24.77 -7.17
N LEU A 343 20.26 25.46 -8.26
CA LEU A 343 20.60 24.98 -9.59
C LEU A 343 21.34 26.09 -10.33
N MET A 344 22.61 25.83 -10.68
CA MET A 344 23.49 26.81 -11.29
C MET A 344 24.68 26.12 -11.95
N CYS A 345 25.02 26.50 -13.18
CA CYS A 345 26.15 25.90 -13.88
C CYS A 345 27.36 26.74 -13.57
N THR A 346 28.00 26.43 -12.45
CA THR A 346 28.96 27.34 -11.86
C THR A 346 30.26 27.33 -12.64
N LYS A 347 30.83 28.51 -12.83
CA LYS A 347 32.18 28.67 -13.36
C LYS A 347 33.05 29.31 -12.28
N VAL A 348 34.35 28.99 -12.27
CA VAL A 348 35.20 29.47 -11.18
C VAL A 348 35.57 30.93 -11.45
N THR A 349 34.60 31.83 -11.26
CA THR A 349 34.67 33.24 -11.66
C THR A 349 34.32 34.16 -10.48
N MET A 350 34.28 35.46 -10.71
CA MET A 350 33.88 36.32 -9.61
C MET A 350 32.39 36.55 -9.65
N ASP A 351 31.88 36.70 -10.86
CA ASP A 351 30.45 36.88 -11.04
C ASP A 351 29.66 35.70 -10.45
N ASP A 352 30.15 34.48 -10.67
CA ASP A 352 29.45 33.32 -10.12
C ASP A 352 29.61 33.22 -8.60
N PHE A 353 30.72 33.66 -8.04
CA PHE A 353 30.87 33.68 -6.58
C PHE A 353 29.81 34.59 -5.96
N LEU A 354 29.70 35.82 -6.49
CA LEU A 354 28.70 36.75 -5.98
C LEU A 354 27.29 36.22 -6.20
N THR A 355 27.07 35.55 -7.34
CA THR A 355 25.75 34.97 -7.60
C THR A 355 25.42 33.85 -6.62
N ALA A 356 26.41 33.06 -6.23
CA ALA A 356 26.11 31.97 -5.32
C ALA A 356 25.75 32.50 -3.95
N HIS A 357 26.42 33.55 -3.49
CA HIS A 357 25.93 34.19 -2.27
C HIS A 357 24.49 34.64 -2.40
N HIS A 358 24.13 35.26 -3.53
CA HIS A 358 22.75 35.69 -3.78
C HIS A 358 21.75 34.52 -3.67
N GLU A 359 21.97 33.47 -4.43
CA GLU A 359 20.98 32.40 -4.48
C GLU A 359 20.94 31.62 -3.15
N MET A 360 22.08 31.48 -2.48
CA MET A 360 22.02 30.87 -1.17
C MET A 360 21.28 31.76 -0.18
N GLY A 361 21.27 33.07 -0.39
CA GLY A 361 20.46 33.92 0.47
C GLY A 361 18.97 33.69 0.27
N HIS A 362 18.57 33.49 -0.97
CA HIS A 362 17.25 32.89 -1.24
C HIS A 362 16.98 31.65 -0.37
N ILE A 363 17.87 30.65 -0.44
CA ILE A 363 17.62 29.41 0.31
C ILE A 363 17.49 29.68 1.80
N GLN A 364 18.40 30.48 2.35
CA GLN A 364 18.32 30.92 3.74
C GLN A 364 16.93 31.46 4.08
N TYR A 365 16.41 32.39 3.25
CA TYR A 365 15.05 32.91 3.44
C TYR A 365 14.02 31.76 3.41
N ASP A 366 14.21 30.80 2.50
CA ASP A 366 13.27 29.68 2.36
C ASP A 366 13.24 28.79 3.60
N MET A 367 14.42 28.58 4.21
CA MET A 367 14.52 27.75 5.42
C MET A 367 13.97 28.48 6.61
N ALA A 368 14.21 29.79 6.69
CA ALA A 368 13.76 30.57 7.84
C ALA A 368 12.25 30.46 8.03
N TYR A 369 11.47 30.67 6.98
CA TYR A 369 10.03 30.64 7.11
C TYR A 369 9.44 29.27 6.79
N ALA A 370 10.21 28.19 6.88
CA ALA A 370 9.62 26.89 6.49
C ALA A 370 8.53 26.53 7.50
N ALA A 371 8.74 26.88 8.76
CA ALA A 371 7.75 26.55 9.82
C ALA A 371 6.41 27.17 9.50
N GLN A 372 6.41 28.26 8.74
CA GLN A 372 5.15 28.98 8.49
C GLN A 372 4.21 28.10 7.68
N PRO A 373 2.91 28.09 7.98
CA PRO A 373 1.92 27.35 7.17
C PRO A 373 2.09 27.61 5.69
N PHE A 374 1.54 26.71 4.89
CA PHE A 374 1.97 26.58 3.50
C PHE A 374 1.67 27.85 2.71
N LEU A 375 0.46 28.39 2.84
CA LEU A 375 0.21 29.55 2.00
C LEU A 375 0.97 30.80 2.47
N LEU A 376 1.76 30.70 3.53
CA LEU A 376 2.54 31.82 4.03
C LEU A 376 4.04 31.66 3.83
N ARG A 377 4.47 30.67 3.06
CA ARG A 377 5.90 30.44 2.91
C ARG A 377 6.41 31.27 1.74
N ASN A 378 6.76 32.51 2.03
CA ASN A 378 7.04 33.42 0.94
C ASN A 378 7.56 34.73 1.48
N GLY A 379 8.20 35.49 0.61
CA GLY A 379 8.69 36.79 1.01
C GLY A 379 7.57 37.73 1.38
N ALA A 380 7.88 38.72 2.24
CA ALA A 380 6.85 39.58 2.83
C ALA A 380 5.96 40.22 1.77
N ASN A 381 6.56 40.66 0.66
CA ASN A 381 5.87 41.10 -0.55
C ASN A 381 6.80 40.75 -1.72
N GLU A 382 6.28 40.96 -2.95
CA GLU A 382 7.02 40.60 -4.16
C GLU A 382 8.46 41.13 -4.18
N GLY A 383 8.79 42.12 -3.34
CA GLY A 383 10.11 42.71 -3.41
C GLY A 383 11.17 42.15 -2.48
N PHE A 384 10.79 41.23 -1.59
CA PHE A 384 11.64 40.93 -0.45
C PHE A 384 12.72 39.92 -0.78
N HIS A 385 12.36 38.81 -1.44
CA HIS A 385 13.38 37.82 -1.74
C HIS A 385 14.59 38.40 -2.47
N GLU A 386 14.35 39.04 -3.61
CA GLU A 386 15.49 39.49 -4.42
C GLU A 386 16.33 40.55 -3.69
N ALA A 387 15.71 41.36 -2.82
CA ALA A 387 16.46 42.28 -1.97
C ALA A 387 17.38 41.52 -1.00
N VAL A 388 16.84 40.50 -0.34
CA VAL A 388 17.65 39.68 0.58
C VAL A 388 18.84 39.09 -0.18
N GLY A 389 18.60 38.58 -1.39
CA GLY A 389 19.69 38.03 -2.18
C GLY A 389 20.72 39.07 -2.57
N GLU A 390 20.27 40.30 -2.85
CA GLU A 390 21.20 41.34 -3.29
C GLU A 390 22.17 41.76 -2.20
N ILE A 391 21.68 41.90 -0.95
CA ILE A 391 22.57 42.42 0.10
C ILE A 391 23.67 41.43 0.43
N MET A 392 23.46 40.15 0.16
CA MET A 392 24.52 39.17 0.35
C MET A 392 25.67 39.42 -0.62
N SER A 393 25.37 39.50 -1.92
CA SER A 393 26.41 39.85 -2.89
C SER A 393 27.03 41.23 -2.58
N LEU A 394 26.31 42.14 -1.92
CA LEU A 394 26.94 43.41 -1.54
C LEU A 394 28.03 43.18 -0.52
N SER A 395 27.66 42.58 0.62
CA SER A 395 28.65 42.21 1.63
C SER A 395 29.81 41.42 1.02
N ALA A 396 29.50 40.51 0.08
CA ALA A 396 30.44 39.54 -0.45
C ALA A 396 31.43 40.11 -1.44
N ALA A 397 31.08 41.22 -2.11
CA ALA A 397 31.92 41.83 -3.13
C ALA A 397 32.84 42.91 -2.59
N THR A 398 32.76 43.24 -1.31
CA THR A 398 33.61 44.30 -0.78
C THR A 398 35.05 43.82 -0.69
N PRO A 399 36.02 44.75 -0.72
CA PRO A 399 37.41 44.32 -0.51
C PRO A 399 37.66 43.75 0.87
N LYS A 400 37.08 44.34 1.93
CA LYS A 400 37.27 43.79 3.28
C LYS A 400 37.02 42.28 3.29
N HIS A 401 35.88 41.88 2.70
CA HIS A 401 35.50 40.46 2.58
C HIS A 401 36.46 39.67 1.71
N LEU A 402 36.76 40.18 0.51
CA LEU A 402 37.61 39.45 -0.43
C LEU A 402 38.98 39.17 0.16
N LYS A 403 39.52 40.14 0.90
CA LYS A 403 40.75 39.93 1.65
C LYS A 403 40.57 38.82 2.68
N SER A 404 39.58 38.97 3.57
CA SER A 404 39.40 37.97 4.62
C SER A 404 39.35 36.54 4.07
N ILE A 405 38.72 36.34 2.91
CA ILE A 405 38.66 35.00 2.32
C ILE A 405 39.88 34.71 1.48
N GLY A 406 40.91 35.52 1.57
CA GLY A 406 42.15 35.23 0.87
C GLY A 406 42.11 35.23 -0.65
N LEU A 407 41.05 35.72 -1.27
CA LEU A 407 41.07 35.91 -2.73
C LEU A 407 41.69 37.23 -3.12
N LEU A 408 41.82 38.16 -2.18
CA LEU A 408 42.53 39.41 -2.39
C LEU A 408 43.74 39.48 -1.47
N SER A 409 44.77 40.21 -1.93
CA SER A 409 46.04 40.32 -1.25
C SER A 409 46.06 41.53 -0.33
N PRO A 410 46.42 41.38 1.01
CA PRO A 410 46.42 42.54 1.92
C PRO A 410 47.19 43.73 1.38
N ASP A 411 48.08 43.49 0.42
CA ASP A 411 48.78 44.55 -0.30
C ASP A 411 47.98 45.08 -1.49
N PHE A 412 46.65 45.14 -1.41
CA PHE A 412 45.81 45.87 -2.36
C PHE A 412 45.42 47.22 -1.79
N GLN A 413 45.66 48.27 -2.56
CA GLN A 413 45.42 49.64 -2.13
C GLN A 413 44.07 50.08 -2.66
N GLU A 414 43.10 50.20 -1.76
CA GLU A 414 41.90 50.94 -2.09
C GLU A 414 42.18 52.43 -1.95
N ASP A 415 41.56 53.23 -2.82
CA ASP A 415 41.75 54.66 -2.82
C ASP A 415 40.44 55.30 -3.25
N ASN A 416 40.40 56.63 -3.24
CA ASN A 416 39.24 57.35 -3.79
C ASN A 416 38.87 56.81 -5.14
N GLU A 417 39.88 56.64 -6.00
CA GLU A 417 39.66 56.39 -7.40
C GLU A 417 39.00 55.03 -7.63
N THR A 418 39.63 53.95 -7.15
CA THR A 418 39.03 52.64 -7.36
C THR A 418 37.65 52.57 -6.76
N GLU A 419 37.43 53.29 -5.66
CA GLU A 419 36.12 53.26 -5.05
C GLU A 419 35.08 54.08 -5.82
N ILE A 420 35.47 55.20 -6.43
CA ILE A 420 34.58 55.89 -7.36
C ILE A 420 34.31 55.00 -8.57
N ASN A 421 35.33 54.25 -9.01
CA ASN A 421 35.15 53.34 -10.14
C ASN A 421 34.06 52.34 -9.81
N PHE A 422 34.19 51.71 -8.64
CA PHE A 422 33.21 50.76 -8.13
C PHE A 422 31.83 51.38 -8.00
N LEU A 423 31.70 52.45 -7.23
CA LEU A 423 30.41 53.14 -7.07
C LEU A 423 29.78 53.60 -8.40
N LEU A 424 30.58 53.97 -9.39
CA LEU A 424 30.02 54.38 -10.68
C LEU A 424 29.49 53.17 -11.43
N LYS A 425 30.24 52.07 -11.43
CA LYS A 425 29.71 50.84 -12.01
C LYS A 425 28.39 50.49 -11.33
N GLN A 426 28.40 50.56 -9.99
CA GLN A 426 27.21 50.27 -9.19
C GLN A 426 26.05 51.16 -9.59
N ALA A 427 26.31 52.44 -9.88
CA ALA A 427 25.23 53.36 -10.22
C ALA A 427 24.73 53.16 -11.64
N LEU A 428 25.66 52.91 -12.58
CA LEU A 428 25.30 52.53 -13.94
C LEU A 428 24.35 51.33 -13.92
N THR A 429 24.47 50.46 -12.91
CA THR A 429 23.62 49.28 -12.78
C THR A 429 22.34 49.55 -11.98
N ILE A 430 22.48 50.10 -10.78
CA ILE A 430 21.37 50.25 -9.86
C ILE A 430 20.56 51.49 -10.19
N VAL A 431 21.23 52.65 -10.27
CA VAL A 431 20.52 53.94 -10.38
C VAL A 431 19.93 54.05 -11.76
N GLY A 432 20.70 53.62 -12.77
CA GLY A 432 20.21 53.63 -14.14
C GLY A 432 18.87 52.95 -14.30
N THR A 433 18.74 51.72 -13.80
CA THR A 433 17.50 50.98 -13.99
C THR A 433 16.31 51.60 -13.27
N LEU A 434 16.54 52.45 -12.27
CA LEU A 434 15.45 52.99 -11.46
C LEU A 434 14.44 53.78 -12.29
N PRO A 435 14.80 54.90 -12.95
CA PRO A 435 13.79 55.63 -13.70
C PRO A 435 13.21 54.79 -14.81
N PHE A 436 14.05 53.95 -15.42
CA PHE A 436 13.59 52.99 -16.43
C PHE A 436 12.38 52.23 -15.93
N THR A 437 12.44 51.81 -14.66
CA THR A 437 11.52 50.84 -14.12
C THR A 437 10.25 51.54 -13.69
N TYR A 438 10.43 52.64 -12.97
CA TYR A 438 9.30 53.47 -12.62
C TYR A 438 8.52 53.88 -13.86
N MET A 439 9.23 54.15 -14.96
CA MET A 439 8.58 54.66 -16.16
C MET A 439 7.77 53.54 -16.83
N LEU A 440 8.43 52.43 -17.16
CA LEU A 440 7.73 51.32 -17.78
C LEU A 440 6.48 50.95 -17.02
N GLU A 441 6.61 50.78 -15.70
CA GLU A 441 5.42 50.37 -14.96
C GLU A 441 4.39 51.49 -14.87
N LYS A 442 4.80 52.77 -14.84
CA LYS A 442 3.78 53.82 -14.89
C LYS A 442 3.01 53.74 -16.20
N TRP A 443 3.71 53.43 -17.29
CA TRP A 443 3.05 53.34 -18.59
C TRP A 443 2.04 52.22 -18.61
N ARG A 444 2.40 51.05 -18.07
CA ARG A 444 1.43 49.96 -17.99
C ARG A 444 0.28 50.26 -17.06
N TRP A 445 0.58 50.86 -15.91
CA TRP A 445 -0.49 51.22 -14.98
C TRP A 445 -1.51 52.11 -15.67
N MET A 446 -1.04 53.12 -16.40
CA MET A 446 -1.96 53.93 -17.17
C MET A 446 -2.68 53.13 -18.24
N VAL A 447 -1.94 52.31 -19.00
CA VAL A 447 -2.62 51.56 -20.06
C VAL A 447 -3.82 50.86 -19.47
N PHE A 448 -3.58 50.12 -18.39
CA PHE A 448 -4.64 49.35 -17.75
C PHE A 448 -5.77 50.27 -17.25
N LYS A 449 -5.43 51.34 -16.50
CA LYS A 449 -6.45 52.31 -16.08
C LYS A 449 -7.29 52.84 -17.22
N GLY A 450 -6.77 52.82 -18.45
CA GLY A 450 -7.44 53.46 -19.56
C GLY A 450 -7.04 54.90 -19.82
N GLU A 451 -6.03 55.41 -19.11
CA GLU A 451 -5.70 56.81 -19.26
C GLU A 451 -4.97 57.09 -20.57
N ILE A 452 -4.42 56.04 -21.20
CA ILE A 452 -3.61 56.24 -22.45
C ILE A 452 -4.26 55.46 -23.59
N PRO A 453 -4.99 56.13 -24.51
CA PRO A 453 -5.69 55.42 -25.57
C PRO A 453 -4.74 54.74 -26.56
N LYS A 454 -5.22 53.72 -27.26
CA LYS A 454 -4.34 52.96 -28.20
C LYS A 454 -3.79 53.89 -29.27
N ASP A 455 -4.57 54.89 -29.67
CA ASP A 455 -4.15 55.83 -30.74
C ASP A 455 -2.94 56.65 -30.28
N GLN A 456 -2.50 56.47 -29.03
CA GLN A 456 -1.40 57.29 -28.47
C GLN A 456 -0.55 56.39 -27.58
N TRP A 457 -0.70 55.08 -27.73
CA TRP A 457 0.02 54.12 -26.87
C TRP A 457 1.53 54.34 -26.98
N MET A 458 2.06 54.39 -28.19
CA MET A 458 3.53 54.57 -28.40
C MET A 458 3.86 56.05 -28.21
N LYS A 459 3.00 56.95 -28.68
CA LYS A 459 3.27 58.36 -28.45
C LYS A 459 3.49 58.60 -26.97
N LYS A 460 2.52 58.18 -26.14
CA LYS A 460 2.65 58.41 -24.71
C LYS A 460 3.88 57.73 -24.17
N TRP A 461 4.13 56.51 -24.65
CA TRP A 461 5.33 55.79 -24.27
C TRP A 461 6.58 56.66 -24.44
N TRP A 462 6.81 57.12 -25.67
CA TRP A 462 8.07 57.80 -25.89
C TRP A 462 8.10 59.19 -25.31
N GLU A 463 6.94 59.76 -24.96
CA GLU A 463 6.95 61.01 -24.23
C GLU A 463 7.59 60.77 -22.86
N MET A 464 7.20 59.65 -22.25
CA MET A 464 7.63 59.30 -20.91
C MET A 464 9.12 58.95 -20.89
N LYS A 465 9.58 58.08 -21.79
CA LYS A 465 11.01 57.93 -21.98
C LYS A 465 11.75 59.27 -22.01
N ARG A 466 11.24 60.25 -22.78
CA ARG A 466 11.95 61.52 -22.81
C ARG A 466 11.83 62.24 -21.47
N GLU A 467 10.60 62.32 -20.95
CA GLU A 467 10.37 63.20 -19.82
C GLU A 467 11.00 62.64 -18.55
N ILE A 468 10.75 61.35 -18.27
CA ILE A 468 11.12 60.69 -17.01
C ILE A 468 12.54 60.14 -17.10
N VAL A 469 12.77 59.30 -18.10
CA VAL A 469 14.04 58.60 -18.26
C VAL A 469 15.11 59.49 -18.83
N GLY A 470 14.75 60.46 -19.67
CA GLY A 470 15.79 61.22 -20.31
C GLY A 470 16.45 60.41 -21.41
N VAL A 471 15.64 59.66 -22.14
CA VAL A 471 16.10 58.80 -23.23
C VAL A 471 15.16 59.03 -24.41
N VAL A 472 15.72 59.01 -25.63
CA VAL A 472 14.96 59.35 -26.84
C VAL A 472 15.12 58.29 -27.93
N GLU A 473 14.01 58.00 -28.62
CA GLU A 473 13.99 56.99 -29.66
C GLU A 473 14.71 57.52 -30.89
N PRO A 474 15.60 56.75 -31.51
CA PRO A 474 16.27 57.21 -32.74
C PRO A 474 15.47 57.01 -34.03
N VAL A 475 14.24 56.51 -33.98
CA VAL A 475 13.38 56.39 -35.15
C VAL A 475 11.95 56.67 -34.73
N PRO A 476 11.16 57.44 -35.47
CA PRO A 476 9.75 57.62 -35.07
C PRO A 476 8.96 56.34 -35.27
N HIS A 477 8.26 55.94 -34.21
CA HIS A 477 7.52 54.65 -34.26
C HIS A 477 6.02 54.91 -34.26
N ASP A 478 5.34 54.49 -35.33
CA ASP A 478 3.88 54.65 -35.41
C ASP A 478 3.24 53.62 -34.50
N GLU A 479 1.91 53.60 -34.45
CA GLU A 479 1.20 52.65 -33.57
C GLU A 479 1.34 51.23 -34.11
N THR A 480 2.06 51.01 -35.22
CA THR A 480 2.13 49.59 -35.64
C THR A 480 3.16 48.98 -34.69
N TYR A 481 3.84 49.85 -33.92
CA TYR A 481 4.85 49.30 -33.03
C TYR A 481 4.27 48.91 -31.68
N CYS A 482 5.08 48.16 -30.92
CA CYS A 482 4.78 47.88 -29.54
C CYS A 482 6.11 47.71 -28.81
N ASP A 483 6.82 48.82 -28.63
CA ASP A 483 8.11 48.73 -27.95
C ASP A 483 8.04 48.26 -26.51
N PRO A 484 7.07 48.68 -25.67
CA PRO A 484 6.93 48.04 -24.36
C PRO A 484 7.12 46.53 -24.42
N ALA A 485 6.26 45.89 -25.20
CA ALA A 485 6.18 44.44 -25.33
C ALA A 485 7.43 43.79 -25.91
N SER A 486 8.45 44.59 -26.23
CA SER A 486 9.67 44.00 -26.77
C SER A 486 10.62 43.58 -25.66
N LEU A 487 10.28 43.87 -24.41
CA LEU A 487 11.08 43.45 -23.27
C LEU A 487 10.39 42.24 -22.64
N PHE A 488 11.21 41.30 -22.17
CA PHE A 488 10.69 40.00 -21.74
C PHE A 488 9.55 40.15 -20.75
N HIS A 489 9.78 40.91 -19.68
CA HIS A 489 8.82 40.98 -18.59
C HIS A 489 7.47 41.50 -19.09
N VAL A 490 7.48 42.36 -20.10
CA VAL A 490 6.23 42.95 -20.56
C VAL A 490 5.40 41.92 -21.30
N SER A 491 6.01 41.26 -22.28
CA SER A 491 5.38 40.24 -23.12
C SER A 491 5.25 38.90 -22.43
N ASN A 492 5.62 38.80 -21.17
CA ASN A 492 5.44 37.56 -20.44
C ASN A 492 4.65 37.79 -19.16
N ASP A 493 4.01 38.95 -19.03
CA ASP A 493 3.01 39.19 -18.00
C ASP A 493 3.60 39.03 -16.61
N TYR A 494 4.73 39.72 -16.37
CA TYR A 494 5.36 39.83 -15.06
C TYR A 494 5.27 41.26 -14.51
N SER A 495 4.83 41.40 -13.25
CA SER A 495 4.81 42.76 -12.73
C SER A 495 6.25 43.26 -12.66
N PHE A 496 6.45 44.54 -12.96
CA PHE A 496 7.78 45.09 -13.00
C PHE A 496 8.19 45.94 -11.80
N ILE A 497 7.24 46.57 -11.09
CA ILE A 497 7.64 47.52 -10.02
C ILE A 497 8.45 46.82 -8.91
N ARG A 498 8.37 45.48 -8.80
CA ARG A 498 9.12 44.77 -7.77
C ARG A 498 10.61 45.09 -7.84
N TYR A 499 11.13 45.51 -9.01
CA TYR A 499 12.55 45.86 -9.12
C TYR A 499 12.86 47.21 -8.52
N TYR A 500 11.93 48.15 -8.65
CA TYR A 500 12.10 49.45 -7.99
C TYR A 500 12.12 49.31 -6.46
N THR A 501 11.09 48.66 -5.89
CA THR A 501 10.98 48.44 -4.45
C THR A 501 12.07 47.52 -3.91
N ARG A 502 12.43 46.46 -4.64
CA ARG A 502 13.57 45.64 -4.20
C ARG A 502 14.81 46.50 -4.07
N THR A 503 15.08 47.33 -5.09
CA THR A 503 16.27 48.17 -5.06
C THR A 503 16.26 49.11 -3.85
N LEU A 504 15.11 49.69 -3.49
CA LEU A 504 15.12 50.55 -2.30
C LEU A 504 15.19 49.79 -0.99
N TYR A 505 14.52 48.64 -0.87
CA TYR A 505 14.64 47.85 0.35
C TYR A 505 16.10 47.45 0.59
N GLN A 506 16.74 46.86 -0.42
CA GLN A 506 18.05 46.28 -0.18
C GLN A 506 18.98 47.27 0.50
N PHE A 507 18.85 48.56 0.20
CA PHE A 507 19.69 49.47 0.95
C PHE A 507 19.09 49.72 2.31
N GLN A 508 17.77 49.79 2.43
CA GLN A 508 17.20 50.01 3.76
C GLN A 508 17.74 48.94 4.69
N PHE A 509 17.86 47.71 4.20
CA PHE A 509 18.36 46.60 5.03
C PHE A 509 19.85 46.80 5.29
N GLN A 510 20.65 46.74 4.23
CA GLN A 510 22.12 46.82 4.46
C GLN A 510 22.38 47.95 5.45
N GLU A 511 21.82 49.13 5.23
CA GLU A 511 22.16 50.15 6.20
C GLU A 511 21.83 49.71 7.61
N ALA A 512 20.65 49.09 7.79
CA ALA A 512 20.27 48.64 9.13
C ALA A 512 21.23 47.56 9.66
N LEU A 513 21.57 46.58 8.81
CA LEU A 513 22.47 45.52 9.25
C LEU A 513 23.86 46.06 9.56
N CYS A 514 24.37 46.99 8.75
CA CYS A 514 25.70 47.50 9.03
C CYS A 514 25.69 48.29 10.34
N GLN A 515 24.61 49.03 10.62
CA GLN A 515 24.51 49.62 11.96
C GLN A 515 24.52 48.56 13.03
N ALA A 516 23.81 47.45 12.79
CA ALA A 516 23.86 46.33 13.74
C ALA A 516 25.26 45.73 13.83
N ALA A 517 26.02 45.83 12.76
CA ALA A 517 27.39 45.31 12.75
C ALA A 517 28.41 46.30 13.30
N LYS A 518 27.99 47.50 13.70
CA LYS A 518 28.90 48.57 14.10
C LYS A 518 29.96 48.85 13.05
N HIS A 519 29.51 49.13 11.83
CA HIS A 519 30.42 49.42 10.73
C HIS A 519 30.82 50.88 10.80
N GLU A 520 32.10 51.15 10.54
CA GLU A 520 32.58 52.52 10.41
C GLU A 520 32.85 52.79 8.95
N GLY A 521 32.61 54.01 8.52
CA GLY A 521 32.97 54.43 7.18
C GLY A 521 31.80 54.62 6.25
N PRO A 522 32.08 54.66 4.95
CA PRO A 522 30.99 54.72 3.97
C PRO A 522 30.29 53.37 3.92
N LEU A 523 28.99 53.44 3.63
CA LEU A 523 28.15 52.24 3.69
C LEU A 523 28.51 51.20 2.62
N HIS A 524 29.14 51.62 1.52
CA HIS A 524 29.37 50.71 0.40
C HIS A 524 30.50 49.72 0.61
N LYS A 525 31.34 49.98 1.61
CA LYS A 525 32.45 49.12 1.99
C LYS A 525 32.06 48.08 3.04
N CYS A 526 30.81 48.07 3.49
CA CYS A 526 30.47 47.30 4.69
C CYS A 526 30.28 45.83 4.39
N ASP A 527 30.95 44.98 5.17
CA ASP A 527 30.76 43.54 5.12
C ASP A 527 30.27 43.09 6.49
N ILE A 528 29.03 42.58 6.53
CA ILE A 528 28.33 42.12 7.74
C ILE A 528 28.83 40.79 8.28
N SER A 529 29.81 40.16 7.61
CA SER A 529 30.34 38.90 8.08
C SER A 529 30.73 38.95 9.54
N ASN A 530 30.55 37.83 10.22
CA ASN A 530 30.99 37.72 11.59
C ASN A 530 30.19 38.67 12.48
N SER A 531 28.89 38.82 12.24
CA SER A 531 28.13 39.69 13.14
C SER A 531 26.78 39.06 13.44
N THR A 532 26.73 38.32 14.54
CA THR A 532 25.51 37.60 14.87
C THR A 532 24.35 38.56 15.18
N GLU A 533 24.62 39.73 15.78
CA GLU A 533 23.56 40.71 15.94
C GLU A 533 22.92 41.05 14.60
N ALA A 534 23.72 41.05 13.52
CA ALA A 534 23.20 41.35 12.18
C ALA A 534 22.38 40.18 11.64
N GLY A 535 22.92 38.96 11.71
CA GLY A 535 22.14 37.81 11.29
C GLY A 535 20.85 37.68 12.07
N GLN A 536 20.89 37.99 13.36
CA GLN A 536 19.71 37.89 14.21
C GLN A 536 18.65 38.91 13.82
N LYS A 537 19.06 40.18 13.63
CA LYS A 537 18.14 41.23 13.19
C LYS A 537 17.48 40.83 11.88
N LEU A 538 18.29 40.46 10.90
CA LEU A 538 17.75 39.92 9.64
C LEU A 538 16.79 38.76 9.85
N PHE A 539 17.25 37.72 10.58
CA PHE A 539 16.49 36.48 10.75
C PHE A 539 15.11 36.72 11.32
N ASN A 540 15.00 37.65 12.26
CA ASN A 540 13.71 37.90 12.88
C ASN A 540 12.65 38.34 11.86
N MET A 541 13.07 38.86 10.71
CA MET A 541 12.18 39.13 9.60
C MET A 541 12.12 37.99 8.59
N LEU A 542 13.25 37.33 8.38
CA LEU A 542 13.23 36.14 7.52
C LEU A 542 12.19 35.13 7.99
N ARG A 543 12.28 34.73 9.27
CA ARG A 543 11.42 33.71 9.85
C ARG A 543 9.95 33.99 9.62
N LEU A 544 9.58 35.23 9.28
CA LEU A 544 8.17 35.62 9.25
C LEU A 544 7.40 35.06 8.06
N GLY A 545 8.07 34.71 6.97
CA GLY A 545 7.28 34.38 5.79
C GLY A 545 6.56 35.62 5.34
N LYS A 546 5.33 35.45 4.85
CA LYS A 546 4.47 36.60 4.62
C LYS A 546 3.33 36.63 5.62
N SER A 547 3.56 36.08 6.82
CA SER A 547 2.57 35.96 7.87
C SER A 547 2.29 37.25 8.63
N GLU A 548 3.20 38.23 8.59
CA GLU A 548 2.98 39.58 9.09
C GLU A 548 2.97 40.59 7.95
N PRO A 549 2.37 41.78 8.15
CA PRO A 549 2.32 42.78 7.10
C PRO A 549 3.72 43.24 6.71
N TRP A 550 3.92 43.45 5.39
CA TRP A 550 5.27 43.76 4.92
C TRP A 550 5.82 45.01 5.59
N THR A 551 4.92 45.86 6.09
CA THR A 551 5.35 47.03 6.84
C THR A 551 6.01 46.64 8.16
N LEU A 552 5.36 45.77 8.94
CA LEU A 552 5.99 45.27 10.15
C LEU A 552 7.25 44.47 9.87
N ALA A 553 7.22 43.64 8.83
CA ALA A 553 8.41 42.89 8.44
C ALA A 553 9.59 43.82 8.25
N LEU A 554 9.34 44.92 7.53
CA LEU A 554 10.40 45.89 7.24
C LEU A 554 10.89 46.54 8.54
N GLU A 555 9.96 47.02 9.36
CA GLU A 555 10.31 47.60 10.65
C GLU A 555 11.10 46.62 11.54
N ASN A 556 10.95 45.31 11.32
CA ASN A 556 11.73 44.36 12.12
C ASN A 556 13.22 44.48 11.84
N VAL A 557 13.59 44.85 10.61
CA VAL A 557 14.98 44.98 10.21
C VAL A 557 15.50 46.41 10.39
N VAL A 558 14.70 47.40 9.96
CA VAL A 558 15.15 48.77 9.74
C VAL A 558 14.46 49.79 10.64
N GLY A 559 13.50 49.39 11.45
CA GLY A 559 12.89 50.28 12.42
C GLY A 559 12.00 51.32 11.82
N ALA A 560 11.43 51.07 10.65
CA ALA A 560 10.55 51.98 9.95
C ALA A 560 9.58 51.18 9.10
N LYS A 561 8.36 51.64 8.98
CA LYS A 561 7.32 50.81 8.40
C LYS A 561 7.20 50.99 6.91
N ASN A 562 7.96 51.89 6.32
CA ASN A 562 7.74 52.15 4.87
C ASN A 562 9.04 52.31 4.09
N MET A 563 8.92 52.28 2.77
CA MET A 563 10.10 52.41 1.89
C MET A 563 10.78 53.75 2.16
N ASN A 564 12.04 53.87 1.73
CA ASN A 564 12.79 55.13 1.96
C ASN A 564 14.04 55.14 1.07
N VAL A 565 14.16 56.15 0.21
CA VAL A 565 15.35 56.28 -0.61
C VAL A 565 16.59 56.78 0.11
N ARG A 566 16.45 57.33 1.31
CA ARG A 566 17.59 57.97 1.94
C ARG A 566 18.78 57.02 2.03
N PRO A 567 18.61 55.72 2.33
CA PRO A 567 19.77 54.81 2.36
C PRO A 567 20.39 54.56 1.00
N LEU A 568 19.59 54.44 -0.05
CA LEU A 568 20.11 54.55 -1.42
C LEU A 568 21.03 55.75 -1.59
N LEU A 569 20.47 56.95 -1.42
CA LEU A 569 21.21 58.18 -1.54
C LEU A 569 22.48 58.15 -0.71
N ASN A 570 22.38 57.63 0.49
CA ASN A 570 23.55 57.65 1.34
C ASN A 570 24.61 56.69 0.80
N TYR A 571 24.21 55.49 0.36
CA TYR A 571 25.14 54.55 -0.26
C TYR A 571 25.91 55.22 -1.39
N PHE A 572 25.22 56.03 -2.20
CA PHE A 572 25.84 56.60 -3.39
C PHE A 572 26.41 58.00 -3.20
N GLU A 573 26.30 58.58 -2.01
CA GLU A 573 26.63 59.99 -1.83
C GLU A 573 28.07 60.39 -2.21
N PRO A 574 29.11 59.59 -1.95
CA PRO A 574 30.42 59.89 -2.56
C PRO A 574 30.35 60.11 -4.08
N LEU A 575 29.71 59.18 -4.77
CA LEU A 575 29.58 59.30 -6.21
C LEU A 575 28.74 60.50 -6.57
N PHE A 576 27.76 60.82 -5.73
CA PHE A 576 26.94 62.00 -5.94
C PHE A 576 27.79 63.26 -6.00
N THR A 577 28.59 63.51 -4.94
CA THR A 577 29.32 64.77 -4.88
C THR A 577 30.46 64.81 -5.89
N TRP A 578 31.07 63.67 -6.22
CA TRP A 578 32.02 63.67 -7.32
C TRP A 578 31.36 63.98 -8.66
N LEU A 579 30.17 63.44 -8.92
CA LEU A 579 29.44 63.80 -10.13
C LEU A 579 29.13 65.28 -10.15
N LYS A 580 28.69 65.81 -9.01
CA LYS A 580 28.30 67.21 -8.98
C LYS A 580 29.50 68.10 -9.29
N ASP A 581 30.68 67.77 -8.76
CA ASP A 581 31.88 68.47 -9.21
C ASP A 581 32.05 68.32 -10.73
N GLN A 582 32.00 67.09 -11.21
CA GLN A 582 32.33 66.83 -12.61
C GLN A 582 31.35 67.49 -13.54
N ASN A 583 30.18 67.93 -13.05
CA ASN A 583 29.14 68.54 -13.89
C ASN A 583 28.98 70.05 -13.70
N LYS A 584 29.99 70.73 -13.18
CA LYS A 584 30.03 72.19 -13.21
C LYS A 584 29.94 72.73 -14.64
N ASN A 585 30.67 72.12 -15.55
CA ASN A 585 30.88 72.63 -16.90
C ASN A 585 29.87 72.06 -17.85
N SER A 586 28.83 71.46 -17.33
CA SER A 586 27.98 70.58 -18.08
C SER A 586 26.55 71.00 -17.84
N PHE A 587 25.68 70.55 -18.73
CA PHE A 587 24.27 70.82 -18.59
C PHE A 587 23.57 69.63 -17.97
N VAL A 588 22.92 69.87 -16.84
CA VAL A 588 22.37 68.82 -16.00
C VAL A 588 20.87 68.80 -16.17
N GLY A 589 20.34 67.69 -16.64
CA GLY A 589 18.94 67.56 -17.02
C GLY A 589 18.86 67.50 -18.54
N TRP A 590 17.64 67.46 -19.06
CA TRP A 590 17.51 67.27 -20.50
C TRP A 590 16.28 67.92 -21.11
N SER A 591 16.44 68.47 -22.30
CA SER A 591 15.28 68.95 -23.04
C SER A 591 14.58 67.78 -23.72
N THR A 592 13.26 67.78 -23.67
CA THR A 592 12.51 66.63 -24.16
C THR A 592 12.36 66.62 -25.67
N ASP A 593 12.76 67.66 -26.41
CA ASP A 593 12.33 67.75 -27.80
C ASP A 593 13.43 67.51 -28.83
N TRP A 594 14.70 67.43 -28.44
CA TRP A 594 15.74 67.00 -29.37
C TRP A 594 15.61 65.52 -29.71
N SER A 595 16.11 65.14 -30.88
CA SER A 595 16.11 63.74 -31.29
C SER A 595 17.10 63.57 -32.43
N PRO A 596 17.65 62.37 -32.61
CA PRO A 596 18.59 62.18 -33.72
C PRO A 596 17.96 62.29 -35.09
N TYR A 597 16.64 62.26 -35.23
CA TYR A 597 16.08 62.25 -36.59
C TYR A 597 15.45 63.58 -37.06
N ALA A 598 15.02 64.44 -36.15
CA ALA A 598 14.54 65.76 -36.56
C ALA A 598 15.72 66.66 -36.84
N THR B 1 34.15 -52.33 39.70
CA THR B 1 33.95 -50.89 39.85
C THR B 1 33.92 -50.22 38.50
N ASN B 2 33.76 -51.03 37.45
CA ASN B 2 33.72 -50.51 36.10
C ASN B 2 32.40 -49.75 35.90
N LEU B 3 32.44 -48.65 35.14
CA LEU B 3 31.22 -47.89 34.88
C LEU B 3 30.30 -48.66 33.93
N CYS B 4 29.05 -48.80 34.36
CA CYS B 4 28.07 -49.59 33.57
C CYS B 4 28.03 -49.03 32.16
N PRO B 5 28.06 -49.89 31.12
CA PRO B 5 28.13 -49.41 29.76
C PRO B 5 26.76 -48.91 29.31
N PHE B 6 26.28 -47.87 29.98
CA PHE B 6 24.99 -47.27 29.57
C PHE B 6 25.20 -46.53 28.27
N ASP B 7 26.13 -45.57 28.27
CA ASP B 7 26.29 -44.70 27.08
C ASP B 7 26.12 -45.53 25.82
N GLU B 8 26.72 -46.70 25.77
CA GLU B 8 26.67 -47.47 24.52
C GLU B 8 25.21 -47.71 24.16
N VAL B 9 24.37 -47.97 25.15
CA VAL B 9 22.95 -48.31 24.88
C VAL B 9 22.15 -47.07 24.49
N PHE B 10 22.55 -45.87 24.93
CA PHE B 10 21.73 -44.70 24.75
C PHE B 10 22.22 -43.84 23.58
N ASN B 11 23.53 -43.61 23.51
CA ASN B 11 24.15 -42.96 22.36
C ASN B 11 24.74 -44.00 21.43
N ALA B 12 23.97 -45.06 21.17
CA ALA B 12 24.30 -46.07 20.16
C ALA B 12 23.79 -45.65 18.78
N THR B 13 24.56 -45.99 17.74
CA THR B 13 24.24 -45.48 16.41
C THR B 13 23.00 -46.15 15.83
N ARG B 14 22.87 -47.47 15.98
CA ARG B 14 21.65 -48.17 15.59
C ARG B 14 20.88 -48.67 16.78
N PHE B 15 19.58 -48.80 16.58
CA PHE B 15 18.67 -49.37 17.55
C PHE B 15 17.98 -50.52 16.85
N ALA B 16 17.70 -51.57 17.58
CA ALA B 16 16.97 -52.67 16.97
C ALA B 16 15.58 -52.20 16.61
N SER B 17 14.93 -52.89 15.66
CA SER B 17 13.53 -52.55 15.48
C SER B 17 12.73 -53.44 16.41
N VAL B 18 11.54 -52.96 16.78
CA VAL B 18 10.93 -53.37 18.03
C VAL B 18 10.64 -54.86 18.04
N TYR B 19 10.17 -55.41 16.92
CA TYR B 19 9.84 -56.84 16.91
C TYR B 19 11.00 -57.72 17.30
N ALA B 20 12.23 -57.30 16.99
CA ALA B 20 13.45 -58.00 17.37
C ALA B 20 14.30 -57.18 18.34
N TRP B 21 13.64 -56.55 19.32
CA TRP B 21 14.30 -55.64 20.27
C TRP B 21 15.55 -56.25 20.87
N ASN B 22 16.55 -55.45 21.24
CA ASN B 22 17.63 -56.25 21.79
C ASN B 22 17.84 -55.88 23.24
N ARG B 23 18.40 -56.84 23.94
CA ARG B 23 18.48 -56.79 25.38
C ARG B 23 19.93 -56.97 25.71
N LYS B 24 20.41 -56.16 26.63
CA LYS B 24 21.81 -56.13 26.98
C LYS B 24 21.82 -56.38 28.47
N ARG B 25 22.62 -57.37 28.89
CA ARG B 25 22.75 -57.73 30.30
C ARG B 25 23.70 -56.76 30.96
N ILE B 26 23.16 -55.78 31.68
CA ILE B 26 23.94 -54.82 32.43
C ILE B 26 24.18 -55.47 33.78
N SER B 27 25.45 -55.77 34.08
CA SER B 27 25.76 -56.61 35.21
C SER B 27 27.25 -56.53 35.49
N ASN B 28 27.62 -56.60 36.77
CA ASN B 28 29.01 -56.56 37.25
C ASN B 28 29.68 -55.23 36.87
N CYS B 29 29.17 -54.17 37.47
CA CYS B 29 29.43 -52.82 37.04
C CYS B 29 28.68 -51.86 37.96
N VAL B 30 29.20 -50.64 38.08
CA VAL B 30 28.59 -49.59 38.90
C VAL B 30 28.02 -48.52 37.97
N ALA B 31 26.83 -48.01 38.30
CA ALA B 31 25.97 -47.36 37.31
C ALA B 31 25.86 -45.85 37.47
N ASP B 32 25.57 -45.21 36.33
CA ASP B 32 25.53 -43.75 36.22
C ASP B 32 24.12 -43.21 36.02
N TYR B 33 23.08 -43.96 36.41
CA TYR B 33 21.73 -43.36 36.44
C TYR B 33 21.58 -42.27 37.48
N SER B 34 22.65 -41.94 38.22
CA SER B 34 22.62 -40.72 39.00
C SER B 34 22.51 -39.50 38.10
N VAL B 35 23.45 -39.35 37.16
CA VAL B 35 23.56 -38.14 36.37
C VAL B 35 23.08 -38.33 34.92
N LEU B 36 22.75 -39.54 34.50
CA LEU B 36 22.09 -39.64 33.21
C LEU B 36 20.61 -39.31 33.28
N TYR B 37 20.03 -39.25 34.48
CA TYR B 37 18.66 -38.79 34.62
C TYR B 37 18.48 -37.31 34.29
N ASN B 38 19.60 -36.59 34.19
CA ASN B 38 19.51 -35.12 33.97
C ASN B 38 19.72 -34.81 32.48
N PHE B 39 19.93 -35.86 31.67
CA PHE B 39 20.03 -35.64 30.20
C PHE B 39 18.75 -34.97 29.76
N ALA B 40 17.61 -35.56 30.13
CA ALA B 40 16.29 -34.97 29.85
C ALA B 40 16.10 -34.51 28.40
N PRO B 41 16.59 -35.20 27.35
CA PRO B 41 16.24 -34.86 25.98
C PRO B 41 15.15 -35.90 25.83
N PHE B 42 14.52 -36.32 26.95
CA PHE B 42 13.54 -37.43 26.93
C PHE B 42 12.10 -36.95 26.82
N PHE B 43 11.43 -37.36 25.75
CA PHE B 43 10.00 -37.07 25.56
C PHE B 43 9.11 -38.09 26.28
N THR B 44 9.72 -38.94 27.14
CA THR B 44 9.04 -39.70 28.20
C THR B 44 10.09 -40.38 29.08
N PHE B 45 10.27 -39.94 30.31
CA PHE B 45 11.15 -40.61 31.26
C PHE B 45 10.27 -41.07 32.42
N LYS B 46 9.57 -42.18 32.24
CA LYS B 46 8.59 -42.61 33.24
C LYS B 46 9.09 -43.84 33.97
N CYS B 47 9.31 -43.69 35.27
CA CYS B 47 9.98 -44.69 36.10
C CYS B 47 9.02 -45.49 36.97
N TYR B 48 8.53 -46.62 36.45
CA TYR B 48 7.73 -47.59 37.21
C TYR B 48 8.70 -48.42 38.05
N GLY B 49 8.30 -48.86 39.24
CA GLY B 49 9.13 -49.72 40.09
C GLY B 49 10.28 -49.14 40.97
N VAL B 50 10.94 -48.08 40.49
CA VAL B 50 12.08 -47.49 41.26
C VAL B 50 12.04 -45.96 41.19
N SER B 51 12.90 -45.27 41.93
CA SER B 51 12.98 -43.78 41.88
C SER B 51 14.37 -43.38 41.41
N PRO B 52 14.53 -42.34 40.56
CA PRO B 52 15.84 -41.99 39.98
C PRO B 52 16.94 -41.80 41.03
N THR B 53 16.66 -41.06 42.11
CA THR B 53 17.67 -40.88 43.17
C THR B 53 17.87 -42.20 43.90
N LYS B 54 16.76 -42.85 44.24
CA LYS B 54 16.80 -44.13 44.99
C LYS B 54 17.45 -45.24 44.17
N LEU B 55 17.32 -45.16 42.86
CA LEU B 55 17.86 -46.23 41.98
C LEU B 55 19.33 -46.31 42.29
N ASN B 56 19.89 -45.21 42.80
CA ASN B 56 21.35 -45.11 43.02
C ASN B 56 21.70 -45.50 44.45
N ASP B 57 20.70 -45.63 45.30
CA ASP B 57 21.00 -46.09 46.67
C ASP B 57 20.44 -47.49 46.74
N LEU B 58 20.69 -48.29 45.70
CA LEU B 58 20.09 -49.65 45.64
C LEU B 58 20.84 -50.52 44.63
N CYS B 59 21.37 -51.67 45.05
CA CYS B 59 21.93 -52.60 44.09
C CYS B 59 20.91 -53.64 43.67
N PHE B 60 21.14 -54.22 42.50
CA PHE B 60 20.25 -55.22 41.94
C PHE B 60 21.05 -56.40 41.43
N THR B 61 20.33 -57.47 41.08
CA THR B 61 20.96 -58.73 40.73
C THR B 61 21.28 -58.88 39.24
N ASN B 62 20.41 -58.44 38.34
CA ASN B 62 20.74 -58.40 36.92
C ASN B 62 19.90 -57.29 36.29
N VAL B 63 20.54 -56.21 35.85
CA VAL B 63 19.81 -55.21 35.11
C VAL B 63 19.74 -55.60 33.64
N TYR B 64 18.63 -55.27 33.00
CA TYR B 64 18.39 -55.60 31.60
C TYR B 64 18.06 -54.31 30.84
N ALA B 65 18.95 -53.87 29.97
CA ALA B 65 18.67 -52.69 29.16
C ALA B 65 18.23 -53.17 27.78
N ASP B 66 16.91 -53.16 27.55
CA ASP B 66 16.30 -53.45 26.25
C ASP B 66 16.13 -52.15 25.48
N SER B 67 16.53 -52.12 24.22
CA SER B 67 16.33 -50.95 23.38
C SER B 67 15.70 -51.34 22.04
N PHE B 68 14.90 -50.43 21.49
CA PHE B 68 14.27 -50.61 20.17
C PHE B 68 13.72 -49.26 19.73
N VAL B 69 12.95 -49.27 18.64
CA VAL B 69 12.41 -47.99 18.10
C VAL B 69 10.91 -48.13 17.87
N ILE B 70 10.18 -47.05 18.03
CA ILE B 70 8.72 -47.06 17.84
C ILE B 70 8.32 -45.62 17.55
N ARG B 71 7.05 -45.41 17.18
CA ARG B 71 6.56 -44.04 16.84
C ARG B 71 5.84 -43.48 18.05
N GLY B 72 5.42 -42.21 17.96
CA GLY B 72 4.67 -41.65 19.08
C GLY B 72 3.55 -42.48 19.69
N ASN B 73 2.54 -42.83 18.89
CA ASN B 73 1.37 -43.54 19.41
C ASN B 73 1.77 -44.84 20.14
N GLU B 74 2.85 -45.49 19.67
CA GLU B 74 3.42 -46.69 20.30
C GLU B 74 3.94 -46.45 21.72
N VAL B 75 4.69 -45.38 21.96
CA VAL B 75 5.34 -45.22 23.30
C VAL B 75 4.34 -45.48 24.43
N SER B 76 3.07 -45.11 24.23
CA SER B 76 2.06 -45.23 25.31
C SER B 76 1.87 -46.69 25.72
N GLN B 77 2.45 -47.62 24.96
CA GLN B 77 2.26 -49.06 25.25
C GLN B 77 3.52 -49.59 25.91
N ILE B 78 4.57 -48.79 26.01
CA ILE B 78 5.75 -49.40 26.59
C ILE B 78 5.58 -49.12 28.07
N ALA B 79 4.66 -49.83 28.69
CA ALA B 79 4.14 -49.50 30.00
C ALA B 79 3.36 -50.69 30.54
N PRO B 80 3.31 -50.87 31.85
CA PRO B 80 2.69 -52.08 32.39
C PRO B 80 1.20 -52.06 32.19
N GLY B 81 0.67 -53.16 31.67
CA GLY B 81 -0.75 -53.34 31.54
C GLY B 81 -1.37 -52.73 30.32
N GLN B 82 -0.59 -52.05 29.49
CA GLN B 82 -1.06 -51.55 28.22
C GLN B 82 -1.12 -52.69 27.20
N THR B 83 -2.23 -52.82 26.51
CA THR B 83 -2.25 -53.64 25.30
C THR B 83 -2.67 -52.71 24.17
N GLY B 84 -1.69 -52.22 23.43
CA GLY B 84 -1.94 -51.79 22.09
C GLY B 84 -1.67 -52.89 21.09
N ASN B 85 -0.77 -52.62 20.15
CA ASN B 85 -0.39 -53.46 19.03
C ASN B 85 1.05 -53.90 19.16
N ILE B 86 1.86 -53.02 19.73
CA ILE B 86 3.30 -53.37 19.94
C ILE B 86 3.34 -54.27 21.17
N ALA B 87 2.60 -53.89 22.21
CA ALA B 87 2.61 -54.67 23.46
C ALA B 87 2.05 -56.07 23.23
N ASP B 88 1.00 -56.19 22.43
CA ASP B 88 0.35 -57.51 22.31
C ASP B 88 1.17 -58.41 21.38
N TYR B 89 1.90 -57.85 20.43
CA TYR B 89 2.62 -58.69 19.45
C TYR B 89 4.10 -58.32 19.28
N ASN B 90 4.65 -57.42 20.08
CA ASN B 90 6.05 -56.99 19.83
C ASN B 90 6.90 -56.93 21.11
N TYR B 91 6.56 -56.11 22.11
CA TYR B 91 7.37 -55.99 23.34
C TYR B 91 6.44 -55.70 24.53
N LYS B 92 6.02 -56.74 25.24
CA LYS B 92 5.06 -56.57 26.32
C LYS B 92 5.81 -56.57 27.64
N LEU B 93 5.58 -55.55 28.44
CA LEU B 93 6.02 -55.45 29.82
C LEU B 93 5.07 -56.20 30.74
N PRO B 94 5.52 -56.57 31.93
CA PRO B 94 4.68 -57.37 32.81
C PRO B 94 3.86 -56.44 33.67
N ASP B 95 2.75 -56.96 34.18
CA ASP B 95 1.94 -56.12 35.03
C ASP B 95 2.71 -55.73 36.28
N ASP B 96 3.57 -56.62 36.79
CA ASP B 96 4.33 -56.40 38.01
C ASP B 96 5.68 -55.74 37.74
N PHE B 97 5.79 -54.95 36.68
CA PHE B 97 7.04 -54.28 36.30
C PHE B 97 7.67 -53.43 37.38
N THR B 98 9.00 -53.42 37.37
CA THR B 98 9.79 -52.63 38.28
C THR B 98 11.06 -52.17 37.57
N GLY B 99 10.92 -51.25 36.63
CA GLY B 99 12.07 -50.58 36.05
C GLY B 99 11.70 -49.27 35.37
N CYS B 100 12.67 -48.65 34.75
CA CYS B 100 12.41 -47.41 34.05
C CYS B 100 12.13 -47.59 32.56
N VAL B 101 11.29 -46.70 32.00
CA VAL B 101 11.08 -46.63 30.56
C VAL B 101 11.49 -45.24 30.10
N ILE B 102 12.39 -45.16 29.12
CA ILE B 102 13.02 -43.92 28.69
C ILE B 102 12.86 -43.80 27.18
N ALA B 103 12.35 -42.66 26.70
CA ALA B 103 12.04 -42.49 25.28
C ALA B 103 12.39 -41.09 24.84
N TRP B 104 13.04 -40.97 23.68
CA TRP B 104 13.29 -39.65 23.12
C TRP B 104 12.97 -39.65 21.61
N ASN B 105 12.90 -38.47 21.00
CA ASN B 105 12.54 -38.38 19.56
C ASN B 105 13.79 -38.60 18.72
N SER B 106 13.69 -39.35 17.61
CA SER B 106 14.88 -39.67 16.79
C SER B 106 14.67 -39.25 15.35
N ASN B 107 13.74 -38.33 15.11
CA ASN B 107 13.43 -37.97 13.71
C ASN B 107 14.71 -37.57 12.98
N LYS B 108 15.58 -36.82 13.64
CA LYS B 108 16.74 -36.34 12.90
C LYS B 108 17.54 -37.48 12.33
N LEU B 109 17.69 -38.57 13.06
CA LEU B 109 18.64 -39.55 12.60
C LEU B 109 18.05 -40.91 12.31
N ASP B 110 16.78 -41.15 12.63
CA ASP B 110 16.21 -42.44 12.25
C ASP B 110 15.16 -42.36 11.16
N SER B 111 14.80 -41.20 10.70
CA SER B 111 13.86 -41.10 9.61
C SER B 111 14.50 -40.34 8.46
N LYS B 112 14.41 -40.88 7.26
CA LYS B 112 15.12 -40.35 6.12
C LYS B 112 14.13 -39.95 5.02
N VAL B 113 14.46 -38.88 4.31
CA VAL B 113 13.61 -38.43 3.23
C VAL B 113 13.40 -39.57 2.27
N GLY B 114 12.15 -39.88 1.97
CA GLY B 114 11.88 -40.94 1.05
C GLY B 114 11.64 -42.29 1.66
N GLY B 115 11.57 -42.37 2.99
CA GLY B 115 11.05 -43.54 3.66
C GLY B 115 12.07 -44.52 4.19
N ASN B 116 12.21 -44.58 5.49
CA ASN B 116 13.19 -45.48 6.08
C ASN B 116 12.47 -46.73 6.51
N TYR B 117 12.67 -47.83 5.80
CA TYR B 117 11.93 -49.02 6.12
C TYR B 117 12.73 -50.02 6.93
N ASN B 118 13.96 -49.69 7.30
CA ASN B 118 14.79 -50.63 8.03
C ASN B 118 14.17 -51.02 9.38
N TYR B 119 13.39 -50.15 9.97
CA TYR B 119 12.78 -50.37 11.28
C TYR B 119 11.36 -50.90 11.10
N ARG B 120 11.08 -52.10 11.61
CA ARG B 120 9.83 -52.79 11.32
C ARG B 120 9.15 -53.19 12.63
N TYR B 121 7.82 -53.35 12.62
CA TYR B 121 7.09 -54.02 13.70
C TYR B 121 6.49 -55.34 13.21
N ARG B 122 5.99 -56.14 14.13
CA ARG B 122 5.08 -57.24 13.82
C ARG B 122 3.66 -56.70 13.90
N LEU B 123 2.82 -56.89 12.85
CA LEU B 123 1.41 -56.60 13.13
C LEU B 123 0.46 -57.81 13.17
N PHE B 124 0.90 -59.02 12.82
CA PHE B 124 0.01 -60.18 12.86
C PHE B 124 0.66 -61.33 13.63
N ARG B 125 -0.11 -62.01 14.47
CA ARG B 125 0.48 -63.11 15.22
C ARG B 125 -0.64 -63.87 15.87
N LYS B 126 -0.48 -65.19 15.94
CA LYS B 126 -1.59 -66.01 16.37
C LYS B 126 -2.05 -65.64 17.79
N SER B 127 -1.15 -65.10 18.62
CA SER B 127 -1.39 -64.95 20.05
C SER B 127 -0.54 -63.83 20.60
N ASN B 128 -1.00 -63.23 21.70
CA ASN B 128 -0.28 -62.10 22.31
C ASN B 128 1.01 -62.58 22.96
N LEU B 129 1.97 -61.67 23.05
CA LEU B 129 3.27 -62.06 23.60
C LEU B 129 3.18 -62.17 25.12
N LYS B 130 3.98 -63.06 25.69
CA LYS B 130 4.17 -63.18 27.13
C LYS B 130 5.26 -62.18 27.56
N PRO B 131 5.18 -61.60 28.76
CA PRO B 131 6.11 -60.52 29.11
C PRO B 131 7.53 -60.91 28.82
N PHE B 132 8.24 -60.00 28.17
CA PHE B 132 9.65 -60.09 27.92
C PHE B 132 10.00 -61.19 26.91
N GLU B 133 9.01 -61.73 26.21
CA GLU B 133 9.20 -62.63 25.07
C GLU B 133 9.67 -61.84 23.84
N ARG B 134 10.28 -62.55 22.89
CA ARG B 134 10.69 -61.99 21.59
C ARG B 134 10.34 -62.97 20.49
N ASP B 135 9.53 -62.50 19.54
CA ASP B 135 9.21 -63.24 18.33
C ASP B 135 9.92 -62.61 17.16
N ILE B 136 10.76 -63.39 16.52
CA ILE B 136 11.53 -62.91 15.40
C ILE B 136 11.20 -63.82 14.22
N SER B 137 10.00 -64.39 14.23
CA SER B 137 9.62 -65.40 13.27
C SER B 137 8.95 -64.79 12.03
N THR B 138 9.46 -65.12 10.87
CA THR B 138 8.92 -64.54 9.64
C THR B 138 8.02 -65.57 8.95
N GLU B 139 7.11 -66.13 9.71
CA GLU B 139 6.21 -67.16 9.20
C GLU B 139 5.03 -66.43 8.62
N ILE B 140 4.68 -66.70 7.36
CA ILE B 140 3.53 -66.03 6.73
C ILE B 140 2.33 -66.17 7.65
N TYR B 141 1.38 -65.23 7.64
CA TYR B 141 0.24 -65.33 8.55
C TYR B 141 -0.94 -66.10 7.94
N GLN B 142 -1.50 -67.03 8.71
CA GLN B 142 -2.59 -67.93 8.30
C GLN B 142 -3.93 -67.29 8.66
N ALA B 143 -4.40 -66.35 7.82
CA ALA B 143 -5.63 -65.63 8.12
C ALA B 143 -6.89 -66.34 7.62
N GLY B 144 -6.85 -66.92 6.43
CA GLY B 144 -7.91 -67.82 6.02
C GLY B 144 -7.49 -69.26 6.24
N ASN B 145 -8.45 -70.17 6.30
CA ASN B 145 -8.05 -71.50 6.71
C ASN B 145 -7.23 -72.24 5.64
N LYS B 146 -7.30 -71.82 4.38
CA LYS B 146 -6.50 -72.45 3.33
C LYS B 146 -5.02 -72.38 3.68
N PRO B 147 -4.25 -73.47 3.47
CA PRO B 147 -2.86 -73.50 3.89
C PRO B 147 -2.02 -72.68 2.90
N CYS B 148 -1.34 -71.66 3.42
CA CYS B 148 -0.43 -70.87 2.54
C CYS B 148 0.96 -71.46 2.70
N ASN B 149 1.53 -71.95 1.61
CA ASN B 149 2.83 -72.65 1.70
C ASN B 149 3.93 -71.68 1.30
N GLY B 150 4.23 -70.73 2.17
CA GLY B 150 5.22 -69.71 1.82
C GLY B 150 4.66 -68.83 0.72
N VAL B 151 3.33 -68.86 0.56
CA VAL B 151 2.68 -68.07 -0.51
C VAL B 151 2.15 -66.78 0.10
N ALA B 152 2.77 -65.66 -0.22
CA ALA B 152 2.30 -64.36 0.25
C ALA B 152 1.17 -63.96 -0.69
N GLY B 153 -0.04 -63.91 -0.16
CA GLY B 153 -1.21 -63.90 -1.04
C GLY B 153 -2.51 -63.59 -0.35
N VAL B 154 -3.61 -64.28 -0.72
CA VAL B 154 -4.85 -63.97 -0.04
C VAL B 154 -4.84 -64.57 1.34
N ASN B 155 -5.36 -63.80 2.28
CA ASN B 155 -5.51 -64.23 3.66
C ASN B 155 -4.18 -64.73 4.24
N CYS B 156 -3.06 -64.20 3.72
CA CYS B 156 -1.71 -64.75 3.86
C CYS B 156 -0.68 -63.63 3.74
N TYR B 157 -0.26 -63.09 4.89
CA TYR B 157 0.47 -61.82 4.81
C TYR B 157 1.80 -61.92 5.55
N PHE B 158 2.90 -61.54 4.86
CA PHE B 158 4.16 -61.34 5.56
C PHE B 158 3.94 -60.57 6.85
N PRO B 159 4.20 -61.16 8.00
CA PRO B 159 3.66 -60.62 9.24
C PRO B 159 4.35 -59.35 9.73
N LEU B 160 5.46 -58.94 9.12
CA LEU B 160 6.14 -57.72 9.55
C LEU B 160 5.83 -56.56 8.62
N GLN B 161 5.55 -55.42 9.22
CA GLN B 161 5.40 -54.17 8.49
C GLN B 161 6.53 -53.23 8.86
N SER B 162 6.84 -52.33 7.94
CA SER B 162 7.91 -51.37 8.17
C SER B 162 7.31 -49.99 8.35
N TYR B 163 7.82 -49.29 9.37
CA TYR B 163 7.35 -47.95 9.60
C TYR B 163 7.85 -47.15 8.41
N GLY B 164 6.99 -46.29 7.86
CA GLY B 164 7.42 -45.62 6.65
C GLY B 164 8.28 -44.39 6.91
N PHE B 165 9.27 -44.48 7.81
CA PHE B 165 9.72 -43.30 8.54
C PHE B 165 10.30 -42.24 7.61
N ARG B 166 9.81 -41.00 7.76
CA ARG B 166 10.00 -39.81 6.88
C ARG B 166 10.01 -38.52 7.70
N PRO B 167 11.04 -37.68 7.59
CA PRO B 167 11.22 -36.61 8.59
C PRO B 167 10.04 -35.67 8.74
N THR B 168 9.15 -35.61 7.74
CA THR B 168 8.09 -34.61 7.59
C THR B 168 6.74 -35.09 8.16
N TYR B 169 6.74 -36.16 8.97
CA TYR B 169 5.59 -36.83 9.54
C TYR B 169 5.07 -36.08 10.76
N GLY B 170 3.85 -36.38 11.15
CA GLY B 170 3.36 -35.90 12.43
C GLY B 170 4.31 -36.33 13.52
N VAL B 171 4.29 -35.64 14.66
CA VAL B 171 5.05 -36.17 15.79
C VAL B 171 4.48 -37.50 16.22
N GLY B 172 3.16 -37.68 16.04
CA GLY B 172 2.59 -38.98 16.32
C GLY B 172 3.29 -40.11 15.60
N HIS B 173 3.92 -39.84 14.49
CA HIS B 173 4.28 -40.89 13.57
C HIS B 173 5.78 -40.96 13.39
N GLN B 174 6.54 -40.21 14.13
CA GLN B 174 7.98 -40.00 14.02
C GLN B 174 8.75 -41.10 14.78
N PRO B 175 9.97 -41.45 14.39
CA PRO B 175 10.73 -42.43 15.19
C PRO B 175 11.00 -41.91 16.61
N TYR B 176 10.70 -42.75 17.58
CA TYR B 176 11.19 -42.53 18.94
C TYR B 176 11.99 -43.74 19.36
N ARG B 177 13.21 -43.51 19.85
CA ARG B 177 14.01 -44.63 20.36
C ARG B 177 13.65 -44.77 21.83
N VAL B 178 13.51 -46.03 22.29
CA VAL B 178 13.15 -46.30 23.67
C VAL B 178 14.13 -47.30 24.24
N VAL B 179 14.39 -47.13 25.53
CA VAL B 179 15.19 -48.03 26.32
C VAL B 179 14.47 -48.29 27.63
N VAL B 180 14.28 -49.56 27.96
CA VAL B 180 13.63 -50.04 29.17
C VAL B 180 14.67 -50.72 30.02
N LEU B 181 14.88 -50.16 31.22
CA LEU B 181 15.72 -50.76 32.27
C LEU B 181 14.86 -51.64 33.13
N SER B 182 15.11 -52.95 33.06
CA SER B 182 14.51 -53.96 33.90
C SER B 182 15.44 -54.15 35.10
N PHE B 183 14.96 -53.75 36.28
CA PHE B 183 15.65 -53.88 37.55
C PHE B 183 15.05 -55.04 38.32
N GLU B 184 15.53 -56.24 38.07
CA GLU B 184 15.14 -57.31 38.95
C GLU B 184 16.08 -57.32 40.14
N LEU B 185 15.59 -57.85 41.27
CA LEU B 185 16.44 -58.05 42.44
C LEU B 185 15.97 -59.31 43.14
N LEU B 186 16.83 -60.34 43.14
CA LEU B 186 16.52 -61.54 43.91
C LEU B 186 17.81 -62.07 44.49
N HIS B 187 17.83 -63.37 44.86
CA HIS B 187 18.90 -63.95 45.68
C HIS B 187 20.22 -64.13 44.94
N ALA B 188 20.23 -64.00 43.62
CA ALA B 188 21.49 -64.04 42.91
C ALA B 188 22.36 -62.86 43.34
N PRO B 189 23.68 -62.99 43.25
CA PRO B 189 24.59 -61.95 43.76
C PRO B 189 24.37 -60.59 43.08
N ALA B 190 24.08 -59.58 43.90
CA ALA B 190 23.74 -58.24 43.42
C ALA B 190 25.00 -57.41 43.19
N THR B 191 25.27 -57.04 41.92
CA THR B 191 26.54 -56.41 41.53
C THR B 191 26.37 -55.14 40.72
N VAL B 192 25.17 -54.53 40.69
CA VAL B 192 24.94 -53.29 39.95
C VAL B 192 24.53 -52.25 40.97
N CYS B 193 25.39 -51.26 41.20
CA CYS B 193 25.20 -50.34 42.33
C CYS B 193 25.41 -48.89 41.89
N GLY B 194 24.92 -47.97 42.71
CA GLY B 194 25.10 -46.54 42.49
C GLY B 194 25.35 -45.73 43.76
N THR C 1 15.21 -18.46 31.28
CA THR C 1 16.63 -18.30 30.99
C THR C 1 16.92 -18.33 29.48
N ASN C 2 16.05 -17.68 28.71
CA ASN C 2 16.19 -17.55 27.27
C ASN C 2 15.88 -16.11 26.87
N LEU C 3 16.73 -15.55 26.00
CA LEU C 3 16.70 -14.14 25.66
C LEU C 3 15.30 -13.66 25.31
N CYS C 4 15.03 -12.38 25.61
CA CYS C 4 13.74 -11.78 25.27
C CYS C 4 13.70 -11.37 23.80
N PRO C 5 12.68 -11.78 23.05
CA PRO C 5 12.65 -11.51 21.61
C PRO C 5 12.66 -10.04 21.36
N PHE C 6 13.80 -9.52 20.93
CA PHE C 6 13.89 -8.11 20.63
C PHE C 6 14.05 -7.86 19.17
N ASP C 7 14.82 -8.69 18.49
CA ASP C 7 14.89 -8.52 17.05
C ASP C 7 13.47 -8.55 16.48
N GLU C 8 12.64 -9.44 17.02
CA GLU C 8 11.27 -9.61 16.54
C GLU C 8 10.52 -8.28 16.51
N VAL C 9 10.90 -7.35 17.39
CA VAL C 9 10.37 -5.98 17.41
C VAL C 9 11.26 -5.02 16.65
N PHE C 10 12.57 -5.03 16.93
CA PHE C 10 13.33 -3.95 16.33
C PHE C 10 13.57 -4.20 14.85
N ASN C 11 13.98 -5.40 14.48
CA ASN C 11 14.28 -5.66 13.08
C ASN C 11 13.10 -6.31 12.37
N ALA C 12 11.90 -6.12 12.89
CA ALA C 12 10.69 -6.61 12.24
C ALA C 12 10.52 -6.00 10.87
N THR C 13 9.93 -6.78 9.97
CA THR C 13 9.93 -6.42 8.56
C THR C 13 9.28 -5.08 8.35
N ARG C 14 8.11 -4.88 8.94
CA ARG C 14 7.42 -3.61 8.80
C ARG C 14 6.95 -3.14 10.17
N PHE C 15 6.59 -1.89 10.23
CA PHE C 15 6.20 -1.25 11.46
C PHE C 15 4.78 -0.74 11.32
N ALA C 16 4.14 -0.49 12.46
CA ALA C 16 2.75 -0.06 12.46
C ALA C 16 2.62 1.45 12.30
N SER C 17 1.70 1.90 11.46
CA SER C 17 1.50 3.34 11.37
C SER C 17 0.94 3.82 12.72
N VAL C 18 1.46 4.95 13.19
CA VAL C 18 1.36 5.35 14.60
C VAL C 18 -0.08 5.36 15.14
N TYR C 19 -1.06 5.61 14.30
CA TYR C 19 -2.40 5.75 14.87
C TYR C 19 -2.96 4.43 15.34
N ALA C 20 -2.46 3.33 14.79
CA ALA C 20 -2.75 1.97 15.20
C ALA C 20 -1.47 1.30 15.71
N TRP C 21 -0.78 1.97 16.62
CA TRP C 21 0.47 1.43 17.12
C TRP C 21 0.22 0.11 17.81
N ASN C 22 1.06 -0.88 17.54
CA ASN C 22 0.94 -2.15 18.24
C ASN C 22 1.99 -2.26 19.32
N ARG C 23 1.82 -3.30 20.12
CA ARG C 23 2.40 -3.41 21.46
C ARG C 23 2.60 -4.89 21.71
N LYS C 24 3.85 -5.29 21.94
CA LYS C 24 4.14 -6.68 22.31
C LYS C 24 4.43 -6.75 23.80
N ARG C 25 3.73 -7.67 24.47
CA ARG C 25 3.94 -7.99 25.88
C ARG C 25 5.25 -8.71 26.01
N ILE C 26 6.31 -7.98 26.33
CA ILE C 26 7.62 -8.57 26.62
C ILE C 26 7.57 -9.03 28.07
N SER C 27 7.44 -10.36 28.30
CA SER C 27 7.28 -10.93 29.63
C SER C 27 7.82 -12.36 29.66
N ASN C 28 8.04 -12.87 30.90
CA ASN C 28 8.44 -14.26 31.24
C ASN C 28 9.63 -14.77 30.42
N CYS C 29 10.74 -14.05 30.56
CA CYS C 29 11.91 -14.10 29.68
C CYS C 29 12.96 -13.15 30.24
N VAL C 30 14.16 -13.20 29.67
CA VAL C 30 15.32 -12.43 30.14
C VAL C 30 15.86 -11.57 29.02
N ALA C 31 16.13 -10.29 29.32
CA ALA C 31 16.20 -9.25 28.31
C ALA C 31 17.64 -8.90 27.92
N ASP C 32 17.81 -8.60 26.63
CA ASP C 32 19.09 -8.22 26.05
C ASP C 32 19.17 -6.73 25.73
N TYR C 33 18.45 -5.88 26.48
CA TYR C 33 18.74 -4.44 26.38
C TYR C 33 20.13 -4.12 26.89
N SER C 34 20.85 -5.14 27.35
CA SER C 34 22.23 -4.93 27.79
C SER C 34 23.14 -4.60 26.62
N VAL C 35 23.14 -5.43 25.57
CA VAL C 35 24.06 -5.25 24.45
C VAL C 35 23.37 -4.65 23.22
N LEU C 36 22.06 -4.44 23.27
CA LEU C 36 21.40 -3.69 22.21
C LEU C 36 21.52 -2.18 22.35
N TYR C 37 21.85 -1.68 23.55
CA TYR C 37 22.08 -0.25 23.78
C TYR C 37 23.32 0.25 23.05
N ASN C 38 24.11 -0.70 22.56
CA ASN C 38 25.39 -0.35 21.90
C ASN C 38 25.27 -0.55 20.39
N PHE C 39 24.09 -1.04 19.97
CA PHE C 39 23.85 -1.22 18.51
C PHE C 39 24.37 0.06 17.86
N ALA C 40 24.32 1.19 18.58
CA ALA C 40 24.94 2.47 18.10
C ALA C 40 24.40 3.01 16.78
N PRO C 41 23.09 3.07 16.51
CA PRO C 41 22.54 3.72 15.34
C PRO C 41 21.27 4.49 15.76
N PHE C 42 21.25 5.10 16.96
CA PHE C 42 20.00 5.72 17.48
C PHE C 42 20.05 7.24 17.40
N PHE C 43 19.20 7.80 16.53
CA PHE C 43 19.12 9.27 16.45
C PHE C 43 18.47 9.78 17.73
N THR C 44 17.71 8.93 18.44
CA THR C 44 17.21 9.41 19.73
C THR C 44 17.00 8.20 20.64
N PHE C 45 17.90 8.02 21.59
CA PHE C 45 17.87 6.92 22.55
C PHE C 45 17.78 7.55 23.94
N LYS C 46 16.57 7.84 24.39
CA LYS C 46 16.43 8.55 25.66
C LYS C 46 15.46 7.77 26.54
N CYS C 47 15.96 7.33 27.70
CA CYS C 47 15.08 6.67 28.69
C CYS C 47 14.50 7.82 29.54
N TYR C 48 13.18 7.90 29.69
CA TYR C 48 12.64 8.94 30.61
C TYR C 48 12.15 8.25 31.89
N GLY C 49 13.06 7.96 32.82
CA GLY C 49 12.56 7.42 34.09
C GLY C 49 13.43 6.34 34.70
N VAL C 50 14.41 5.81 33.95
CA VAL C 50 15.32 4.80 34.59
C VAL C 50 16.73 4.90 33.96
N SER C 51 17.77 4.80 34.79
CA SER C 51 19.16 4.87 34.29
C SER C 51 19.30 3.97 33.05
N PRO C 52 20.07 4.36 32.03
CA PRO C 52 20.11 3.58 30.78
C PRO C 52 20.89 2.26 30.83
N THR C 53 22.06 2.24 31.46
CA THR C 53 22.89 1.01 31.40
C THR C 53 22.49 0.02 32.48
N LYS C 54 21.84 0.51 33.53
CA LYS C 54 21.53 -0.37 34.69
C LYS C 54 20.10 -0.92 34.65
N LEU C 55 19.37 -0.78 33.54
CA LEU C 55 18.03 -1.43 33.56
C LEU C 55 18.27 -2.93 33.59
N ASN C 56 19.52 -3.38 33.61
CA ASN C 56 19.70 -4.84 33.70
C ASN C 56 19.40 -5.34 35.11
N ASP C 57 19.91 -4.63 36.11
CA ASP C 57 19.94 -5.13 37.48
C ASP C 57 18.61 -4.93 38.22
N LEU C 58 17.51 -4.70 37.50
CA LEU C 58 16.19 -4.58 38.11
C LEU C 58 15.20 -5.33 37.22
N CYS C 59 14.44 -6.25 37.82
CA CYS C 59 13.40 -6.98 37.13
C CYS C 59 12.07 -6.26 37.22
N PHE C 60 11.31 -6.36 36.14
CA PHE C 60 10.07 -5.63 36.00
C PHE C 60 8.95 -6.63 35.84
N THR C 61 7.75 -6.24 36.26
CA THR C 61 6.62 -7.17 36.24
C THR C 61 6.13 -7.46 34.83
N ASN C 62 6.15 -6.47 33.94
CA ASN C 62 5.66 -6.67 32.58
C ASN C 62 6.26 -5.55 31.73
N VAL C 63 7.22 -5.86 30.87
CA VAL C 63 7.69 -4.87 29.91
C VAL C 63 6.74 -4.84 28.72
N TYR C 64 6.36 -3.64 28.30
CA TYR C 64 5.50 -3.47 27.14
C TYR C 64 6.32 -2.76 26.07
N ALA C 65 6.39 -3.33 24.86
CA ALA C 65 7.18 -2.73 23.77
C ALA C 65 6.25 -2.22 22.68
N ASP C 66 6.04 -0.90 22.62
CA ASP C 66 5.28 -0.29 21.54
C ASP C 66 6.19 0.08 20.39
N SER C 67 5.76 -0.23 19.18
CA SER C 67 6.54 0.15 18.02
C SER C 67 5.64 0.86 17.01
N PHE C 68 6.18 1.92 16.39
CA PHE C 68 5.44 2.64 15.34
C PHE C 68 6.42 3.42 14.47
N VAL C 69 5.91 4.24 13.56
CA VAL C 69 6.79 5.06 12.69
C VAL C 69 6.29 6.50 12.78
N ILE C 70 7.21 7.47 12.75
CA ILE C 70 6.80 8.90 12.72
C ILE C 70 7.85 9.66 11.91
N ARG C 71 7.61 10.95 11.67
CA ARG C 71 8.65 11.76 10.99
C ARG C 71 9.53 12.39 12.07
N GLY C 72 10.79 12.67 11.75
CA GLY C 72 11.69 13.21 12.78
C GLY C 72 11.05 14.33 13.55
N ASN C 73 10.51 15.31 12.83
CA ASN C 73 9.90 16.48 13.51
C ASN C 73 8.94 16.01 14.58
N GLU C 74 8.45 14.78 14.50
CA GLU C 74 7.41 14.35 15.47
C GLU C 74 8.05 13.63 16.66
N VAL C 75 9.25 13.11 16.47
CA VAL C 75 9.89 12.31 17.54
C VAL C 75 9.91 13.07 18.86
N SER C 76 10.19 14.38 18.79
CA SER C 76 10.19 15.29 19.95
C SER C 76 8.97 15.07 20.85
N GLN C 77 7.86 14.63 20.26
CA GLN C 77 6.63 14.46 21.01
C GLN C 77 6.55 13.13 21.73
N ILE C 78 7.38 12.16 21.37
CA ILE C 78 7.28 10.87 22.04
C ILE C 78 8.08 11.05 23.32
N ALA C 79 7.45 11.70 24.28
CA ALA C 79 8.09 12.23 25.46
C ALA C 79 6.98 12.59 26.43
N PRO C 80 7.22 12.50 27.74
CA PRO C 80 6.15 12.81 28.70
C PRO C 80 5.83 14.29 28.65
N GLY C 81 4.56 14.60 28.58
CA GLY C 81 4.11 15.98 28.63
C GLY C 81 3.97 16.69 27.30
N GLN C 82 4.96 16.48 26.42
CA GLN C 82 4.93 16.97 25.04
C GLN C 82 3.54 16.78 24.43
N THR C 83 2.97 17.86 23.90
CA THR C 83 1.72 17.78 23.12
C THR C 83 1.98 18.55 21.86
N GLY C 84 2.43 17.82 20.85
CA GLY C 84 2.27 18.20 19.48
C GLY C 84 0.96 17.67 18.93
N ASN C 85 0.98 17.37 17.63
CA ASN C 85 -0.13 16.76 16.92
C ASN C 85 -0.23 15.27 17.18
N ILE C 86 0.88 14.62 17.48
CA ILE C 86 0.81 13.20 17.48
C ILE C 86 0.60 12.71 18.91
N ALA C 87 1.16 13.44 19.87
CA ALA C 87 1.09 12.98 21.28
C ALA C 87 -0.27 13.35 21.88
N ASP C 88 -1.21 13.82 21.07
CA ASP C 88 -2.54 14.11 21.66
C ASP C 88 -3.60 13.46 20.78
N TYR C 89 -3.22 13.03 19.59
CA TYR C 89 -4.20 12.45 18.66
C TYR C 89 -3.72 11.08 18.20
N ASN C 90 -2.51 10.67 18.59
CA ASN C 90 -2.09 9.35 18.11
C ASN C 90 -1.56 8.46 19.23
N TYR C 91 -0.54 8.94 19.97
CA TYR C 91 0.15 8.12 20.96
C TYR C 91 0.70 9.01 22.08
N LYS C 92 0.05 9.00 23.24
CA LYS C 92 0.37 9.94 24.30
C LYS C 92 1.01 9.20 25.47
N LEU C 93 2.08 9.76 26.01
CA LEU C 93 2.80 9.24 27.17
C LEU C 93 2.28 9.88 28.44
N PRO C 94 2.13 9.07 29.50
CA PRO C 94 1.65 9.60 30.78
C PRO C 94 2.71 10.52 31.35
N ASP C 95 2.27 11.58 32.01
CA ASP C 95 3.24 12.53 32.53
C ASP C 95 4.10 11.91 33.61
N ASP C 96 3.67 10.79 34.20
CA ASP C 96 4.49 10.01 35.12
C ASP C 96 5.23 8.87 34.40
N PHE C 97 5.67 9.10 33.18
CA PHE C 97 6.37 8.08 32.40
C PHE C 97 7.66 7.63 33.05
N THR C 98 7.95 6.32 32.89
CA THR C 98 9.13 5.73 33.56
C THR C 98 9.86 4.74 32.66
N GLY C 99 9.65 4.79 31.34
CA GLY C 99 10.26 3.77 30.46
C GLY C 99 11.32 4.33 29.55
N CYS C 100 11.42 3.81 28.32
CA CYS C 100 12.48 4.24 27.38
C CYS C 100 11.87 4.65 26.04
N VAL C 101 12.60 5.43 25.24
CA VAL C 101 12.14 5.91 23.94
C VAL C 101 13.30 5.88 22.95
N ILE C 102 13.17 5.05 21.90
CA ILE C 102 14.30 4.72 21.04
C ILE C 102 13.88 4.91 19.59
N ALA C 103 14.73 5.56 18.80
CA ALA C 103 14.32 6.03 17.48
C ALA C 103 15.48 6.09 16.53
N TRP C 104 15.26 5.63 15.30
CA TRP C 104 16.34 5.62 14.28
C TRP C 104 15.80 5.97 12.90
N ASN C 105 16.67 6.47 12.02
CA ASN C 105 16.26 6.79 10.63
C ASN C 105 15.64 5.55 10.00
N SER C 106 14.82 5.75 8.97
CA SER C 106 14.26 4.60 8.24
C SER C 106 14.19 4.98 6.77
N ASN C 107 14.69 6.17 6.43
CA ASN C 107 14.55 6.59 5.04
C ASN C 107 14.86 5.48 4.05
N LYS C 108 15.84 4.62 4.38
CA LYS C 108 16.27 3.59 3.45
C LYS C 108 15.15 2.58 3.17
N LEU C 109 14.56 2.02 4.22
CA LEU C 109 13.57 0.97 4.04
C LEU C 109 12.11 1.46 4.12
N ASP C 110 11.79 2.51 4.88
CA ASP C 110 10.37 2.88 4.99
C ASP C 110 9.89 3.87 3.93
N SER C 111 10.84 4.52 3.27
CA SER C 111 10.52 5.54 2.25
C SER C 111 10.72 4.97 0.85
N LYS C 112 10.14 5.62 -0.16
CA LYS C 112 10.19 5.11 -1.55
C LYS C 112 9.95 6.24 -2.54
N VAL C 113 10.73 6.29 -3.62
CA VAL C 113 10.47 7.31 -4.68
C VAL C 113 9.07 7.08 -5.19
N GLY C 114 8.19 8.06 -5.08
CA GLY C 114 6.79 7.85 -5.48
C GLY C 114 5.87 7.85 -4.28
N GLY C 115 6.42 8.06 -3.09
CA GLY C 115 5.55 8.20 -1.91
C GLY C 115 5.11 6.88 -1.33
N ASN C 116 5.50 6.59 -0.09
CA ASN C 116 5.01 5.38 0.60
C ASN C 116 3.84 5.84 1.45
N TYR C 117 2.62 5.74 0.92
CA TYR C 117 1.46 6.28 1.66
C TYR C 117 0.84 5.17 2.51
N ASN C 118 1.65 4.21 2.95
CA ASN C 118 1.15 3.11 3.74
C ASN C 118 1.19 3.39 5.22
N TYR C 119 2.04 4.31 5.66
CA TYR C 119 2.03 4.70 7.07
C TYR C 119 1.22 5.98 7.18
N ARG C 120 0.42 6.08 8.25
CA ARG C 120 -0.57 7.12 8.38
C ARG C 120 -0.53 7.72 9.77
N TYR C 121 -1.08 8.94 9.92
CA TYR C 121 -1.42 9.47 11.24
C TYR C 121 -2.90 9.86 11.29
N ARG C 122 -3.36 10.12 12.52
CA ARG C 122 -4.59 10.85 12.77
C ARG C 122 -4.20 12.31 12.78
N LEU C 123 -4.99 13.18 12.09
CA LEU C 123 -4.86 14.59 12.41
C LEU C 123 -6.10 15.21 13.03
N PHE C 124 -7.29 14.63 12.87
CA PHE C 124 -8.51 15.21 13.41
C PHE C 124 -9.15 14.29 14.46
N ARG C 125 -9.39 14.81 15.66
CA ARG C 125 -10.11 14.05 16.68
C ARG C 125 -10.83 15.01 17.63
N LYS C 126 -12.00 14.59 18.12
CA LYS C 126 -12.77 15.46 19.02
C LYS C 126 -12.05 15.76 20.33
N SER C 127 -11.04 15.00 20.73
CA SER C 127 -10.54 15.17 22.08
C SER C 127 -9.22 14.42 22.23
N ASN C 128 -8.44 14.85 23.21
CA ASN C 128 -7.07 14.39 23.34
C ASN C 128 -7.01 12.96 23.81
N LEU C 129 -5.91 12.29 23.47
CA LEU C 129 -5.75 10.88 23.82
C LEU C 129 -5.33 10.77 25.26
N LYS C 130 -5.99 9.86 25.99
CA LYS C 130 -5.55 9.55 27.34
C LYS C 130 -4.26 8.75 27.27
N PRO C 131 -3.42 8.77 28.31
CA PRO C 131 -2.10 8.14 28.20
C PRO C 131 -2.21 6.71 27.70
N PHE C 132 -1.31 6.34 26.80
CA PHE C 132 -1.18 4.97 26.34
C PHE C 132 -2.45 4.46 25.66
N GLU C 133 -3.32 5.37 25.23
CA GLU C 133 -4.58 5.01 24.58
C GLU C 133 -4.31 4.70 23.10
N ARG C 134 -5.20 3.89 22.49
CA ARG C 134 -5.20 3.70 21.05
C ARG C 134 -6.61 3.96 20.52
N ASP C 135 -6.65 4.54 19.32
CA ASP C 135 -7.87 4.75 18.56
C ASP C 135 -7.64 4.33 17.11
N ILE C 136 -8.41 3.35 16.67
CA ILE C 136 -8.30 2.94 15.29
C ILE C 136 -9.64 3.13 14.61
N SER C 137 -10.34 4.20 14.96
CA SER C 137 -11.66 4.46 14.39
C SER C 137 -11.49 5.24 13.10
N THR C 138 -12.18 4.83 12.05
CA THR C 138 -12.18 5.58 10.80
C THR C 138 -13.46 6.38 10.62
N GLU C 139 -14.07 6.77 11.73
CA GLU C 139 -15.26 7.59 11.70
C GLU C 139 -14.94 9.01 11.24
N ILE C 140 -15.82 9.52 10.39
CA ILE C 140 -15.56 10.77 9.67
C ILE C 140 -15.58 11.95 10.63
N TYR C 141 -14.65 12.88 10.49
CA TYR C 141 -14.60 13.96 11.47
C TYR C 141 -15.73 14.96 11.23
N GLN C 142 -16.30 15.46 12.31
CA GLN C 142 -17.48 16.33 12.26
C GLN C 142 -17.03 17.79 12.43
N ALA C 143 -16.26 18.30 11.48
CA ALA C 143 -15.68 19.63 11.69
C ALA C 143 -16.72 20.73 11.63
N GLY C 144 -17.88 20.47 11.01
CA GLY C 144 -18.90 21.47 10.84
C GLY C 144 -20.02 21.38 11.86
N ASN C 145 -21.13 21.99 11.50
CA ASN C 145 -22.30 22.12 12.34
C ASN C 145 -23.44 21.22 11.87
N LYS C 146 -23.20 20.45 10.82
CA LYS C 146 -24.16 19.65 10.09
C LYS C 146 -23.78 18.18 10.23
N PRO C 147 -24.74 17.25 10.12
CA PRO C 147 -24.44 15.81 10.29
C PRO C 147 -23.76 15.21 9.07
N CYS C 148 -22.70 14.42 9.29
CA CYS C 148 -22.04 13.67 8.23
C CYS C 148 -22.20 12.19 8.43
N ASN C 149 -23.10 11.59 7.66
CA ASN C 149 -23.42 10.18 7.82
C ASN C 149 -22.49 9.37 6.94
N GLY C 150 -21.24 9.22 7.39
CA GLY C 150 -20.23 8.63 6.53
C GLY C 150 -20.01 9.48 5.28
N VAL C 151 -20.57 10.68 5.26
CA VAL C 151 -20.16 11.65 4.27
C VAL C 151 -18.66 11.85 4.35
N ALA C 152 -18.04 12.07 3.23
CA ALA C 152 -16.71 12.64 3.26
C ALA C 152 -16.85 13.86 2.36
N GLY C 153 -17.04 15.03 2.96
CA GLY C 153 -17.41 16.20 2.18
C GLY C 153 -17.08 17.54 2.80
N VAL C 154 -18.01 18.48 2.80
CA VAL C 154 -17.70 19.78 3.40
C VAL C 154 -17.67 19.64 4.90
N ASN C 155 -16.64 20.24 5.50
CA ASN C 155 -16.47 20.30 6.92
C ASN C 155 -16.53 18.92 7.56
N CYS C 156 -16.13 17.91 6.77
CA CYS C 156 -16.15 16.50 7.13
C CYS C 156 -15.00 15.80 6.45
N TYR C 157 -14.03 15.39 7.25
CA TYR C 157 -12.81 14.82 6.74
C TYR C 157 -12.57 13.43 7.31
N PHE C 158 -12.04 12.57 6.45
CA PHE C 158 -11.44 11.33 6.88
C PHE C 158 -10.34 11.62 7.89
N PRO C 159 -10.39 11.06 9.10
CA PRO C 159 -9.45 11.50 10.14
C PRO C 159 -8.02 11.10 9.88
N LEU C 160 -7.74 10.21 8.93
CA LEU C 160 -6.41 9.65 8.76
C LEU C 160 -5.75 10.11 7.48
N GLN C 161 -4.57 10.69 7.63
CA GLN C 161 -3.76 11.17 6.53
C GLN C 161 -2.54 10.27 6.42
N SER C 162 -1.90 10.21 5.26
CA SER C 162 -0.70 9.39 5.18
C SER C 162 0.54 10.22 4.89
N TYR C 163 1.66 9.81 5.47
CA TYR C 163 2.92 10.52 5.30
C TYR C 163 3.41 10.30 3.86
N GLY C 164 3.69 11.36 3.15
CA GLY C 164 4.02 11.02 1.78
C GLY C 164 5.43 10.54 1.57
N PHE C 165 5.87 9.50 2.26
CA PHE C 165 7.31 9.38 2.47
C PHE C 165 8.05 9.15 1.17
N ARG C 166 9.17 9.85 1.03
CA ARG C 166 9.99 9.96 -0.18
C ARG C 166 11.44 10.14 0.26
N PRO C 167 12.39 9.53 -0.44
CA PRO C 167 13.79 9.55 0.05
C PRO C 167 14.42 10.95 0.06
N THR C 168 13.98 11.83 -0.85
CA THR C 168 14.58 13.15 -1.02
C THR C 168 14.01 14.21 -0.06
N TYR C 169 13.33 13.76 0.99
CA TYR C 169 12.75 14.64 1.98
C TYR C 169 13.87 15.10 2.90
N GLY C 170 13.60 16.09 3.69
CA GLY C 170 14.58 16.58 4.62
C GLY C 170 14.57 15.80 5.89
N VAL C 171 15.71 15.85 6.59
CA VAL C 171 15.90 14.94 7.70
C VAL C 171 14.78 15.04 8.74
N GLY C 172 14.12 16.19 8.84
CA GLY C 172 12.95 16.25 9.68
C GLY C 172 11.69 15.62 9.11
N HIS C 173 11.62 15.42 7.79
CA HIS C 173 10.40 14.92 7.15
C HIS C 173 10.56 13.50 6.66
N GLN C 174 11.62 12.84 7.02
CA GLN C 174 12.08 11.50 6.76
C GLN C 174 11.49 10.56 7.80
N PRO C 175 11.24 9.31 7.39
CA PRO C 175 10.59 8.35 8.28
C PRO C 175 11.53 7.87 9.38
N TYR C 176 11.00 7.76 10.59
CA TYR C 176 11.74 7.28 11.74
C TYR C 176 10.99 6.14 12.43
N ARG C 177 11.62 4.97 12.57
CA ARG C 177 10.97 3.92 13.35
C ARG C 177 11.32 4.13 14.82
N VAL C 178 10.37 3.77 15.69
CA VAL C 178 10.47 4.04 17.12
C VAL C 178 9.90 2.89 17.94
N VAL C 179 10.50 2.70 19.12
CA VAL C 179 10.10 1.70 20.10
C VAL C 179 10.08 2.34 21.48
N VAL C 180 8.98 2.18 22.20
CA VAL C 180 8.81 2.73 23.53
C VAL C 180 8.67 1.55 24.48
N LEU C 181 9.68 1.36 25.33
CA LEU C 181 9.69 0.27 26.31
C LEU C 181 9.12 0.80 27.62
N SER C 182 7.83 0.55 27.84
CA SER C 182 7.17 0.84 29.11
C SER C 182 7.59 -0.21 30.13
N PHE C 183 8.42 0.20 31.09
CA PHE C 183 8.83 -0.64 32.21
C PHE C 183 7.84 -0.41 33.35
N GLU C 184 6.97 -1.36 33.60
CA GLU C 184 6.13 -1.31 34.78
C GLU C 184 6.67 -2.31 35.80
N LEU C 185 6.53 -1.99 37.09
CA LEU C 185 6.98 -2.92 38.17
C LEU C 185 6.06 -2.82 39.39
N LEU C 186 5.06 -3.71 39.51
CA LEU C 186 4.11 -3.69 40.65
C LEU C 186 4.15 -5.03 41.41
N HIS C 187 3.20 -5.23 42.34
CA HIS C 187 3.16 -6.48 43.16
C HIS C 187 3.10 -7.71 42.26
N ALA C 188 2.63 -7.56 41.02
CA ALA C 188 2.50 -8.69 40.07
C ALA C 188 3.84 -9.42 39.91
N PRO C 189 3.87 -10.76 39.68
CA PRO C 189 5.12 -11.53 39.63
C PRO C 189 6.17 -11.03 38.64
N ALA C 190 7.28 -10.50 39.15
CA ALA C 190 8.31 -9.93 38.28
C ALA C 190 9.06 -11.04 37.57
N THR C 191 9.11 -10.99 36.21
CA THR C 191 9.78 -12.05 35.44
C THR C 191 10.45 -11.53 34.18
N VAL C 192 10.98 -10.31 34.21
CA VAL C 192 11.73 -9.74 33.10
C VAL C 192 13.01 -9.16 33.67
N CYS C 193 14.12 -9.90 33.54
CA CYS C 193 15.36 -9.59 34.24
C CYS C 193 16.51 -9.44 33.25
N GLY C 194 17.70 -9.21 33.78
CA GLY C 194 18.86 -9.05 32.93
C GLY C 194 20.20 -9.10 33.65
N PRO D 2 -12.39 -72.54 13.25
CA PRO D 2 -11.79 -72.07 11.99
C PRO D 2 -11.90 -70.56 11.80
N SER D 3 -11.97 -70.04 10.57
CA SER D 3 -11.86 -68.59 10.35
C SER D 3 -13.07 -68.03 9.64
N THR D 4 -13.72 -67.02 10.24
CA THR D 4 -14.94 -66.48 9.68
C THR D 4 -14.63 -65.52 8.52
N ILE D 5 -15.63 -65.32 7.64
CA ILE D 5 -15.44 -64.35 6.56
C ILE D 5 -15.14 -62.98 7.12
N GLU D 6 -15.89 -62.56 8.15
CA GLU D 6 -15.67 -61.24 8.77
C GLU D 6 -14.27 -61.10 9.37
N GLU D 7 -13.70 -62.18 9.88
CA GLU D 7 -12.38 -62.07 10.44
C GLU D 7 -11.33 -61.92 9.34
N GLN D 8 -11.44 -62.73 8.29
CA GLN D 8 -10.54 -62.57 7.15
C GLN D 8 -10.61 -61.14 6.64
N ALA D 9 -11.84 -60.60 6.57
CA ALA D 9 -12.08 -59.26 6.07
C ALA D 9 -11.41 -58.21 6.96
N LYS D 10 -11.54 -58.35 8.28
CA LYS D 10 -10.89 -57.41 9.19
C LYS D 10 -9.37 -57.40 9.01
N THR D 11 -8.77 -58.57 8.89
CA THR D 11 -7.32 -58.59 8.67
C THR D 11 -6.96 -58.02 7.31
N PHE D 12 -7.73 -58.35 6.28
CA PHE D 12 -7.50 -57.76 4.97
C PHE D 12 -7.44 -56.26 5.07
N LEU D 13 -8.42 -55.68 5.76
CA LEU D 13 -8.46 -54.24 5.93
C LEU D 13 -7.28 -53.74 6.73
N ASP D 14 -6.79 -54.57 7.64
CA ASP D 14 -5.66 -54.13 8.47
C ASP D 14 -4.36 -54.02 7.66
N LYS D 15 -4.06 -55.05 6.85
CA LYS D 15 -2.97 -54.95 5.89
C LYS D 15 -3.19 -53.79 4.93
N PHE D 16 -4.44 -53.62 4.44
CA PHE D 16 -4.74 -52.55 3.50
C PHE D 16 -4.43 -51.20 4.10
N ASN D 17 -4.94 -50.91 5.29
CA ASN D 17 -4.70 -49.61 5.91
C ASN D 17 -3.22 -49.21 5.86
N HIS D 18 -2.32 -50.12 6.20
CA HIS D 18 -0.93 -49.70 6.33
C HIS D 18 -0.26 -49.54 4.98
N GLU D 19 -0.45 -50.53 4.10
CA GLU D 19 -0.01 -50.37 2.71
C GLU D 19 -0.50 -49.05 2.14
N ALA D 20 -1.74 -48.72 2.42
CA ALA D 20 -2.33 -47.58 1.75
C ALA D 20 -1.84 -46.27 2.35
N GLU D 21 -1.71 -46.15 3.67
CA GLU D 21 -1.17 -44.92 4.23
C GLU D 21 0.21 -44.63 3.68
N ASP D 22 1.03 -45.67 3.48
CA ASP D 22 2.35 -45.32 2.95
C ASP D 22 2.26 -44.94 1.46
N LEU D 23 1.47 -45.69 0.67
CA LEU D 23 1.30 -45.33 -0.74
C LEU D 23 0.67 -43.95 -0.88
N PHE D 24 -0.21 -43.59 0.02
CA PHE D 24 -0.97 -42.38 -0.17
C PHE D 24 -0.14 -41.18 0.26
N TYR D 25 0.68 -41.30 1.30
CA TYR D 25 1.56 -40.16 1.64
C TYR D 25 2.46 -39.88 0.43
N GLN D 26 3.09 -40.92 -0.10
CA GLN D 26 4.00 -40.73 -1.25
C GLN D 26 3.29 -39.86 -2.27
N SER D 27 2.14 -40.31 -2.74
CA SER D 27 1.43 -39.55 -3.80
C SER D 27 1.20 -38.14 -3.31
N SER D 28 0.60 -37.99 -2.13
CA SER D 28 0.27 -36.62 -1.74
C SER D 28 1.51 -35.74 -1.66
N LEU D 29 2.63 -36.26 -1.16
CA LEU D 29 3.84 -35.44 -1.21
C LEU D 29 4.30 -35.16 -2.64
N ALA D 30 4.20 -36.14 -3.54
CA ALA D 30 4.52 -35.84 -4.94
C ALA D 30 3.63 -34.72 -5.49
N SER D 31 2.33 -34.79 -5.15
CA SER D 31 1.35 -33.82 -5.61
C SER D 31 1.64 -32.46 -5.03
N TRP D 32 1.91 -32.41 -3.74
CA TRP D 32 2.29 -31.17 -3.10
C TRP D 32 3.55 -30.57 -3.72
N ASN D 33 4.51 -31.40 -4.09
CA ASN D 33 5.71 -30.82 -4.65
C ASN D 33 5.47 -30.26 -6.05
N TYR D 34 4.57 -30.86 -6.84
CA TYR D 34 4.22 -30.19 -8.08
C TYR D 34 3.46 -28.91 -7.80
N ASN D 35 2.43 -29.00 -6.97
CA ASN D 35 1.57 -27.86 -6.67
C ASN D 35 2.27 -26.75 -5.91
N THR D 36 3.52 -26.92 -5.47
CA THR D 36 4.28 -25.82 -4.88
C THR D 36 5.56 -25.52 -5.62
N ASN D 37 5.91 -26.32 -6.61
CA ASN D 37 7.23 -26.10 -7.23
C ASN D 37 7.13 -26.65 -8.63
N ILE D 38 6.34 -25.98 -9.45
CA ILE D 38 6.08 -26.56 -10.79
C ILE D 38 7.42 -26.78 -11.54
N THR D 39 7.69 -28.03 -11.87
CA THR D 39 8.87 -28.38 -12.67
C THR D 39 8.43 -29.64 -13.41
N GLU D 40 8.56 -29.71 -14.73
CA GLU D 40 8.05 -30.92 -15.41
C GLU D 40 8.47 -32.13 -14.59
N GLU D 41 9.67 -32.08 -14.03
CA GLU D 41 10.14 -33.18 -13.15
C GLU D 41 9.06 -33.50 -12.14
N ASN D 42 8.53 -32.49 -11.46
CA ASN D 42 7.61 -32.79 -10.37
C ASN D 42 6.28 -33.30 -10.92
N VAL D 43 5.91 -32.87 -12.14
CA VAL D 43 4.78 -33.46 -12.85
C VAL D 43 5.02 -34.94 -13.04
N GLN D 44 6.24 -35.32 -13.42
CA GLN D 44 6.51 -36.74 -13.65
C GLN D 44 6.43 -37.54 -12.35
N ASN D 45 7.05 -37.05 -11.29
CA ASN D 45 6.98 -37.79 -10.02
C ASN D 45 5.56 -37.84 -9.48
N MET D 46 4.85 -36.72 -9.54
CA MET D 46 3.43 -36.70 -9.19
C MET D 46 2.66 -37.77 -9.95
N ASN D 47 2.80 -37.82 -11.27
CA ASN D 47 2.07 -38.80 -12.06
C ASN D 47 2.46 -40.22 -11.70
N ASN D 48 3.76 -40.51 -11.55
CA ASN D 48 4.15 -41.88 -11.16
C ASN D 48 3.54 -42.29 -9.83
N ALA D 49 3.69 -41.45 -8.81
CA ALA D 49 3.12 -41.79 -7.51
C ALA D 49 1.61 -41.96 -7.60
N GLY D 50 0.93 -41.05 -8.29
CA GLY D 50 -0.51 -41.19 -8.46
C GLY D 50 -0.88 -42.45 -9.21
N ASP D 51 -0.03 -42.88 -10.14
CA ASP D 51 -0.30 -44.10 -10.90
C ASP D 51 -0.14 -45.33 -10.04
N LYS D 52 0.94 -45.39 -9.26
CA LYS D 52 1.19 -46.49 -8.33
C LYS D 52 0.07 -46.60 -7.30
N TRP D 53 -0.45 -45.47 -6.85
CA TRP D 53 -1.57 -45.48 -5.93
C TRP D 53 -2.83 -46.00 -6.61
N SER D 54 -3.21 -45.44 -7.77
CA SER D 54 -4.37 -45.94 -8.50
C SER D 54 -4.25 -47.42 -8.80
N ALA D 55 -3.03 -47.88 -9.08
CA ALA D 55 -2.80 -49.29 -9.36
C ALA D 55 -3.06 -50.11 -8.12
N PHE D 56 -2.50 -49.67 -6.99
CA PHE D 56 -2.73 -50.30 -5.70
C PHE D 56 -4.22 -50.38 -5.41
N LEU D 57 -4.98 -49.38 -5.84
CA LEU D 57 -6.39 -49.39 -5.52
C LEU D 57 -7.16 -50.32 -6.44
N LYS D 58 -6.83 -50.36 -7.73
CA LYS D 58 -7.49 -51.34 -8.58
C LYS D 58 -7.24 -52.73 -8.04
N GLU D 59 -5.99 -52.99 -7.63
CA GLU D 59 -5.59 -54.29 -7.10
C GLU D 59 -6.35 -54.65 -5.83
N GLN D 60 -6.39 -53.72 -4.87
CA GLN D 60 -7.06 -53.99 -3.60
C GLN D 60 -8.58 -54.02 -3.74
N SER D 61 -9.14 -53.28 -4.70
CA SER D 61 -10.55 -53.46 -5.02
C SER D 61 -10.83 -54.89 -5.42
N THR D 62 -10.11 -55.37 -6.45
CA THR D 62 -10.20 -56.77 -6.86
C THR D 62 -10.10 -57.71 -5.65
N LEU D 63 -9.06 -57.55 -4.85
CA LEU D 63 -8.89 -58.40 -3.68
C LEU D 63 -10.07 -58.31 -2.73
N ALA D 64 -10.65 -57.12 -2.57
CA ALA D 64 -11.69 -56.91 -1.53
C ALA D 64 -12.96 -57.71 -1.84
N GLN D 65 -13.25 -57.92 -3.12
CA GLN D 65 -14.52 -58.60 -3.50
C GLN D 65 -14.55 -60.05 -3.03
N MET D 66 -13.48 -60.56 -2.43
CA MET D 66 -13.46 -61.99 -2.03
C MET D 66 -14.24 -62.15 -0.73
N TYR D 67 -14.63 -61.03 -0.14
CA TYR D 67 -15.38 -61.07 1.14
C TYR D 67 -16.81 -60.59 0.88
N PRO D 68 -17.82 -61.46 0.80
CA PRO D 68 -19.19 -61.03 0.47
C PRO D 68 -19.80 -60.23 1.61
N LEU D 69 -20.36 -59.05 1.27
CA LEU D 69 -20.90 -58.18 2.32
C LEU D 69 -22.08 -58.82 3.03
N GLN D 70 -22.72 -59.79 2.37
CA GLN D 70 -23.89 -60.45 2.94
C GLN D 70 -23.56 -61.20 4.24
N GLU D 71 -22.34 -61.72 4.36
CA GLU D 71 -21.89 -62.47 5.54
C GLU D 71 -21.07 -61.64 6.52
N ILE D 72 -21.25 -60.32 6.56
CA ILE D 72 -20.49 -59.40 7.40
C ILE D 72 -21.45 -58.52 8.19
N GLN D 73 -21.15 -58.32 9.50
CA GLN D 73 -22.13 -57.78 10.43
C GLN D 73 -21.60 -56.57 11.19
N ASN D 74 -20.28 -56.50 11.34
CA ASN D 74 -19.63 -55.29 11.83
C ASN D 74 -19.83 -54.16 10.82
N LEU D 75 -20.59 -53.13 11.20
CA LEU D 75 -20.99 -52.12 10.23
C LEU D 75 -19.79 -51.32 9.70
N THR D 76 -18.83 -50.94 10.57
CA THR D 76 -17.69 -50.16 10.07
C THR D 76 -16.80 -51.01 9.16
N VAL D 77 -16.75 -52.31 9.41
CA VAL D 77 -16.11 -53.20 8.46
C VAL D 77 -16.90 -53.24 7.17
N LYS D 78 -18.23 -53.22 7.28
CA LYS D 78 -19.08 -53.25 6.10
C LYS D 78 -18.88 -51.98 5.29
N LEU D 79 -18.67 -50.86 5.97
CA LEU D 79 -18.49 -49.55 5.33
C LEU D 79 -17.20 -49.52 4.56
N GLN D 80 -16.11 -50.02 5.17
CA GLN D 80 -14.82 -49.99 4.48
C GLN D 80 -14.80 -50.95 3.31
N LEU D 81 -15.44 -52.10 3.46
CA LEU D 81 -15.41 -53.05 2.38
C LEU D 81 -16.23 -52.52 1.21
N GLN D 82 -17.39 -51.93 1.52
CA GLN D 82 -18.26 -51.31 0.53
C GLN D 82 -17.54 -50.17 -0.19
N ALA D 83 -16.80 -49.37 0.58
CA ALA D 83 -15.88 -48.37 0.04
C ALA D 83 -14.99 -48.96 -1.02
N LEU D 84 -14.28 -50.02 -0.68
CA LEU D 84 -13.19 -50.48 -1.52
C LEU D 84 -13.67 -51.43 -2.62
N GLN D 85 -14.93 -51.86 -2.58
CA GLN D 85 -15.43 -52.79 -3.57
C GLN D 85 -15.98 -52.14 -4.82
N GLN D 86 -16.50 -50.90 -4.73
CA GLN D 86 -17.07 -50.23 -5.90
C GLN D 86 -16.10 -50.29 -7.06
N ASN D 87 -16.55 -50.81 -8.19
CA ASN D 87 -15.67 -50.90 -9.35
C ASN D 87 -16.02 -49.90 -10.45
N GLY D 88 -17.01 -49.05 -10.22
CA GLY D 88 -17.36 -47.98 -11.14
C GLY D 88 -17.32 -48.33 -12.61
N SER D 89 -16.64 -47.50 -13.39
CA SER D 89 -16.62 -47.71 -14.83
C SER D 89 -15.89 -48.99 -15.23
N SER D 90 -15.06 -49.55 -14.36
CA SER D 90 -14.41 -50.82 -14.68
C SER D 90 -15.43 -51.94 -14.87
N VAL D 91 -16.73 -51.67 -14.63
CA VAL D 91 -17.74 -52.69 -14.89
C VAL D 91 -18.26 -52.69 -16.33
N LEU D 92 -17.95 -51.66 -17.11
CA LEU D 92 -18.18 -51.71 -18.55
C LEU D 92 -17.09 -52.54 -19.18
N SER D 93 -17.40 -53.10 -20.36
CA SER D 93 -16.37 -53.74 -21.16
C SER D 93 -15.17 -52.81 -21.31
N GLU D 94 -13.97 -53.39 -21.42
CA GLU D 94 -12.78 -52.55 -21.50
C GLU D 94 -12.86 -51.57 -22.66
N ASP D 95 -13.59 -51.96 -23.70
CA ASP D 95 -13.76 -51.13 -24.89
C ASP D 95 -14.63 -49.90 -24.59
N LYS D 96 -15.80 -50.12 -23.98
CA LYS D 96 -16.65 -49.01 -23.56
C LYS D 96 -15.99 -48.14 -22.49
N SER D 97 -15.21 -48.75 -21.57
CA SER D 97 -14.41 -47.99 -20.61
C SER D 97 -13.49 -47.01 -21.32
N LYS D 98 -12.74 -47.50 -22.31
CA LYS D 98 -11.88 -46.62 -23.08
C LYS D 98 -12.69 -45.54 -23.81
N ARG D 99 -13.86 -45.89 -24.34
CA ARG D 99 -14.69 -44.88 -25.02
C ARG D 99 -15.15 -43.79 -24.07
N LEU D 100 -15.65 -44.18 -22.91
CA LEU D 100 -16.17 -43.20 -21.96
C LEU D 100 -15.06 -42.26 -21.53
N ASN D 101 -13.88 -42.82 -21.17
CA ASN D 101 -12.76 -41.96 -20.78
C ASN D 101 -12.34 -41.04 -21.92
N THR D 102 -12.45 -41.52 -23.17
CA THR D 102 -12.15 -40.67 -24.33
C THR D 102 -13.11 -39.49 -24.41
N ILE D 103 -14.41 -39.79 -24.46
CA ILE D 103 -15.40 -38.72 -24.49
C ILE D 103 -15.13 -37.72 -23.39
N LEU D 104 -14.95 -38.23 -22.17
CA LEU D 104 -14.78 -37.35 -21.03
C LEU D 104 -13.61 -36.40 -21.28
N ASN D 105 -12.47 -36.96 -21.72
CA ASN D 105 -11.30 -36.15 -22.03
C ASN D 105 -11.61 -35.10 -23.07
N THR D 106 -12.37 -35.46 -24.09
CA THR D 106 -12.69 -34.54 -25.18
C THR D 106 -13.53 -33.36 -24.68
N MET D 107 -14.64 -33.65 -24.01
CA MET D 107 -15.44 -32.61 -23.36
C MET D 107 -14.57 -31.72 -22.46
N SER D 108 -13.67 -32.31 -21.65
CA SER D 108 -12.84 -31.50 -20.77
C SER D 108 -11.97 -30.55 -21.55
N THR D 109 -11.27 -31.06 -22.57
CA THR D 109 -10.37 -30.17 -23.30
C THR D 109 -11.15 -29.18 -24.15
N ILE D 110 -12.39 -29.50 -24.55
CA ILE D 110 -13.22 -28.50 -25.26
C ILE D 110 -13.48 -27.32 -24.34
N TYR D 111 -14.19 -27.58 -23.24
CA TYR D 111 -14.51 -26.51 -22.29
C TYR D 111 -13.29 -25.65 -21.97
N SER D 112 -12.12 -26.28 -21.76
CA SER D 112 -10.99 -25.47 -21.35
C SER D 112 -10.37 -24.69 -22.52
N THR D 113 -10.34 -25.26 -23.73
CA THR D 113 -9.71 -24.55 -24.84
C THR D 113 -10.68 -24.17 -25.94
N GLY D 114 -11.98 -24.34 -25.71
CA GLY D 114 -12.97 -23.66 -26.52
C GLY D 114 -12.78 -22.15 -26.45
N LYS D 115 -12.72 -21.51 -27.60
CA LYS D 115 -12.48 -20.08 -27.63
C LYS D 115 -13.34 -19.45 -28.70
N VAL D 116 -13.80 -18.20 -28.43
CA VAL D 116 -14.62 -17.42 -29.36
C VAL D 116 -13.92 -16.12 -29.66
N CYS D 117 -14.03 -15.66 -30.90
CA CYS D 117 -13.32 -14.48 -31.35
C CYS D 117 -14.29 -13.36 -31.69
N ASN D 118 -13.90 -12.12 -31.46
CA ASN D 118 -14.86 -11.00 -31.62
C ASN D 118 -15.20 -10.77 -33.09
N PRO D 119 -16.49 -10.72 -33.47
CA PRO D 119 -16.88 -10.57 -34.87
C PRO D 119 -16.51 -9.17 -35.35
N ASP D 120 -16.65 -8.18 -34.47
CA ASP D 120 -16.36 -6.77 -34.85
C ASP D 120 -14.83 -6.63 -35.00
N ASN D 121 -14.08 -7.66 -34.62
CA ASN D 121 -12.61 -7.64 -34.82
C ASN D 121 -12.07 -9.03 -34.57
N PRO D 122 -12.04 -9.93 -35.57
CA PRO D 122 -11.62 -11.30 -35.35
C PRO D 122 -10.15 -11.36 -34.93
N GLN D 123 -9.52 -10.20 -34.74
CA GLN D 123 -8.11 -10.16 -34.30
C GLN D 123 -8.04 -10.72 -32.88
N GLU D 124 -9.14 -10.66 -32.12
CA GLU D 124 -9.05 -11.07 -30.69
C GLU D 124 -10.00 -12.22 -30.37
N CYS D 125 -9.55 -13.15 -29.54
CA CYS D 125 -10.43 -14.26 -29.08
C CYS D 125 -10.36 -14.35 -27.55
N LEU D 126 -11.46 -14.69 -26.88
CA LEU D 126 -11.58 -14.82 -25.45
C LEU D 126 -11.82 -16.30 -25.17
N LEU D 127 -11.02 -16.85 -24.26
CA LEU D 127 -11.38 -18.09 -23.61
C LEU D 127 -12.48 -17.78 -22.58
N LEU D 128 -13.16 -18.82 -22.09
CA LEU D 128 -14.11 -18.56 -21.02
C LEU D 128 -13.43 -17.89 -19.82
N GLU D 129 -12.22 -18.36 -19.47
CA GLU D 129 -11.33 -17.76 -18.48
C GLU D 129 -10.03 -17.35 -19.16
N PRO D 130 -9.58 -16.09 -19.07
CA PRO D 130 -10.07 -14.97 -18.27
C PRO D 130 -10.93 -13.97 -19.04
N GLY D 131 -11.29 -14.28 -20.28
CA GLY D 131 -11.86 -13.29 -21.17
C GLY D 131 -13.35 -13.04 -21.06
N LEU D 132 -14.15 -14.06 -21.42
CA LEU D 132 -15.61 -13.92 -21.40
C LEU D 132 -16.13 -13.77 -19.98
N ASN D 133 -15.63 -14.58 -19.05
CA ASN D 133 -16.02 -14.43 -17.65
C ASN D 133 -15.81 -13.00 -17.17
N GLU D 134 -14.76 -12.35 -17.67
CA GLU D 134 -14.45 -10.99 -17.26
C GLU D 134 -15.55 -10.05 -17.77
N ILE D 135 -16.05 -10.32 -18.98
CA ILE D 135 -17.18 -9.58 -19.53
C ILE D 135 -18.43 -9.81 -18.69
N MET D 136 -18.92 -11.04 -18.62
CA MET D 136 -20.18 -11.32 -17.92
C MET D 136 -20.16 -10.80 -16.49
N ALA D 137 -18.98 -10.77 -15.85
CA ALA D 137 -18.92 -10.28 -14.48
C ALA D 137 -18.92 -8.77 -14.44
N ASN D 138 -18.23 -8.10 -15.36
CA ASN D 138 -18.11 -6.66 -15.24
C ASN D 138 -19.03 -5.87 -16.18
N SER D 139 -19.30 -6.33 -17.40
CA SER D 139 -19.88 -5.44 -18.39
C SER D 139 -21.33 -5.10 -18.12
N LEU D 140 -21.66 -3.81 -18.26
CA LEU D 140 -23.02 -3.30 -18.21
C LEU D 140 -23.64 -3.12 -19.58
N ASP D 141 -22.89 -3.32 -20.65
CA ASP D 141 -23.47 -3.13 -21.97
C ASP D 141 -24.20 -4.37 -22.41
N TYR D 142 -25.45 -4.20 -22.82
CA TYR D 142 -26.34 -5.33 -23.06
C TYR D 142 -25.89 -6.16 -24.24
N ASN D 143 -25.48 -5.53 -25.33
CA ASN D 143 -25.17 -6.30 -26.51
C ASN D 143 -23.87 -7.06 -26.31
N GLU D 144 -22.94 -6.48 -25.55
CA GLU D 144 -21.67 -7.15 -25.27
C GLU D 144 -21.97 -8.43 -24.50
N ARG D 145 -22.79 -8.31 -23.45
CA ARG D 145 -23.17 -9.42 -22.59
C ARG D 145 -23.92 -10.48 -23.38
N LEU D 146 -24.80 -10.06 -24.28
CA LEU D 146 -25.53 -11.01 -25.12
C LEU D 146 -24.57 -11.79 -26.03
N TRP D 147 -23.66 -11.10 -26.70
CA TRP D 147 -22.71 -11.82 -27.52
C TRP D 147 -21.94 -12.84 -26.71
N ALA D 148 -21.30 -12.40 -25.63
CA ALA D 148 -20.51 -13.34 -24.82
C ALA D 148 -21.32 -14.60 -24.54
N TRP D 149 -22.51 -14.39 -23.99
CA TRP D 149 -23.40 -15.48 -23.58
C TRP D 149 -23.70 -16.41 -24.76
N GLU D 150 -24.23 -15.86 -25.85
CA GLU D 150 -24.73 -16.69 -26.94
C GLU D 150 -23.59 -17.42 -27.66
N SER D 151 -22.49 -16.71 -27.92
CA SER D 151 -21.42 -17.34 -28.69
C SER D 151 -20.66 -18.36 -27.86
N TRP D 152 -20.63 -18.24 -26.51
CA TRP D 152 -20.16 -19.38 -25.72
C TRP D 152 -21.03 -20.60 -25.97
N ARG D 153 -22.34 -20.45 -25.79
CA ARG D 153 -23.17 -21.64 -25.94
C ARG D 153 -23.25 -22.16 -27.37
N SER D 154 -22.81 -21.40 -28.37
CA SER D 154 -22.87 -21.92 -29.74
C SER D 154 -21.52 -22.41 -30.30
N GLU D 155 -20.41 -21.72 -30.09
CA GLU D 155 -19.11 -22.31 -30.42
C GLU D 155 -18.81 -23.51 -29.53
N VAL D 156 -18.82 -23.33 -28.21
CA VAL D 156 -18.37 -24.41 -27.36
C VAL D 156 -19.46 -25.45 -27.06
N GLY D 157 -20.72 -25.03 -26.98
CA GLY D 157 -21.74 -25.98 -26.55
C GLY D 157 -22.24 -26.90 -27.63
N LYS D 158 -22.10 -26.52 -28.88
CA LYS D 158 -22.64 -27.34 -29.95
C LYS D 158 -21.72 -28.53 -30.17
N GLN D 159 -20.41 -28.26 -30.18
CA GLN D 159 -19.42 -29.31 -30.08
C GLN D 159 -19.85 -30.36 -29.06
N LEU D 160 -20.20 -29.92 -27.84
CA LEU D 160 -20.40 -30.84 -26.72
C LEU D 160 -21.67 -31.66 -26.81
N ARG D 161 -22.55 -31.40 -27.80
CA ARG D 161 -23.88 -32.01 -27.78
C ARG D 161 -23.87 -33.51 -28.01
N PRO D 162 -23.37 -34.02 -29.15
CA PRO D 162 -23.33 -35.49 -29.30
C PRO D 162 -22.47 -36.17 -28.25
N LEU D 163 -21.34 -35.56 -27.88
CA LEU D 163 -20.50 -36.13 -26.82
C LEU D 163 -21.31 -36.35 -25.56
N TYR D 164 -22.20 -35.40 -25.20
CA TYR D 164 -22.99 -35.58 -23.99
C TYR D 164 -24.08 -36.61 -24.18
N GLU D 165 -24.59 -36.74 -25.40
CA GLU D 165 -25.52 -37.83 -25.67
C GLU D 165 -24.86 -39.19 -25.39
N GLU D 166 -23.71 -39.44 -26.04
CA GLU D 166 -22.99 -40.69 -25.85
C GLU D 166 -22.57 -40.87 -24.40
N TYR D 167 -22.31 -39.76 -23.71
CA TYR D 167 -21.93 -39.81 -22.30
C TYR D 167 -23.09 -40.25 -21.44
N VAL D 168 -24.31 -39.79 -21.73
CA VAL D 168 -25.45 -40.27 -20.97
C VAL D 168 -25.67 -41.75 -21.23
N VAL D 169 -25.51 -42.17 -22.49
CA VAL D 169 -25.65 -43.60 -22.83
C VAL D 169 -24.69 -44.47 -22.03
N LEU D 170 -23.39 -44.18 -22.12
CA LEU D 170 -22.41 -45.01 -21.42
C LEU D 170 -22.58 -44.97 -19.91
N LYS D 171 -22.69 -43.76 -19.34
CA LYS D 171 -22.85 -43.66 -17.90
C LYS D 171 -24.08 -44.41 -17.43
N ASN D 172 -25.14 -44.42 -18.23
CA ASN D 172 -26.31 -45.18 -17.83
C ASN D 172 -26.04 -46.68 -17.85
N GLU D 173 -25.37 -47.20 -18.87
CA GLU D 173 -25.02 -48.62 -18.80
C GLU D 173 -24.18 -48.91 -17.56
N MET D 174 -23.12 -48.12 -17.35
CA MET D 174 -22.24 -48.27 -16.19
C MET D 174 -23.03 -48.38 -14.90
N ALA D 175 -23.97 -47.47 -14.68
CA ALA D 175 -24.73 -47.49 -13.43
C ALA D 175 -25.67 -48.67 -13.36
N ARG D 176 -26.38 -48.97 -14.47
CA ARG D 176 -27.31 -50.10 -14.47
C ARG D 176 -26.58 -51.40 -14.11
N ALA D 177 -25.31 -51.54 -14.52
CA ALA D 177 -24.55 -52.75 -14.23
C ALA D 177 -24.16 -52.84 -12.76
N ASN D 178 -23.98 -51.71 -12.08
CA ASN D 178 -23.71 -51.69 -10.65
C ASN D 178 -24.96 -51.72 -9.79
N HIS D 179 -26.13 -51.98 -10.41
CA HIS D 179 -27.38 -52.19 -9.70
C HIS D 179 -27.94 -50.91 -9.12
N TYR D 180 -27.65 -49.81 -9.77
CA TYR D 180 -28.41 -48.60 -9.59
C TYR D 180 -29.34 -48.47 -10.79
N GLU D 181 -30.44 -47.70 -10.65
CA GLU D 181 -31.40 -47.69 -11.75
C GLU D 181 -30.98 -46.78 -12.90
N ASP D 182 -30.13 -45.78 -12.64
CA ASP D 182 -29.61 -44.86 -13.65
C ASP D 182 -28.41 -44.14 -13.05
N TYR D 183 -27.76 -43.31 -13.86
CA TYR D 183 -26.59 -42.59 -13.35
C TYR D 183 -26.97 -41.56 -12.31
N GLY D 184 -28.16 -40.95 -12.43
CA GLY D 184 -28.64 -40.07 -11.37
C GLY D 184 -28.76 -40.79 -10.03
N ASP D 185 -29.27 -42.02 -10.07
CA ASP D 185 -29.41 -42.81 -8.85
C ASP D 185 -28.04 -43.15 -8.28
N TYR D 186 -27.11 -43.56 -9.15
CA TYR D 186 -25.72 -43.76 -8.75
C TYR D 186 -25.21 -42.55 -7.96
N TRP D 187 -25.33 -41.34 -8.51
CA TRP D 187 -24.80 -40.18 -7.79
C TRP D 187 -25.48 -39.99 -6.46
N ARG D 188 -26.81 -40.12 -6.43
CA ARG D 188 -27.53 -39.92 -5.19
C ARG D 188 -27.12 -40.98 -4.18
N GLY D 189 -26.27 -41.91 -4.58
CA GLY D 189 -25.93 -42.97 -3.61
C GLY D 189 -25.14 -42.43 -2.43
N ASP D 190 -24.37 -41.37 -2.64
CA ASP D 190 -23.51 -40.81 -1.57
C ASP D 190 -24.31 -40.61 -0.30
N TYR D 191 -25.58 -40.24 -0.41
CA TYR D 191 -26.33 -39.92 0.83
C TYR D 191 -27.07 -41.16 1.31
N GLU D 192 -26.66 -42.36 0.89
CA GLU D 192 -27.41 -43.55 1.28
C GLU D 192 -26.97 -44.08 2.64
N VAL D 193 -27.92 -44.61 3.42
CA VAL D 193 -27.65 -45.22 4.72
C VAL D 193 -28.55 -46.43 4.90
N ASN D 194 -27.94 -47.60 5.16
CA ASN D 194 -28.63 -48.88 5.18
C ASN D 194 -28.43 -49.62 6.51
N GLY D 195 -29.51 -50.24 7.00
CA GLY D 195 -29.46 -51.05 8.19
C GLY D 195 -28.77 -50.40 9.37
N VAL D 196 -29.24 -49.21 9.76
CA VAL D 196 -29.01 -48.63 11.08
C VAL D 196 -30.37 -48.15 11.56
N ASP D 197 -31.02 -48.93 12.43
CA ASP D 197 -32.40 -48.57 12.78
C ASP D 197 -32.49 -47.14 13.31
N GLY D 198 -33.20 -46.27 12.57
CA GLY D 198 -33.45 -44.92 12.99
C GLY D 198 -32.60 -43.88 12.29
N TYR D 199 -31.79 -44.28 11.33
CA TYR D 199 -30.86 -43.38 10.68
C TYR D 199 -30.70 -43.70 9.20
N ASP D 200 -31.55 -44.57 8.65
CA ASP D 200 -31.44 -44.98 7.25
C ASP D 200 -31.91 -43.83 6.37
N TYR D 201 -31.61 -43.95 5.08
CA TYR D 201 -31.90 -42.90 4.11
C TYR D 201 -31.77 -43.40 2.68
N SER D 202 -32.92 -43.57 2.01
CA SER D 202 -33.02 -44.08 0.64
C SER D 202 -32.56 -43.04 -0.39
N ARG D 203 -32.08 -43.54 -1.54
CA ARG D 203 -31.57 -42.66 -2.59
C ARG D 203 -32.66 -41.86 -3.27
N GLY D 204 -33.91 -42.24 -3.09
CA GLY D 204 -34.98 -41.42 -3.54
C GLY D 204 -35.38 -40.48 -2.45
N GLN D 205 -35.05 -40.79 -1.21
CA GLN D 205 -35.43 -39.90 -0.13
C GLN D 205 -34.74 -38.55 -0.29
N LEU D 206 -33.59 -38.54 -0.96
CA LEU D 206 -32.95 -37.27 -1.29
C LEU D 206 -33.80 -36.41 -2.23
N ILE D 207 -34.42 -37.01 -3.23
CA ILE D 207 -35.24 -36.19 -4.11
C ILE D 207 -36.43 -35.61 -3.35
N GLU D 208 -37.14 -36.42 -2.57
CA GLU D 208 -38.27 -35.88 -1.82
C GLU D 208 -37.82 -34.75 -0.91
N ASP D 209 -36.73 -34.94 -0.14
CA ASP D 209 -36.33 -33.89 0.80
C ASP D 209 -35.82 -32.63 0.09
N VAL D 210 -35.03 -32.78 -0.97
CA VAL D 210 -34.54 -31.58 -1.66
C VAL D 210 -35.71 -30.80 -2.22
N GLU D 211 -36.70 -31.50 -2.81
CA GLU D 211 -37.87 -30.78 -3.32
C GLU D 211 -38.68 -30.16 -2.19
N HIS D 212 -38.95 -30.91 -1.12
CA HIS D 212 -39.76 -30.36 -0.08
CA HIS D 212 -39.74 -30.37 -0.03
C HIS D 212 -39.09 -29.17 0.61
N THR D 213 -37.75 -29.10 0.62
CA THR D 213 -37.13 -27.93 1.25
C THR D 213 -37.06 -26.74 0.28
N PHE D 214 -36.91 -27.01 -1.01
CA PHE D 214 -36.90 -25.91 -1.97
C PHE D 214 -38.27 -25.25 -2.07
N GLU D 215 -39.35 -26.03 -1.87
CA GLU D 215 -40.66 -25.42 -1.76
C GLU D 215 -40.69 -24.34 -0.70
N GLU D 216 -40.03 -24.54 0.43
CA GLU D 216 -39.98 -23.49 1.45
C GLU D 216 -38.98 -22.38 1.13
N ILE D 217 -37.95 -22.66 0.34
CA ILE D 217 -37.13 -21.54 -0.09
C ILE D 217 -37.93 -20.62 -0.99
N LYS D 218 -38.86 -21.17 -1.78
CA LYS D 218 -39.44 -20.43 -2.91
C LYS D 218 -39.86 -19.00 -2.61
N PRO D 219 -40.56 -18.67 -1.52
CA PRO D 219 -40.96 -17.27 -1.31
C PRO D 219 -39.81 -16.31 -1.08
N LEU D 220 -38.87 -16.64 -0.18
CA LEU D 220 -37.67 -15.81 -0.07
C LEU D 220 -37.05 -15.62 -1.45
N TYR D 221 -37.00 -16.69 -2.24
CA TYR D 221 -36.39 -16.59 -3.55
C TYR D 221 -37.17 -15.60 -4.43
N GLU D 222 -38.50 -15.78 -4.53
CA GLU D 222 -39.36 -14.84 -5.25
C GLU D 222 -39.10 -13.40 -4.88
N HIS D 223 -38.95 -13.11 -3.61
CA HIS D 223 -38.80 -11.70 -3.28
C HIS D 223 -37.42 -11.18 -3.63
N LEU D 224 -36.36 -11.96 -3.38
CA LEU D 224 -35.06 -11.53 -3.89
C LEU D 224 -35.14 -11.22 -5.38
N HIS D 225 -35.88 -12.07 -6.09
CA HIS D 225 -36.05 -11.96 -7.54
C HIS D 225 -36.82 -10.71 -7.93
N ALA D 226 -37.98 -10.48 -7.33
CA ALA D 226 -38.72 -9.27 -7.63
C ALA D 226 -37.86 -8.04 -7.43
N TYR D 227 -37.05 -8.03 -6.38
CA TYR D 227 -36.24 -6.86 -6.08
C TYR D 227 -35.10 -6.69 -7.06
N VAL D 228 -34.44 -7.79 -7.41
CA VAL D 228 -33.34 -7.71 -8.35
C VAL D 228 -33.87 -7.32 -9.72
N ARG D 229 -35.07 -7.79 -10.07
CA ARG D 229 -35.66 -7.44 -11.35
C ARG D 229 -35.98 -5.97 -11.43
N ALA D 230 -36.57 -5.40 -10.38
CA ALA D 230 -36.72 -3.95 -10.30
C ALA D 230 -35.40 -3.23 -10.54
N LYS D 231 -34.34 -3.68 -9.87
CA LYS D 231 -33.06 -2.95 -9.97
C LYS D 231 -32.44 -3.08 -11.37
N LEU D 232 -32.46 -4.30 -11.96
CA LEU D 232 -31.92 -4.47 -13.32
C LEU D 232 -32.76 -3.73 -14.34
N MET D 233 -34.07 -3.77 -14.16
CA MET D 233 -34.97 -3.08 -15.05
C MET D 233 -34.64 -1.59 -15.05
N ASN D 234 -34.20 -1.05 -13.92
CA ASN D 234 -33.64 0.31 -13.99
C ASN D 234 -32.30 0.32 -14.66
N ALA D 235 -31.53 -0.74 -14.62
CA ALA D 235 -30.22 -0.56 -15.23
C ALA D 235 -30.18 -0.97 -16.70
N TYR D 236 -31.21 -1.63 -17.18
CA TYR D 236 -31.39 -1.95 -18.60
C TYR D 236 -32.83 -1.62 -18.92
N PRO D 237 -33.16 -0.33 -19.01
CA PRO D 237 -34.58 0.05 -18.91
C PRO D 237 -35.36 -0.53 -20.06
N SER D 238 -34.76 -0.46 -21.23
CA SER D 238 -35.42 -0.79 -22.47
C SER D 238 -35.41 -2.29 -22.77
N TYR D 239 -35.25 -3.17 -21.77
CA TYR D 239 -34.99 -4.60 -22.03
C TYR D 239 -35.70 -5.62 -21.11
N ILE D 240 -36.18 -5.28 -19.92
CA ILE D 240 -36.61 -6.29 -18.96
C ILE D 240 -38.06 -6.03 -18.57
N SER D 241 -38.92 -7.07 -18.70
CA SER D 241 -40.35 -6.87 -18.40
C SER D 241 -40.60 -6.94 -16.90
N PRO D 242 -41.55 -6.17 -16.40
CA PRO D 242 -41.81 -6.14 -14.96
C PRO D 242 -42.59 -7.34 -14.46
N ILE D 243 -43.03 -8.19 -15.38
CA ILE D 243 -43.69 -9.45 -15.07
C ILE D 243 -42.89 -10.64 -15.53
N GLY D 244 -41.70 -10.41 -16.08
CA GLY D 244 -40.99 -11.42 -16.81
C GLY D 244 -39.89 -12.10 -16.01
N CYS D 245 -39.31 -13.11 -16.63
CA CYS D 245 -38.12 -13.75 -16.12
C CYS D 245 -36.90 -12.86 -16.36
N LEU D 246 -35.76 -13.32 -15.88
CA LEU D 246 -34.63 -12.45 -16.10
C LEU D 246 -33.83 -12.96 -17.30
N PRO D 247 -33.33 -12.10 -18.19
CA PRO D 247 -32.48 -12.60 -19.27
C PRO D 247 -31.17 -13.15 -18.75
N ALA D 248 -30.86 -14.39 -19.15
CA ALA D 248 -29.78 -15.16 -18.53
C ALA D 248 -28.43 -14.45 -18.64
N HIS D 249 -28.18 -13.75 -19.75
CA HIS D 249 -26.92 -13.05 -19.93
C HIS D 249 -26.78 -11.81 -19.08
N LEU D 250 -27.72 -11.56 -18.19
CA LEU D 250 -27.70 -10.34 -17.40
C LEU D 250 -27.58 -10.65 -15.92
N LEU D 251 -27.15 -11.86 -15.58
CA LEU D 251 -27.14 -12.29 -14.20
C LEU D 251 -25.80 -12.19 -13.53
N GLY D 252 -24.76 -11.84 -14.24
CA GLY D 252 -23.55 -11.42 -13.57
C GLY D 252 -22.46 -12.44 -13.58
N ASP D 253 -22.69 -13.60 -14.17
CA ASP D 253 -21.64 -14.50 -14.62
C ASP D 253 -22.18 -15.21 -15.86
N MET D 254 -21.42 -16.17 -16.36
CA MET D 254 -21.75 -16.81 -17.62
C MET D 254 -23.02 -17.65 -17.61
N TRP D 255 -23.48 -18.09 -16.44
CA TRP D 255 -24.64 -18.97 -16.44
C TRP D 255 -25.67 -18.50 -15.47
N GLY D 256 -25.39 -17.42 -14.74
CA GLY D 256 -26.28 -17.02 -13.67
C GLY D 256 -26.26 -18.00 -12.53
N ARG D 257 -25.11 -18.66 -12.32
CA ARG D 257 -24.96 -19.61 -11.23
C ARG D 257 -25.11 -18.90 -9.90
N PHE D 258 -24.45 -17.76 -9.77
CA PHE D 258 -24.58 -16.90 -8.62
C PHE D 258 -24.96 -15.51 -9.10
N TRP D 259 -25.68 -14.77 -8.27
CA TRP D 259 -25.99 -13.37 -8.54
C TRP D 259 -25.07 -12.45 -7.78
N THR D 260 -23.81 -12.82 -7.63
CA THR D 260 -22.93 -12.01 -6.81
C THR D 260 -22.61 -10.70 -7.50
N ASN D 261 -22.26 -10.75 -8.77
CA ASN D 261 -21.79 -9.52 -9.37
C ASN D 261 -22.90 -8.49 -9.58
N LEU D 262 -24.15 -8.88 -9.36
CA LEU D 262 -25.20 -7.87 -9.41
C LEU D 262 -25.21 -6.95 -8.19
N TYR D 263 -24.29 -7.08 -7.23
CA TYR D 263 -24.37 -6.21 -6.04
C TYR D 263 -24.15 -4.74 -6.39
N SER D 264 -23.16 -4.45 -7.25
CA SER D 264 -23.03 -3.10 -7.81
C SER D 264 -24.36 -2.53 -8.26
N LEU D 265 -25.15 -3.31 -8.99
CA LEU D 265 -26.40 -2.88 -9.60
C LEU D 265 -27.60 -2.95 -8.66
N THR D 266 -27.44 -3.61 -7.50
CA THR D 266 -28.61 -3.86 -6.61
C THR D 266 -28.36 -3.47 -5.15
N VAL D 267 -27.28 -2.77 -4.83
CA VAL D 267 -26.95 -2.47 -3.41
C VAL D 267 -28.14 -1.76 -2.75
N PRO D 268 -28.59 -2.21 -1.56
CA PRO D 268 -29.79 -1.63 -0.91
C PRO D 268 -29.59 -0.23 -0.32
N PHE D 269 -28.41 0.06 0.26
CA PHE D 269 -28.09 1.41 0.81
C PHE D 269 -26.71 1.70 0.22
N GLY D 270 -26.70 2.21 -1.01
CA GLY D 270 -25.46 2.27 -1.77
C GLY D 270 -24.40 3.19 -1.22
N GLN D 271 -24.77 4.10 -0.34
CA GLN D 271 -23.80 5.06 0.18
C GLN D 271 -23.19 4.67 1.51
N LYS D 272 -23.74 3.67 2.19
CA LYS D 272 -23.22 3.25 3.48
C LYS D 272 -21.90 2.50 3.29
N PRO D 273 -20.92 2.74 4.16
CA PRO D 273 -19.64 2.07 3.99
C PRO D 273 -19.82 0.56 4.10
N ASN D 274 -19.01 -0.16 3.35
CA ASN D 274 -18.99 -1.62 3.37
C ASN D 274 -17.77 -2.09 4.17
N ILE D 275 -17.97 -2.95 5.17
CA ILE D 275 -16.95 -3.26 6.21
C ILE D 275 -15.75 -3.98 5.61
N ASP D 276 -14.61 -3.29 5.56
CA ASP D 276 -13.36 -3.90 5.02
C ASP D 276 -12.20 -3.53 5.92
N VAL D 277 -11.59 -4.51 6.57
CA VAL D 277 -10.50 -4.25 7.55
C VAL D 277 -9.16 -4.39 6.88
N THR D 278 -9.12 -4.40 5.54
CA THR D 278 -7.84 -4.63 4.84
C THR D 278 -6.88 -3.50 5.22
N ASP D 279 -7.33 -2.26 5.16
CA ASP D 279 -6.45 -1.17 5.55
C ASP D 279 -6.05 -1.30 7.01
N ALA D 280 -6.96 -1.82 7.83
CA ALA D 280 -6.69 -1.95 9.26
C ALA D 280 -5.55 -2.93 9.50
N MET D 281 -5.66 -4.13 8.91
CA MET D 281 -4.58 -5.13 8.92
C MET D 281 -3.26 -4.55 8.41
N VAL D 282 -3.28 -3.89 7.24
CA VAL D 282 -2.03 -3.35 6.71
C VAL D 282 -1.43 -2.30 7.62
N ASP D 283 -2.27 -1.38 8.10
CA ASP D 283 -1.76 -0.26 8.95
C ASP D 283 -1.23 -0.81 10.26
N GLN D 284 -1.71 -1.98 10.69
CA GLN D 284 -1.28 -2.55 12.01
C GLN D 284 -0.08 -3.48 11.81
N ALA D 285 0.53 -3.42 10.63
CA ALA D 285 1.78 -4.19 10.41
C ALA D 285 1.50 -5.68 10.58
N TRP D 286 0.61 -6.23 9.77
CA TRP D 286 0.27 -7.66 9.93
C TRP D 286 1.00 -8.47 8.87
N ASP D 287 0.87 -9.80 8.91
CA ASP D 287 1.53 -10.56 7.84
C ASP D 287 0.79 -11.87 7.68
N ALA D 288 1.01 -12.64 6.62
CA ALA D 288 0.22 -13.88 6.50
C ALA D 288 0.27 -14.64 7.82
N GLN D 289 1.47 -14.85 8.36
CA GLN D 289 1.61 -15.60 9.62
C GLN D 289 0.56 -15.09 10.60
N ARG D 290 0.60 -13.80 10.91
CA ARG D 290 -0.36 -13.28 11.90
C ARG D 290 -1.74 -13.75 11.44
N ILE D 291 -2.01 -13.65 10.14
CA ILE D 291 -3.36 -14.09 9.79
C ILE D 291 -3.60 -15.53 10.28
N PHE D 292 -2.68 -16.45 9.95
CA PHE D 292 -2.90 -17.86 10.31
C PHE D 292 -2.80 -18.07 11.82
N LYS D 293 -2.02 -17.25 12.49
CA LYS D 293 -1.96 -17.27 13.95
C LYS D 293 -3.31 -16.87 14.56
N GLU D 294 -3.99 -15.87 13.96
CA GLU D 294 -5.30 -15.47 14.45
C GLU D 294 -6.35 -16.53 14.17
N ALA D 295 -6.23 -17.21 13.04
CA ALA D 295 -7.10 -18.36 12.77
C ALA D 295 -6.88 -19.50 13.79
N GLU D 296 -5.62 -19.85 14.03
CA GLU D 296 -5.28 -20.81 15.06
C GLU D 296 -5.90 -20.42 16.41
N LYS D 297 -5.67 -19.16 16.84
CA LYS D 297 -6.24 -18.63 18.09
C LYS D 297 -7.76 -18.79 18.14
N PHE D 298 -8.43 -18.54 17.01
CA PHE D 298 -9.89 -18.65 16.95
C PHE D 298 -10.35 -20.06 17.23
N PHE D 299 -9.82 -21.03 16.50
CA PHE D 299 -10.25 -22.40 16.75
C PHE D 299 -9.93 -22.84 18.18
N VAL D 300 -8.71 -22.52 18.66
CA VAL D 300 -8.37 -22.81 20.06
C VAL D 300 -9.40 -22.22 21.00
N SER D 301 -9.95 -21.05 20.68
CA SER D 301 -10.86 -20.46 21.65
C SER D 301 -12.11 -21.31 21.90
N VAL D 302 -12.53 -22.16 20.96
CA VAL D 302 -13.68 -23.04 21.19
C VAL D 302 -13.27 -24.44 21.67
N GLY D 303 -12.00 -24.66 22.00
CA GLY D 303 -11.60 -25.93 22.57
C GLY D 303 -10.86 -26.86 21.63
N LEU D 304 -10.90 -26.61 20.32
CA LEU D 304 -10.17 -27.42 19.35
C LEU D 304 -8.64 -27.23 19.55
N PRO D 305 -7.80 -28.08 18.92
CA PRO D 305 -6.34 -27.96 19.11
C PRO D 305 -5.64 -26.89 18.28
N ASN D 306 -4.40 -26.58 18.70
CA ASN D 306 -3.60 -25.69 17.85
C ASN D 306 -3.02 -26.47 16.69
N MET D 307 -2.65 -25.75 15.63
CA MET D 307 -2.04 -26.40 14.48
C MET D 307 -0.73 -27.06 14.90
N THR D 308 -0.40 -28.14 14.20
CA THR D 308 0.82 -28.88 14.46
C THR D 308 2.05 -28.11 14.01
N GLN D 309 3.13 -28.23 14.79
CA GLN D 309 4.43 -27.70 14.40
C GLN D 309 4.76 -28.04 12.96
N GLY D 310 4.34 -29.22 12.50
CA GLY D 310 4.55 -29.58 11.12
C GLY D 310 3.79 -28.68 10.20
N PHE D 311 2.58 -28.29 10.60
CA PHE D 311 1.79 -27.38 9.79
C PHE D 311 2.54 -26.09 9.55
N TRP D 312 3.15 -25.56 10.61
CA TRP D 312 3.91 -24.32 10.48
C TRP D 312 5.18 -24.51 9.67
N GLU D 313 5.94 -25.56 9.97
CA GLU D 313 7.16 -25.78 9.21
C GLU D 313 6.87 -25.94 7.70
N ASN D 314 5.79 -26.65 7.35
CA ASN D 314 5.65 -27.21 6.02
C ASN D 314 4.61 -26.51 5.14
N SER D 315 3.61 -25.86 5.72
CA SER D 315 2.64 -25.21 4.85
C SER D 315 3.38 -24.20 3.99
N MET D 316 2.75 -23.83 2.88
CA MET D 316 3.15 -22.69 2.05
C MET D 316 2.10 -21.61 2.26
N LEU D 317 2.40 -20.63 3.10
CA LEU D 317 1.42 -19.61 3.44
C LEU D 317 1.58 -18.27 2.68
N THR D 318 2.44 -18.22 1.66
CA THR D 318 2.64 -17.03 0.84
C THR D 318 3.23 -17.43 -0.51
N ASP D 319 2.83 -16.71 -1.57
CA ASP D 319 3.35 -16.86 -2.92
C ASP D 319 4.90 -16.82 -2.91
N PRO D 320 5.55 -17.89 -3.33
CA PRO D 320 7.00 -18.02 -3.18
C PRO D 320 7.79 -17.29 -4.25
N GLY D 321 7.39 -16.09 -4.54
CA GLY D 321 8.17 -15.34 -5.47
C GLY D 321 7.89 -15.71 -6.91
N ASN D 322 8.68 -15.10 -7.78
CA ASN D 322 8.49 -15.26 -9.21
C ASN D 322 9.36 -16.37 -9.78
N VAL D 323 10.35 -16.84 -9.01
CA VAL D 323 11.24 -17.89 -9.51
C VAL D 323 10.46 -19.17 -9.76
N GLN D 324 9.82 -19.72 -8.71
CA GLN D 324 9.01 -20.94 -8.80
C GLN D 324 7.54 -20.60 -8.89
N LYS D 325 6.83 -21.23 -9.81
CA LYS D 325 5.38 -20.99 -9.85
C LYS D 325 4.69 -22.05 -9.01
N ALA D 326 3.54 -21.70 -8.44
CA ALA D 326 2.80 -22.56 -7.50
C ALA D 326 1.31 -22.41 -7.69
N VAL D 327 0.59 -23.52 -7.64
CA VAL D 327 -0.85 -23.44 -7.82
C VAL D 327 -1.52 -22.80 -6.61
N CYS D 328 -1.93 -21.52 -6.76
CA CYS D 328 -2.32 -20.67 -5.65
C CYS D 328 -3.78 -20.76 -5.24
N HIS D 329 -4.58 -21.67 -5.80
CA HIS D 329 -5.89 -21.89 -5.23
C HIS D 329 -5.72 -22.28 -3.75
N PRO D 330 -6.42 -21.65 -2.81
CA PRO D 330 -6.23 -21.98 -1.40
C PRO D 330 -6.77 -23.38 -1.13
N THR D 331 -5.87 -24.28 -0.74
CA THR D 331 -6.25 -25.68 -0.56
C THR D 331 -5.64 -26.26 0.71
N ALA D 332 -6.38 -27.15 1.35
CA ALA D 332 -6.04 -27.63 2.70
C ALA D 332 -5.71 -29.12 2.70
N TRP D 333 -4.41 -29.44 2.68
CA TRP D 333 -3.88 -30.78 2.46
C TRP D 333 -3.84 -31.58 3.76
N ASP D 334 -4.49 -32.76 3.73
CA ASP D 334 -4.39 -33.84 4.72
C ASP D 334 -3.57 -34.95 4.07
N LEU D 335 -2.25 -34.93 4.25
CA LEU D 335 -1.36 -35.89 3.53
C LEU D 335 -1.30 -37.23 4.26
N GLY D 336 -1.48 -37.20 5.57
CA GLY D 336 -1.46 -38.46 6.35
C GLY D 336 -0.24 -38.55 7.24
N LYS D 337 -0.17 -39.63 8.02
CA LYS D 337 0.98 -39.83 8.92
C LYS D 337 1.21 -38.55 9.72
N GLY D 338 0.14 -37.85 10.09
CA GLY D 338 0.26 -36.67 10.97
C GLY D 338 0.66 -35.42 10.24
N ASP D 339 0.52 -35.41 8.92
CA ASP D 339 1.00 -34.26 8.18
C ASP D 339 -0.20 -33.44 7.66
N PHE D 340 -0.33 -32.22 8.16
CA PHE D 340 -1.34 -31.31 7.65
C PHE D 340 -0.68 -30.02 7.18
N ARG D 341 -1.25 -29.42 6.13
CA ARG D 341 -0.66 -28.29 5.43
C ARG D 341 -1.75 -27.50 4.71
N ILE D 342 -1.52 -26.19 4.57
CA ILE D 342 -2.38 -25.34 3.76
C ILE D 342 -1.50 -24.65 2.75
N LEU D 343 -1.91 -24.66 1.49
CA LEU D 343 -1.18 -24.03 0.40
C LEU D 343 -2.05 -22.83 0.02
N MET D 344 -1.54 -21.62 0.24
CA MET D 344 -2.33 -20.44 -0.03
C MET D 344 -1.37 -19.29 -0.21
N CYS D 345 -1.50 -18.53 -1.31
CA CYS D 345 -0.61 -17.40 -1.62
C CYS D 345 -1.20 -16.16 -0.99
N THR D 346 -1.08 -16.10 0.33
CA THR D 346 -1.89 -15.22 1.14
C THR D 346 -1.45 -13.77 0.94
N LYS D 347 -2.38 -12.92 0.55
CA LYS D 347 -2.25 -11.46 0.62
C LYS D 347 -2.75 -10.98 1.99
N VAL D 348 -2.51 -9.71 2.32
CA VAL D 348 -3.05 -9.14 3.58
C VAL D 348 -4.30 -8.37 3.23
N THR D 349 -5.38 -9.11 3.06
CA THR D 349 -6.71 -8.54 2.80
C THR D 349 -7.65 -9.18 3.80
N MET D 350 -8.86 -8.64 3.90
CA MET D 350 -9.86 -9.32 4.68
C MET D 350 -10.35 -10.58 3.97
N ASP D 351 -10.35 -10.59 2.65
CA ASP D 351 -10.73 -11.79 1.91
C ASP D 351 -9.80 -12.95 2.26
N ASP D 352 -8.49 -12.69 2.32
CA ASP D 352 -7.63 -13.79 2.66
C ASP D 352 -7.66 -14.11 4.14
N PHE D 353 -7.89 -13.09 4.99
CA PHE D 353 -8.08 -13.36 6.41
C PHE D 353 -9.25 -14.29 6.62
N LEU D 354 -10.31 -14.16 5.80
CA LEU D 354 -11.42 -15.09 5.98
C LEU D 354 -11.14 -16.44 5.33
N THR D 355 -10.53 -16.45 4.14
CA THR D 355 -10.15 -17.74 3.58
C THR D 355 -9.24 -18.56 4.52
N ALA D 356 -8.42 -17.91 5.34
CA ALA D 356 -7.61 -18.70 6.25
C ALA D 356 -8.50 -19.46 7.21
N HIS D 357 -9.49 -18.80 7.81
CA HIS D 357 -10.39 -19.53 8.69
C HIS D 357 -11.13 -20.67 7.97
N HIS D 358 -11.56 -20.47 6.72
CA HIS D 358 -12.17 -21.59 5.98
C HIS D 358 -11.21 -22.78 5.79
N GLU D 359 -10.07 -22.53 5.19
CA GLU D 359 -9.16 -23.62 4.86
C GLU D 359 -8.62 -24.29 6.13
N MET D 360 -8.34 -23.50 7.19
CA MET D 360 -7.96 -24.08 8.49
C MET D 360 -9.08 -24.88 9.12
N GLY D 361 -10.34 -24.52 8.90
CA GLY D 361 -11.42 -25.39 9.34
C GLY D 361 -11.39 -26.71 8.62
N HIS D 362 -11.07 -26.70 7.33
CA HIS D 362 -10.86 -27.97 6.64
C HIS D 362 -9.83 -28.79 7.39
N ILE D 363 -8.69 -28.17 7.74
CA ILE D 363 -7.65 -28.88 8.50
C ILE D 363 -8.16 -29.32 9.86
N GLN D 364 -9.05 -28.55 10.44
CA GLN D 364 -9.57 -28.87 11.75
C GLN D 364 -10.39 -30.16 11.69
N TYR D 365 -11.23 -30.27 10.67
CA TYR D 365 -11.93 -31.52 10.39
C TYR D 365 -10.92 -32.65 10.18
N ASP D 366 -9.92 -32.42 9.34
CA ASP D 366 -8.97 -33.48 9.01
C ASP D 366 -8.33 -34.07 10.27
N MET D 367 -7.72 -33.23 11.11
CA MET D 367 -7.21 -33.65 12.40
C MET D 367 -8.26 -34.30 13.26
N ALA D 368 -9.53 -33.95 13.08
CA ALA D 368 -10.53 -34.47 14.02
C ALA D 368 -10.80 -35.96 13.81
N TYR D 369 -10.80 -36.42 12.54
CA TYR D 369 -11.16 -37.79 12.21
C TYR D 369 -9.93 -38.60 11.78
N ALA D 370 -8.74 -38.19 12.16
CA ALA D 370 -7.59 -38.93 11.66
C ALA D 370 -7.33 -40.20 12.47
N ALA D 371 -8.10 -40.45 13.52
CA ALA D 371 -7.94 -41.74 14.22
C ALA D 371 -8.74 -42.80 13.47
N GLN D 372 -9.81 -42.38 12.81
CA GLN D 372 -10.68 -43.33 12.10
C GLN D 372 -9.88 -44.05 11.02
N PRO D 373 -10.31 -45.24 10.57
CA PRO D 373 -9.63 -45.95 9.51
C PRO D 373 -9.39 -45.09 8.28
N PHE D 374 -8.35 -45.40 7.53
CA PHE D 374 -8.00 -44.62 6.35
C PHE D 374 -9.19 -44.41 5.44
N LEU D 375 -10.02 -45.45 5.26
CA LEU D 375 -11.16 -45.32 4.34
C LEU D 375 -12.37 -44.66 5.00
N LEU D 376 -12.31 -44.30 6.27
CA LEU D 376 -13.39 -43.52 6.85
C LEU D 376 -12.96 -42.09 7.19
N ARG D 377 -11.76 -41.71 6.75
CA ARG D 377 -11.27 -40.34 7.01
C ARG D 377 -11.81 -39.44 5.91
N ASN D 378 -13.02 -38.92 6.08
CA ASN D 378 -13.59 -37.95 5.13
C ASN D 378 -14.90 -37.42 5.72
N GLY D 379 -15.71 -36.73 4.92
CA GLY D 379 -16.93 -36.12 5.46
C GLY D 379 -18.09 -37.08 5.49
N ALA D 380 -19.04 -36.87 6.40
CA ALA D 380 -20.16 -37.81 6.54
C ALA D 380 -20.83 -37.94 5.18
N ASN D 381 -21.12 -36.81 4.55
CA ASN D 381 -21.70 -36.84 3.19
C ASN D 381 -20.91 -35.89 2.32
N GLU D 382 -21.20 -35.89 1.04
CA GLU D 382 -20.32 -35.11 0.14
C GLU D 382 -20.33 -33.64 0.52
N GLY D 383 -21.27 -33.25 1.36
CA GLY D 383 -21.37 -31.81 1.65
C GLY D 383 -20.97 -31.44 3.05
N PHE D 384 -20.20 -32.27 3.75
CA PHE D 384 -19.91 -31.84 5.10
C PHE D 384 -18.69 -30.93 5.19
N HIS D 385 -17.60 -31.26 4.47
CA HIS D 385 -16.37 -30.47 4.63
C HIS D 385 -16.54 -28.98 4.34
N GLU D 386 -17.10 -28.66 3.16
CA GLU D 386 -17.16 -27.25 2.82
C GLU D 386 -18.27 -26.53 3.60
N ALA D 387 -19.16 -27.25 4.26
CA ALA D 387 -20.02 -26.59 5.24
C ALA D 387 -19.25 -26.24 6.52
N VAL D 388 -18.41 -27.17 6.98
CA VAL D 388 -17.57 -26.90 8.15
C VAL D 388 -16.65 -25.71 7.89
N GLY D 389 -16.05 -25.65 6.70
CA GLY D 389 -15.22 -24.51 6.38
C GLY D 389 -15.98 -23.18 6.32
N GLU D 390 -17.24 -23.22 5.81
CA GLU D 390 -18.02 -21.99 5.63
C GLU D 390 -18.41 -21.35 6.97
N ILE D 391 -18.85 -22.17 7.92
CA ILE D 391 -19.34 -21.59 9.18
C ILE D 391 -18.23 -20.84 9.91
N MET D 392 -16.97 -21.21 9.64
CA MET D 392 -15.85 -20.47 10.18
C MET D 392 -15.84 -19.03 9.68
N SER D 393 -15.84 -18.84 8.36
CA SER D 393 -15.78 -17.48 7.87
C SER D 393 -17.05 -16.70 8.26
N LEU D 394 -18.17 -17.39 8.48
CA LEU D 394 -19.34 -16.66 9.02
C LEU D 394 -18.99 -16.07 10.37
N SER D 395 -18.42 -16.87 11.27
CA SER D 395 -18.16 -16.38 12.62
C SER D 395 -17.06 -15.32 12.62
N ALA D 396 -16.14 -15.40 11.67
CA ALA D 396 -14.95 -14.56 11.69
C ALA D 396 -15.20 -13.18 11.13
N ALA D 397 -16.13 -13.07 10.17
CA ALA D 397 -16.45 -11.82 9.49
C ALA D 397 -17.36 -10.88 10.29
N THR D 398 -18.01 -11.36 11.35
CA THR D 398 -18.92 -10.54 12.12
C THR D 398 -18.19 -9.31 12.63
N PRO D 399 -18.90 -8.22 12.84
CA PRO D 399 -18.29 -7.07 13.53
C PRO D 399 -17.86 -7.45 14.91
N LYS D 400 -18.69 -8.22 15.63
CA LYS D 400 -18.34 -8.62 16.98
C LYS D 400 -16.91 -9.17 17.04
N HIS D 401 -16.63 -10.18 16.20
CA HIS D 401 -15.30 -10.79 16.13
C HIS D 401 -14.22 -9.80 15.75
N LEU D 402 -14.47 -9.01 14.71
CA LEU D 402 -13.45 -8.07 14.22
C LEU D 402 -13.10 -7.04 15.27
N LYS D 403 -14.10 -6.52 15.98
CA LYS D 403 -13.83 -5.68 17.13
C LYS D 403 -12.93 -6.42 18.09
N SER D 404 -13.36 -7.65 18.46
CA SER D 404 -12.63 -8.43 19.45
C SER D 404 -11.16 -8.57 19.13
N ILE D 405 -10.81 -8.83 17.85
CA ILE D 405 -9.39 -9.07 17.57
C ILE D 405 -8.62 -7.79 17.28
N GLY D 406 -9.29 -6.63 17.26
CA GLY D 406 -8.61 -5.37 17.06
C GLY D 406 -8.54 -4.86 15.64
N LEU D 407 -9.30 -5.43 14.73
CA LEU D 407 -9.25 -4.90 13.38
C LEU D 407 -10.37 -3.90 13.13
N LEU D 408 -11.19 -3.62 14.14
CA LEU D 408 -12.35 -2.79 13.95
C LEU D 408 -12.52 -2.01 15.22
N SER D 409 -12.67 -0.75 15.14
CA SER D 409 -12.70 -0.10 16.43
C SER D 409 -14.04 -0.35 17.11
N PRO D 410 -14.06 -0.44 18.48
CA PRO D 410 -15.31 -0.68 19.21
C PRO D 410 -16.34 0.40 18.87
N ASP D 411 -15.91 1.44 18.18
CA ASP D 411 -16.82 2.57 17.91
C ASP D 411 -17.72 2.23 16.72
N PHE D 412 -17.40 1.17 15.98
CA PHE D 412 -18.21 0.92 14.77
C PHE D 412 -19.70 0.92 15.16
N GLN D 413 -20.51 1.63 14.39
CA GLN D 413 -21.97 1.68 14.65
C GLN D 413 -22.70 0.88 13.58
N GLU D 414 -23.16 -0.31 13.91
CA GLU D 414 -23.93 -1.16 13.05
C GLU D 414 -25.35 -0.62 13.04
N ASP D 415 -25.86 -0.51 11.80
CA ASP D 415 -27.20 0.06 11.59
C ASP D 415 -28.02 -0.80 10.61
N ASN D 416 -29.34 -0.68 10.67
CA ASN D 416 -30.21 -1.37 9.70
C ASN D 416 -29.55 -1.41 8.34
N GLU D 417 -29.19 -0.24 7.82
CA GLU D 417 -28.68 -0.17 6.42
C GLU D 417 -27.52 -1.13 6.25
N THR D 418 -26.39 -0.83 6.88
CA THR D 418 -25.20 -1.62 6.57
C THR D 418 -25.52 -3.10 6.65
N GLU D 419 -26.29 -3.50 7.68
CA GLU D 419 -26.67 -4.90 7.79
C GLU D 419 -27.50 -5.37 6.59
N ILE D 420 -28.41 -4.53 6.11
CA ILE D 420 -29.21 -4.98 4.97
C ILE D 420 -28.35 -5.07 3.73
N ASN D 421 -27.45 -4.12 3.52
CA ASN D 421 -26.46 -4.25 2.46
C ASN D 421 -25.81 -5.62 2.51
N PHE D 422 -25.27 -5.94 3.70
CA PHE D 422 -24.55 -7.20 3.92
C PHE D 422 -25.44 -8.40 3.57
N LEU D 423 -26.62 -8.45 4.21
CA LEU D 423 -27.51 -9.58 4.01
C LEU D 423 -27.89 -9.73 2.55
N LEU D 424 -28.00 -8.62 1.85
CA LEU D 424 -28.34 -8.67 0.45
C LEU D 424 -27.21 -9.29 -0.36
N LYS D 425 -25.98 -8.81 -0.16
CA LYS D 425 -24.83 -9.41 -0.83
C LYS D 425 -24.76 -10.91 -0.56
N GLN D 426 -25.00 -11.29 0.71
CA GLN D 426 -25.06 -12.70 1.06
C GLN D 426 -26.14 -13.41 0.25
N ALA D 427 -27.36 -12.90 0.29
CA ALA D 427 -28.46 -13.59 -0.37
C ALA D 427 -28.27 -13.69 -1.88
N LEU D 428 -27.56 -12.72 -2.47
CA LEU D 428 -27.28 -12.77 -3.90
C LEU D 428 -26.38 -13.95 -4.23
N THR D 429 -25.42 -14.21 -3.36
CA THR D 429 -24.49 -15.32 -3.61
C THR D 429 -25.08 -16.67 -3.18
N ILE D 430 -25.78 -16.70 -2.06
CA ILE D 430 -26.13 -17.91 -1.35
C ILE D 430 -27.54 -18.39 -1.68
N VAL D 431 -28.50 -17.45 -1.71
CA VAL D 431 -29.86 -17.79 -2.07
C VAL D 431 -29.99 -17.92 -3.57
N GLY D 432 -29.41 -16.99 -4.30
CA GLY D 432 -29.47 -17.05 -5.76
C GLY D 432 -29.10 -18.41 -6.33
N THR D 433 -27.93 -18.91 -5.93
CA THR D 433 -27.45 -20.20 -6.42
C THR D 433 -28.41 -21.35 -6.18
N LEU D 434 -29.23 -21.30 -5.13
CA LEU D 434 -29.98 -22.48 -4.70
C LEU D 434 -30.98 -22.95 -5.77
N PRO D 435 -31.89 -22.09 -6.29
CA PRO D 435 -32.76 -22.56 -7.38
C PRO D 435 -32.00 -22.93 -8.63
N PHE D 436 -30.92 -22.21 -8.96
CA PHE D 436 -30.12 -22.58 -10.12
C PHE D 436 -29.66 -24.02 -10.01
N THR D 437 -29.11 -24.34 -8.85
CA THR D 437 -28.48 -25.63 -8.61
C THR D 437 -29.52 -26.72 -8.61
N TYR D 438 -30.53 -26.56 -7.76
CA TYR D 438 -31.62 -27.54 -7.72
C TYR D 438 -32.13 -27.82 -9.12
N MET D 439 -32.28 -26.79 -9.94
CA MET D 439 -32.84 -26.99 -11.28
C MET D 439 -31.87 -27.80 -12.16
N LEU D 440 -30.60 -27.39 -12.22
CA LEU D 440 -29.66 -28.10 -13.10
C LEU D 440 -29.63 -29.55 -12.73
N GLU D 441 -29.45 -29.85 -11.44
CA GLU D 441 -29.39 -31.25 -11.03
C GLU D 441 -30.68 -31.98 -11.37
N LYS D 442 -31.82 -31.29 -11.27
CA LYS D 442 -33.10 -31.94 -11.58
C LYS D 442 -33.15 -32.35 -13.03
N TRP D 443 -32.74 -31.43 -13.91
CA TRP D 443 -32.70 -31.73 -15.32
C TRP D 443 -31.83 -32.95 -15.60
N ARG D 444 -30.65 -33.03 -14.96
CA ARG D 444 -29.79 -34.19 -15.14
C ARG D 444 -30.40 -35.49 -14.60
N TRP D 445 -31.01 -35.44 -13.41
CA TRP D 445 -31.58 -36.67 -12.86
C TRP D 445 -32.68 -37.20 -13.77
N MET D 446 -33.46 -36.31 -14.40
CA MET D 446 -34.46 -36.77 -15.38
C MET D 446 -33.82 -37.32 -16.65
N VAL D 447 -32.92 -36.55 -17.28
CA VAL D 447 -32.25 -37.05 -18.47
C VAL D 447 -31.72 -38.45 -18.21
N PHE D 448 -31.11 -38.65 -17.05
CA PHE D 448 -30.56 -39.96 -16.73
C PHE D 448 -31.65 -41.01 -16.50
N LYS D 449 -32.74 -40.64 -15.81
CA LYS D 449 -33.87 -41.56 -15.61
C LYS D 449 -34.64 -41.77 -16.90
N GLY D 450 -34.41 -40.94 -17.93
CA GLY D 450 -35.07 -41.09 -19.20
C GLY D 450 -36.35 -40.32 -19.38
N GLU D 451 -36.60 -39.30 -18.57
CA GLU D 451 -37.85 -38.55 -18.64
C GLU D 451 -37.75 -37.35 -19.57
N ILE D 452 -36.71 -37.28 -20.38
CA ILE D 452 -36.56 -36.23 -21.36
C ILE D 452 -35.94 -36.87 -22.61
N PRO D 453 -36.70 -37.01 -23.69
CA PRO D 453 -36.11 -37.51 -24.93
C PRO D 453 -35.12 -36.52 -25.49
N LYS D 454 -34.14 -37.06 -26.25
CA LYS D 454 -33.03 -36.28 -26.78
C LYS D 454 -33.52 -34.98 -27.45
N ASP D 455 -34.52 -35.12 -28.32
CA ASP D 455 -35.06 -33.99 -29.09
C ASP D 455 -35.71 -32.89 -28.25
N GLN D 456 -35.93 -33.11 -26.96
CA GLN D 456 -36.60 -32.10 -26.08
C GLN D 456 -35.61 -31.70 -24.99
N TRP D 457 -34.35 -32.08 -25.17
CA TRP D 457 -33.32 -31.81 -24.15
C TRP D 457 -33.27 -30.30 -23.85
N MET D 458 -32.86 -29.49 -24.83
CA MET D 458 -32.76 -28.03 -24.61
C MET D 458 -34.17 -27.50 -24.35
N LYS D 459 -35.13 -28.02 -25.09
CA LYS D 459 -36.50 -27.54 -24.90
C LYS D 459 -36.96 -27.69 -23.46
N LYS D 460 -36.63 -28.81 -22.81
CA LYS D 460 -36.96 -28.91 -21.39
C LYS D 460 -36.07 -28.03 -20.55
N TRP D 461 -34.79 -27.97 -20.91
CA TRP D 461 -33.84 -27.18 -20.11
C TRP D 461 -34.42 -25.81 -19.84
N TRP D 462 -34.69 -25.07 -20.91
CA TRP D 462 -35.14 -23.69 -20.78
C TRP D 462 -36.52 -23.60 -20.17
N GLU D 463 -37.40 -24.58 -20.42
CA GLU D 463 -38.71 -24.50 -19.76
C GLU D 463 -38.53 -24.46 -18.26
N MET D 464 -37.59 -25.28 -17.76
CA MET D 464 -37.24 -25.34 -16.34
C MET D 464 -36.37 -24.15 -15.91
N LYS D 465 -35.56 -23.57 -16.79
CA LYS D 465 -34.98 -22.28 -16.42
C LYS D 465 -36.06 -21.22 -16.21
N ARG D 466 -37.20 -21.31 -16.91
CA ARG D 466 -38.19 -20.25 -16.77
C ARG D 466 -39.09 -20.47 -15.56
N GLU D 467 -39.41 -21.74 -15.27
CA GLU D 467 -40.40 -22.07 -14.27
C GLU D 467 -39.79 -22.16 -12.87
N ILE D 468 -38.60 -22.72 -12.71
CA ILE D 468 -38.02 -22.91 -11.39
C ILE D 468 -37.08 -21.76 -11.02
N VAL D 469 -36.24 -21.32 -11.97
CA VAL D 469 -35.25 -20.31 -11.65
C VAL D 469 -35.83 -18.89 -11.78
N GLY D 470 -36.85 -18.71 -12.62
CA GLY D 470 -37.27 -17.39 -13.02
C GLY D 470 -36.26 -16.72 -13.91
N VAL D 471 -35.69 -17.46 -14.87
CA VAL D 471 -34.72 -16.92 -15.81
C VAL D 471 -35.09 -17.41 -17.21
N VAL D 472 -34.89 -16.54 -18.22
CA VAL D 472 -35.31 -16.79 -19.59
C VAL D 472 -34.15 -16.50 -20.55
N GLU D 473 -34.18 -17.15 -21.69
CA GLU D 473 -33.04 -17.09 -22.59
C GLU D 473 -33.20 -15.97 -23.58
N PRO D 474 -32.15 -15.22 -23.85
CA PRO D 474 -32.29 -14.09 -24.77
C PRO D 474 -32.46 -14.47 -26.23
N VAL D 475 -32.14 -15.71 -26.65
CA VAL D 475 -32.17 -16.18 -28.03
C VAL D 475 -32.76 -17.59 -27.98
N PRO D 476 -33.62 -18.00 -28.96
CA PRO D 476 -34.18 -19.35 -28.95
C PRO D 476 -33.10 -20.39 -29.21
N HIS D 477 -33.25 -21.59 -28.65
CA HIS D 477 -32.17 -22.60 -28.79
C HIS D 477 -32.72 -23.94 -29.28
N ASP D 478 -32.30 -24.38 -30.46
CA ASP D 478 -32.71 -25.72 -30.95
C ASP D 478 -31.85 -26.76 -30.23
N GLU D 479 -32.07 -28.04 -30.54
CA GLU D 479 -31.31 -29.08 -29.79
C GLU D 479 -29.86 -29.11 -30.26
N THR D 480 -29.52 -28.32 -31.29
CA THR D 480 -28.11 -28.23 -31.71
C THR D 480 -27.29 -27.83 -30.49
N TYR D 481 -27.92 -27.15 -29.53
CA TYR D 481 -27.27 -26.67 -28.34
C TYR D 481 -27.20 -27.76 -27.27
N CYS D 482 -26.33 -27.53 -26.30
CA CYS D 482 -26.28 -28.38 -25.12
C CYS D 482 -25.90 -27.51 -23.94
N ASP D 483 -26.69 -26.48 -23.68
CA ASP D 483 -26.29 -25.46 -22.71
C ASP D 483 -25.91 -26.01 -21.34
N PRO D 484 -26.59 -27.03 -20.76
CA PRO D 484 -26.05 -27.66 -19.55
C PRO D 484 -24.55 -27.91 -19.60
N ALA D 485 -24.09 -28.59 -20.67
CA ALA D 485 -22.69 -28.94 -20.91
C ALA D 485 -21.75 -27.75 -20.88
N SER D 486 -22.26 -26.54 -20.89
CA SER D 486 -21.44 -25.36 -20.99
C SER D 486 -20.97 -24.88 -19.64
N LEU D 487 -21.42 -25.54 -18.58
CA LEU D 487 -20.96 -25.24 -17.25
C LEU D 487 -19.98 -26.32 -16.86
N PHE D 488 -18.84 -25.91 -16.33
CA PHE D 488 -17.77 -26.85 -16.01
C PHE D 488 -18.28 -28.16 -15.42
N HIS D 489 -19.08 -28.08 -14.35
CA HIS D 489 -19.46 -29.25 -13.57
C HIS D 489 -20.17 -30.31 -14.40
N VAL D 490 -20.87 -29.91 -15.45
CA VAL D 490 -21.65 -30.88 -16.21
C VAL D 490 -20.79 -31.55 -17.26
N SER D 491 -19.91 -30.76 -17.89
CA SER D 491 -19.04 -31.23 -18.93
C SER D 491 -17.83 -31.95 -18.38
N ASN D 492 -17.49 -31.73 -17.11
CA ASN D 492 -16.42 -32.48 -16.47
C ASN D 492 -16.95 -33.51 -15.46
N ASP D 493 -18.26 -33.81 -15.52
CA ASP D 493 -18.82 -34.98 -14.87
C ASP D 493 -18.70 -34.93 -13.35
N TYR D 494 -19.43 -34.02 -12.71
CA TYR D 494 -19.44 -33.76 -11.26
C TYR D 494 -20.86 -33.63 -10.75
N SER D 495 -21.23 -34.43 -9.76
CA SER D 495 -22.53 -34.27 -9.13
C SER D 495 -22.65 -32.86 -8.57
N PHE D 496 -23.85 -32.29 -8.67
CA PHE D 496 -24.08 -30.88 -8.43
C PHE D 496 -24.99 -30.55 -7.25
N ILE D 497 -25.88 -31.46 -6.82
CA ILE D 497 -26.75 -31.19 -5.67
C ILE D 497 -25.99 -30.93 -4.39
N ARG D 498 -24.70 -31.31 -4.36
CA ARG D 498 -23.89 -31.00 -3.20
C ARG D 498 -23.94 -29.51 -2.82
N TYR D 499 -24.06 -28.59 -3.78
CA TYR D 499 -24.01 -27.18 -3.41
C TYR D 499 -25.29 -26.76 -2.72
N TYR D 500 -26.40 -27.39 -3.11
CA TYR D 500 -27.66 -27.23 -2.38
C TYR D 500 -27.54 -27.70 -0.95
N THR D 501 -27.13 -28.96 -0.79
CA THR D 501 -27.08 -29.57 0.52
C THR D 501 -26.11 -28.86 1.45
N ARG D 502 -24.88 -28.61 0.97
CA ARG D 502 -23.88 -27.91 1.77
C ARG D 502 -24.42 -26.60 2.28
N THR D 503 -25.02 -25.82 1.36
CA THR D 503 -25.61 -24.54 1.75
C THR D 503 -26.55 -24.74 2.92
N LEU D 504 -27.46 -25.71 2.81
CA LEU D 504 -28.41 -25.92 3.90
C LEU D 504 -27.71 -26.36 5.19
N TYR D 505 -26.83 -27.37 5.07
CA TYR D 505 -26.15 -27.87 6.27
C TYR D 505 -25.51 -26.75 7.04
N GLN D 506 -24.90 -25.80 6.33
CA GLN D 506 -24.03 -24.88 7.05
C GLN D 506 -24.85 -23.99 7.97
N PHE D 507 -26.07 -23.66 7.57
CA PHE D 507 -26.88 -22.81 8.43
C PHE D 507 -27.51 -23.64 9.52
N GLN D 508 -27.71 -24.94 9.29
CA GLN D 508 -28.04 -25.81 10.43
C GLN D 508 -26.92 -25.80 11.47
N PHE D 509 -25.70 -26.03 11.02
CA PHE D 509 -24.55 -26.02 11.92
C PHE D 509 -24.47 -24.70 12.66
N GLN D 510 -24.49 -23.59 11.91
CA GLN D 510 -24.29 -22.28 12.51
C GLN D 510 -25.40 -21.96 13.51
N GLU D 511 -26.64 -22.22 13.15
CA GLU D 511 -27.71 -21.97 14.09
C GLU D 511 -27.47 -22.75 15.37
N ALA D 512 -27.10 -24.03 15.24
CA ALA D 512 -26.99 -24.88 16.42
C ALA D 512 -25.86 -24.42 17.33
N LEU D 513 -24.67 -24.27 16.77
CA LEU D 513 -23.51 -23.79 17.53
C LEU D 513 -23.77 -22.42 18.17
N CYS D 514 -24.43 -21.50 17.44
CA CYS D 514 -24.71 -20.18 18.00
C CYS D 514 -25.71 -20.27 19.14
N GLN D 515 -26.73 -21.10 18.98
CA GLN D 515 -27.59 -21.48 20.09
C GLN D 515 -26.75 -21.93 21.27
N ALA D 516 -25.80 -22.85 21.01
CA ALA D 516 -24.96 -23.43 22.03
C ALA D 516 -23.98 -22.41 22.59
N ALA D 517 -23.61 -21.43 21.79
CA ALA D 517 -22.82 -20.31 22.26
C ALA D 517 -23.70 -19.22 22.91
N LYS D 518 -24.94 -19.61 23.26
CA LYS D 518 -25.89 -18.75 23.97
C LYS D 518 -25.97 -17.37 23.32
N HIS D 519 -26.12 -17.36 21.99
CA HIS D 519 -25.99 -16.13 21.22
C HIS D 519 -27.31 -15.39 21.17
N GLU D 520 -27.34 -14.20 21.77
CA GLU D 520 -28.53 -13.38 21.71
C GLU D 520 -28.56 -12.58 20.42
N GLY D 521 -29.77 -12.30 19.95
CA GLY D 521 -29.98 -11.48 18.80
C GLY D 521 -30.25 -12.29 17.56
N PRO D 522 -30.10 -11.66 16.40
CA PRO D 522 -30.24 -12.38 15.14
C PRO D 522 -29.01 -13.20 14.84
N LEU D 523 -29.24 -14.30 14.13
CA LEU D 523 -28.21 -15.29 13.86
C LEU D 523 -27.05 -14.74 13.03
N HIS D 524 -27.30 -13.77 12.15
CA HIS D 524 -26.28 -13.47 11.15
C HIS D 524 -25.18 -12.62 11.76
N LYS D 525 -25.35 -12.20 13.02
CA LYS D 525 -24.37 -11.40 13.74
C LYS D 525 -23.52 -12.26 14.67
N CYS D 526 -23.79 -13.56 14.72
CA CYS D 526 -23.24 -14.44 15.74
C CYS D 526 -21.77 -14.72 15.53
N ASP D 527 -21.02 -14.74 16.64
CA ASP D 527 -19.60 -15.09 16.67
C ASP D 527 -19.41 -16.12 17.78
N ILE D 528 -19.02 -17.33 17.40
CA ILE D 528 -19.00 -18.43 18.37
C ILE D 528 -17.68 -18.48 19.10
N SER D 529 -16.85 -17.46 18.98
CA SER D 529 -15.55 -17.58 19.62
C SER D 529 -15.75 -17.79 21.10
N ASN D 530 -14.79 -18.51 21.69
CA ASN D 530 -14.73 -18.71 23.13
C ASN D 530 -15.75 -19.72 23.67
N SER D 531 -16.83 -19.98 22.94
CA SER D 531 -17.83 -20.94 23.44
C SER D 531 -17.32 -22.36 23.25
N THR D 532 -16.64 -22.88 24.29
CA THR D 532 -16.14 -24.23 24.20
C THR D 532 -17.26 -25.24 24.12
N GLU D 533 -18.44 -24.90 24.64
CA GLU D 533 -19.58 -25.79 24.48
C GLU D 533 -19.94 -25.95 23.00
N ALA D 534 -19.87 -24.85 22.24
CA ALA D 534 -20.06 -24.93 20.79
C ALA D 534 -18.95 -25.75 20.14
N GLY D 535 -17.72 -25.60 20.64
CA GLY D 535 -16.63 -26.37 20.12
C GLY D 535 -16.84 -27.85 20.33
N GLN D 536 -17.19 -28.24 21.56
CA GLN D 536 -17.48 -29.63 21.86
C GLN D 536 -18.56 -30.19 20.95
N LYS D 537 -19.65 -29.44 20.81
CA LYS D 537 -20.80 -29.87 20.03
C LYS D 537 -20.40 -30.12 18.59
N LEU D 538 -19.59 -29.21 18.01
CA LEU D 538 -19.06 -29.38 16.64
C LEU D 538 -18.11 -30.58 16.54
N PHE D 539 -17.18 -30.67 17.49
CA PHE D 539 -16.18 -31.74 17.47
C PHE D 539 -16.85 -33.11 17.53
N ASN D 540 -18.01 -33.20 18.18
CA ASN D 540 -18.74 -34.47 18.24
C ASN D 540 -19.07 -34.97 16.85
N MET D 541 -19.29 -34.06 15.90
CA MET D 541 -19.50 -34.51 14.53
C MET D 541 -18.19 -34.66 13.81
N LEU D 542 -17.28 -33.73 14.03
CA LEU D 542 -16.04 -33.76 13.27
C LEU D 542 -15.31 -35.08 13.48
N ARG D 543 -15.09 -35.45 14.74
CA ARG D 543 -14.33 -36.66 15.04
C ARG D 543 -14.92 -37.91 14.37
N LEU D 544 -16.15 -37.86 13.86
CA LEU D 544 -16.73 -39.08 13.34
C LEU D 544 -16.05 -39.53 12.07
N GLY D 545 -15.72 -38.62 11.17
CA GLY D 545 -15.32 -39.06 9.83
C GLY D 545 -16.59 -39.46 9.09
N LYS D 546 -16.55 -40.56 8.34
CA LYS D 546 -17.77 -41.11 7.78
C LYS D 546 -18.06 -42.53 8.28
N SER D 547 -17.68 -42.80 9.53
CA SER D 547 -17.83 -44.11 10.15
C SER D 547 -19.25 -44.33 10.65
N GLU D 548 -19.90 -43.28 11.03
CA GLU D 548 -21.31 -43.32 11.27
C GLU D 548 -22.04 -42.78 10.06
N PRO D 549 -23.34 -43.06 9.96
CA PRO D 549 -24.16 -42.46 8.89
C PRO D 549 -24.11 -40.94 8.95
N TRP D 550 -24.31 -40.29 7.80
CA TRP D 550 -24.31 -38.83 7.84
C TRP D 550 -25.47 -38.28 8.69
N THR D 551 -26.64 -38.92 8.64
CA THR D 551 -27.77 -38.47 9.46
C THR D 551 -27.40 -38.39 10.95
N LEU D 552 -26.67 -39.40 11.45
CA LEU D 552 -26.19 -39.39 12.83
C LEU D 552 -25.16 -38.28 13.07
N ALA D 553 -24.24 -38.10 12.11
CA ALA D 553 -23.31 -36.99 12.15
C ALA D 553 -24.03 -35.66 12.33
N LEU D 554 -25.08 -35.41 11.55
CA LEU D 554 -25.79 -34.14 11.63
C LEU D 554 -26.48 -33.98 12.99
N GLU D 555 -27.06 -35.07 13.49
CA GLU D 555 -27.76 -35.02 14.78
C GLU D 555 -26.80 -34.69 15.92
N ASN D 556 -25.55 -35.13 15.82
CA ASN D 556 -24.57 -34.81 16.87
C ASN D 556 -24.41 -33.31 17.07
N VAL D 557 -24.68 -32.52 16.05
CA VAL D 557 -24.52 -31.07 16.15
C VAL D 557 -25.85 -30.40 16.40
N VAL D 558 -26.82 -30.64 15.50
CA VAL D 558 -28.02 -29.81 15.46
C VAL D 558 -29.20 -30.41 16.23
N GLY D 559 -29.14 -31.69 16.59
CA GLY D 559 -30.27 -32.31 17.25
C GLY D 559 -31.38 -32.72 16.33
N ALA D 560 -31.07 -33.03 15.07
CA ALA D 560 -32.09 -33.54 14.18
C ALA D 560 -31.41 -34.36 13.10
N LYS D 561 -32.13 -35.36 12.61
CA LYS D 561 -31.56 -36.35 11.70
C LYS D 561 -31.69 -35.99 10.23
N ASN D 562 -32.32 -34.86 9.86
CA ASN D 562 -32.50 -34.59 8.44
C ASN D 562 -32.30 -33.11 8.11
N MET D 563 -31.99 -32.87 6.84
CA MET D 563 -31.78 -31.55 6.24
C MET D 563 -32.96 -30.62 6.52
N ASN D 564 -32.66 -29.31 6.61
CA ASN D 564 -33.68 -28.35 7.01
C ASN D 564 -33.33 -26.97 6.47
N VAL D 565 -34.34 -26.23 6.03
CA VAL D 565 -34.08 -24.89 5.40
C VAL D 565 -34.25 -23.83 6.46
N ARG D 566 -35.13 -24.06 7.43
CA ARG D 566 -35.42 -23.00 8.42
C ARG D 566 -34.13 -22.26 8.75
N PRO D 567 -33.08 -22.91 9.31
CA PRO D 567 -31.88 -22.19 9.65
C PRO D 567 -31.57 -21.13 8.59
N LEU D 568 -31.54 -21.54 7.32
CA LEU D 568 -31.24 -20.58 6.22
C LEU D 568 -32.26 -19.43 6.31
N LEU D 569 -33.54 -19.72 6.10
CA LEU D 569 -34.55 -18.67 6.14
C LEU D 569 -34.39 -17.81 7.38
N ASN D 570 -33.91 -18.40 8.45
CA ASN D 570 -33.82 -17.69 9.70
C ASN D 570 -32.63 -16.76 9.67
N TYR D 571 -31.57 -17.17 8.96
CA TYR D 571 -30.40 -16.31 8.77
C TYR D 571 -30.81 -15.04 8.05
N PHE D 572 -31.65 -15.20 7.03
CA PHE D 572 -32.01 -14.17 6.09
C PHE D 572 -33.31 -13.50 6.44
N GLU D 573 -33.86 -13.75 7.60
CA GLU D 573 -35.19 -13.18 7.84
C GLU D 573 -35.19 -11.66 7.85
N PRO D 574 -34.25 -10.95 8.48
CA PRO D 574 -34.20 -9.49 8.27
C PRO D 574 -34.32 -9.07 6.82
N LEU D 575 -33.51 -9.70 5.98
CA LEU D 575 -33.61 -9.44 4.55
C LEU D 575 -34.99 -9.81 4.01
N PHE D 576 -35.56 -10.93 4.50
CA PHE D 576 -36.87 -11.34 3.99
C PHE D 576 -37.91 -10.25 4.22
N THR D 577 -38.06 -9.81 5.48
CA THR D 577 -39.12 -8.87 5.77
C THR D 577 -38.87 -7.54 5.05
N TRP D 578 -37.59 -7.12 4.97
CA TRP D 578 -37.28 -5.86 4.28
C TRP D 578 -37.64 -5.97 2.81
N LEU D 579 -37.22 -7.05 2.14
CA LEU D 579 -37.62 -7.27 0.75
C LEU D 579 -39.12 -7.23 0.59
N LYS D 580 -39.83 -8.01 1.40
CA LYS D 580 -41.28 -8.03 1.27
C LYS D 580 -41.80 -6.61 1.28
N ASP D 581 -41.28 -5.79 2.19
CA ASP D 581 -41.67 -4.40 2.25
C ASP D 581 -41.35 -3.67 0.95
N GLN D 582 -40.12 -3.80 0.47
CA GLN D 582 -39.68 -3.05 -0.71
C GLN D 582 -40.55 -3.39 -1.90
N ASN D 583 -40.95 -4.65 -2.03
CA ASN D 583 -41.69 -5.10 -3.21
C ASN D 583 -43.18 -4.74 -3.17
N LYS D 584 -43.62 -3.92 -2.21
CA LYS D 584 -45.02 -3.53 -2.11
C LYS D 584 -45.57 -2.94 -3.40
N ASN D 585 -44.72 -2.31 -4.22
CA ASN D 585 -45.16 -1.72 -5.48
C ASN D 585 -44.58 -2.48 -6.67
N SER D 586 -44.29 -3.76 -6.49
CA SER D 586 -43.70 -4.57 -7.53
C SER D 586 -44.53 -5.82 -7.72
N PHE D 587 -44.53 -6.36 -8.92
CA PHE D 587 -45.02 -7.71 -9.09
C PHE D 587 -43.97 -8.70 -8.63
N VAL D 588 -44.39 -9.68 -7.84
CA VAL D 588 -43.51 -10.70 -7.32
C VAL D 588 -43.90 -12.01 -7.97
N GLY D 589 -43.01 -12.56 -8.79
CA GLY D 589 -43.32 -13.73 -9.57
C GLY D 589 -42.84 -13.54 -10.98
N TRP D 590 -43.21 -14.48 -11.85
CA TRP D 590 -42.87 -14.35 -13.26
C TRP D 590 -43.79 -15.19 -14.13
N SER D 591 -44.25 -14.62 -15.23
CA SER D 591 -44.88 -15.47 -16.23
C SER D 591 -43.81 -16.10 -17.10
N THR D 592 -44.08 -17.31 -17.56
CA THR D 592 -43.05 -18.14 -18.15
C THR D 592 -42.85 -17.92 -19.63
N ASP D 593 -43.51 -16.91 -20.23
CA ASP D 593 -43.51 -16.75 -21.68
C ASP D 593 -42.98 -15.41 -22.20
N TRP D 594 -42.95 -14.35 -21.40
CA TRP D 594 -42.22 -13.17 -21.84
C TRP D 594 -40.80 -13.53 -22.18
N SER D 595 -40.33 -13.11 -23.35
CA SER D 595 -38.95 -13.43 -23.65
C SER D 595 -38.38 -12.29 -24.47
N PRO D 596 -37.09 -11.97 -24.32
CA PRO D 596 -36.57 -10.78 -24.99
C PRO D 596 -36.70 -10.81 -26.52
N TYR D 597 -36.74 -12.00 -27.14
CA TYR D 597 -36.76 -12.10 -28.59
C TYR D 597 -38.18 -12.25 -29.16
N ALA D 598 -39.17 -12.49 -28.31
CA ALA D 598 -40.54 -12.63 -28.79
C ALA D 598 -41.24 -11.28 -28.77
#